data_6FGA
#
_entry.id   6FGA
#
_cell.length_a   103.835
_cell.length_b   95.871
_cell.length_c   235.097
_cell.angle_alpha   90.00
_cell.angle_beta   93.15
_cell.angle_gamma   90.00
#
_symmetry.space_group_name_H-M   'C 1 2 1'
#
loop_
_entity.id
_entity.type
_entity.pdbx_description
1 polymer 'E3 ubiquitin-protein ligase TRIM21'
2 polymer 'Ubiquitin-conjugating enzyme E2 E1'
3 non-polymer 'ZINC ION'
4 non-polymer GLYCEROL
5 water water
#
loop_
_entity_poly.entity_id
_entity_poly.type
_entity_poly.pdbx_seq_one_letter_code
_entity_poly.pdbx_strand_id
1 'polypeptide(L)'
;GSHMASAARLTMMWEEVTCPICLDPFVEPVSIECGHSFCQECISQVGKGGGSVCPVCRQRFLLKNLRPNRQLANMVNNLK
EISQEAREGTQGERCAVHGER
;
A,B,C,D,E,F,G,H
2 'polypeptide(L)'
;GSMSKNSKLLSTSAKRIQKELADITLDPPPNCSAGPKGDNIYEWRSTILGPPGSVYEGGVFFLDITFTPEYPFKPPKVTF
RTRIYHCNINSQGVICLDILKDNWSPALTISKVLLSICSLLTDCNPADPLVGSIATQYMTNRAEHDRMARQWTKRYAT
;
I,J,K,L,M,N,O
#
# COMPACT_ATOMS: atom_id res chain seq x y z
N LEU A 10 -0.37 -37.14 -4.97
CA LEU A 10 0.07 -36.89 -3.54
C LEU A 10 1.60 -36.91 -3.43
N THR A 11 2.31 -37.21 -4.51
CA THR A 11 3.79 -37.10 -4.58
C THR A 11 4.21 -35.64 -4.42
N MET A 12 3.45 -34.72 -5.04
CA MET A 12 3.70 -33.25 -4.99
C MET A 12 3.48 -32.72 -3.57
N MET A 13 2.60 -33.38 -2.80
CA MET A 13 2.29 -32.97 -1.41
C MET A 13 3.45 -33.37 -0.49
N TRP A 14 3.99 -34.58 -0.68
CA TRP A 14 5.20 -35.03 0.04
C TRP A 14 6.32 -34.04 -0.29
N GLU A 15 6.26 -33.52 -1.51
CA GLU A 15 7.21 -32.49 -1.98
C GLU A 15 7.29 -31.38 -0.95
N GLU A 16 6.17 -30.73 -0.68
CA GLU A 16 6.04 -29.56 0.23
C GLU A 16 6.36 -29.83 1.71
N VAL A 17 6.34 -31.08 2.20
CA VAL A 17 6.65 -31.38 3.63
C VAL A 17 8.06 -31.97 3.79
N THR A 18 8.86 -31.94 2.73
CA THR A 18 10.25 -32.48 2.74
C THR A 18 11.24 -31.38 3.13
N CYS A 19 12.19 -31.72 3.99
CA CYS A 19 13.28 -30.81 4.42
C CYS A 19 14.36 -30.78 3.34
N PRO A 20 14.78 -29.59 2.84
CA PRO A 20 15.82 -29.52 1.81
C PRO A 20 17.18 -30.14 2.18
N ILE A 21 17.52 -30.15 3.47
CA ILE A 21 18.86 -30.58 3.98
C ILE A 21 18.91 -32.11 4.11
N CYS A 22 17.92 -32.78 4.69
CA CYS A 22 17.98 -34.25 4.85
C CYS A 22 17.17 -34.96 3.77
N LEU A 23 16.26 -34.25 3.11
CA LEU A 23 15.38 -34.75 2.01
C LEU A 23 14.36 -35.76 2.57
N ASP A 24 14.12 -35.75 3.88
CA ASP A 24 13.11 -36.59 4.56
C ASP A 24 12.02 -35.68 5.08
N PRO A 25 10.81 -36.21 5.39
CA PRO A 25 9.74 -35.37 5.93
C PRO A 25 10.19 -34.62 7.18
N PHE A 26 9.73 -33.38 7.32
CA PHE A 26 10.11 -32.43 8.40
C PHE A 26 9.99 -33.08 9.79
N VAL A 27 10.94 -32.73 10.66
CA VAL A 27 10.99 -33.15 12.08
C VAL A 27 11.27 -31.89 12.89
N GLU A 28 10.28 -31.43 13.66
CA GLU A 28 10.30 -30.11 14.34
C GLU A 28 10.57 -29.02 13.30
N PRO A 29 9.67 -28.86 12.30
CA PRO A 29 9.87 -27.84 11.28
C PRO A 29 9.90 -26.43 11.88
N VAL A 30 11.00 -25.71 11.62
CA VAL A 30 11.21 -24.31 12.08
C VAL A 30 11.64 -23.47 10.88
N SER A 31 11.27 -22.18 10.89
CA SER A 31 11.56 -21.23 9.79
C SER A 31 12.65 -20.26 10.23
N ILE A 32 13.35 -19.67 9.24
CA ILE A 32 14.42 -18.66 9.45
C ILE A 32 14.03 -17.37 8.73
N GLU A 33 14.79 -16.30 8.94
CA GLU A 33 14.44 -14.90 8.58
C GLU A 33 13.81 -14.84 7.19
N CYS A 34 14.33 -15.58 6.21
CA CYS A 34 13.91 -15.48 4.79
C CYS A 34 12.56 -16.17 4.56
N GLY A 35 12.15 -17.05 5.48
CA GLY A 35 10.86 -17.74 5.45
C GLY A 35 11.00 -19.22 5.14
N HIS A 36 12.17 -19.65 4.69
CA HIS A 36 12.42 -21.07 4.33
C HIS A 36 12.41 -21.91 5.60
N SER A 37 11.86 -23.12 5.51
CA SER A 37 11.67 -24.03 6.66
C SER A 37 12.57 -25.25 6.52
N PHE A 38 13.06 -25.75 7.66
CA PHE A 38 13.98 -26.92 7.77
C PHE A 38 13.69 -27.64 9.09
N CYS A 39 14.19 -28.87 9.24
CA CYS A 39 14.16 -29.59 10.54
C CYS A 39 14.99 -28.82 11.55
N GLN A 40 14.55 -28.80 12.81
CA GLN A 40 15.26 -28.08 13.89
C GLN A 40 16.72 -28.54 13.93
N GLU A 41 16.95 -29.86 13.84
CA GLU A 41 18.29 -30.49 13.92
C GLU A 41 19.12 -30.14 12.67
N CYS A 42 18.50 -30.10 11.48
CA CYS A 42 19.20 -29.87 10.20
C CYS A 42 19.75 -28.44 10.17
N ILE A 43 18.90 -27.46 10.44
CA ILE A 43 19.29 -26.02 10.36
C ILE A 43 20.20 -25.67 11.55
N SER A 44 20.07 -26.38 12.67
CA SER A 44 20.90 -26.16 13.89
C SER A 44 22.33 -26.62 13.60
N GLN A 45 22.50 -27.75 12.90
CA GLN A 45 23.82 -28.27 12.45
C GLN A 45 24.51 -27.23 11.57
N VAL A 46 23.76 -26.55 10.70
CA VAL A 46 24.27 -25.50 9.77
C VAL A 46 24.60 -24.23 10.59
N GLY A 47 23.85 -23.99 11.68
CA GLY A 47 24.05 -22.84 12.57
C GLY A 47 25.34 -22.87 13.37
N LYS A 48 26.05 -24.00 13.40
CA LYS A 48 27.33 -24.10 14.16
C LYS A 48 28.52 -23.75 13.26
N GLY A 49 28.29 -23.36 12.00
CA GLY A 49 29.35 -23.04 11.02
C GLY A 49 29.47 -21.55 10.74
N GLY A 50 30.02 -20.78 11.68
CA GLY A 50 30.35 -19.34 11.57
C GLY A 50 29.24 -18.54 10.91
N GLY A 51 29.53 -17.92 9.76
CA GLY A 51 28.55 -17.15 8.97
C GLY A 51 27.46 -18.07 8.45
N SER A 52 26.38 -18.23 9.23
CA SER A 52 25.25 -19.12 8.91
C SER A 52 24.38 -18.44 7.83
N VAL A 53 24.17 -19.13 6.71
CA VAL A 53 23.43 -18.59 5.52
C VAL A 53 22.48 -19.67 5.00
N CYS A 54 21.29 -19.27 4.53
CA CYS A 54 20.20 -20.21 4.14
C CYS A 54 20.63 -21.15 3.01
N PRO A 55 20.52 -22.49 3.20
CA PRO A 55 20.84 -23.42 2.12
C PRO A 55 20.01 -23.23 0.83
N VAL A 56 18.83 -22.60 0.90
CA VAL A 56 17.96 -22.38 -0.30
C VAL A 56 18.32 -21.06 -1.00
N CYS A 57 18.21 -19.92 -0.32
CA CYS A 57 18.34 -18.59 -0.99
C CYS A 57 19.64 -17.86 -0.60
N ARG A 58 20.42 -18.44 0.31
CA ARG A 58 21.72 -17.86 0.71
C ARG A 58 21.51 -16.51 1.39
N GLN A 59 20.35 -16.27 1.99
CA GLN A 59 20.13 -15.06 2.80
C GLN A 59 20.64 -15.39 4.19
N ARG A 60 21.23 -14.41 4.86
CA ARG A 60 21.84 -14.55 6.22
C ARG A 60 20.77 -14.87 7.29
N PHE A 61 21.09 -15.77 8.23
CA PHE A 61 20.13 -16.18 9.29
C PHE A 61 20.82 -16.42 10.65
N LEU A 62 20.05 -16.17 11.73
CA LEU A 62 20.43 -16.46 13.14
C LEU A 62 19.59 -17.63 13.65
N LEU A 63 20.09 -18.35 14.65
CA LEU A 63 19.32 -19.43 15.30
C LEU A 63 18.35 -18.83 16.33
N LYS A 64 18.72 -17.70 16.97
CA LYS A 64 17.85 -17.03 17.98
C LYS A 64 16.48 -16.76 17.36
N ASN A 65 16.51 -16.36 16.08
CA ASN A 65 15.30 -16.03 15.31
C ASN A 65 14.82 -17.29 14.61
N LEU A 66 14.41 -18.31 15.36
CA LEU A 66 13.73 -19.51 14.80
C LEU A 66 12.26 -19.48 15.23
N ARG A 67 11.37 -19.95 14.35
CA ARG A 67 9.90 -19.98 14.59
C ARG A 67 9.33 -21.36 14.29
N PRO A 68 8.52 -21.93 15.20
CA PRO A 68 7.90 -23.23 14.91
C PRO A 68 6.87 -23.13 13.77
N ASN A 69 6.91 -24.06 12.83
CA ASN A 69 5.96 -24.11 11.70
C ASN A 69 5.04 -25.30 11.95
N ARG A 70 4.18 -25.19 12.97
CA ARG A 70 3.33 -26.33 13.38
C ARG A 70 2.55 -26.87 12.17
N GLN A 71 1.94 -25.99 11.39
CA GLN A 71 1.05 -26.37 10.26
C GLN A 71 1.70 -27.52 9.47
N LEU A 72 3.02 -27.44 9.24
CA LEU A 72 3.77 -28.43 8.44
C LEU A 72 3.90 -29.76 9.21
N ALA A 73 4.17 -29.72 10.52
CA ALA A 73 4.32 -30.93 11.36
C ALA A 73 3.01 -31.70 11.37
N ASN A 74 1.90 -30.97 11.46
CA ASN A 74 0.53 -31.55 11.41
C ASN A 74 0.30 -32.17 10.03
N MET A 75 0.77 -31.52 8.97
CA MET A 75 0.61 -32.02 7.58
C MET A 75 1.43 -33.31 7.38
N VAL A 76 2.58 -33.44 8.03
CA VAL A 76 3.46 -34.66 7.93
C VAL A 76 2.66 -35.85 8.49
N ASN A 77 1.97 -35.66 9.61
CA ASN A 77 1.13 -36.71 10.27
C ASN A 77 -0.06 -37.05 9.36
N ASN A 78 -0.68 -36.04 8.75
CA ASN A 78 -1.85 -36.21 7.84
C ASN A 78 -1.45 -37.06 6.62
N LEU A 79 -0.24 -36.85 6.08
CA LEU A 79 0.24 -37.62 4.91
C LEU A 79 0.71 -39.02 5.31
N LYS A 80 1.24 -39.18 6.53
CA LYS A 80 1.69 -40.51 7.06
C LYS A 80 0.49 -41.43 7.25
N GLU A 81 -0.63 -40.91 7.75
CA GLU A 81 -1.90 -41.68 7.93
C GLU A 81 -2.38 -42.21 6.57
N ILE A 82 -2.21 -41.44 5.49
CA ILE A 82 -2.67 -41.81 4.12
C ILE A 82 -1.73 -42.87 3.53
N SER A 83 -0.41 -42.78 3.78
CA SER A 83 0.61 -43.75 3.26
C SER A 83 0.38 -45.18 3.80
N GLN A 84 -0.25 -45.31 4.97
CA GLN A 84 -0.62 -46.62 5.57
C GLN A 84 -1.41 -47.45 4.54
N GLU A 85 -2.29 -46.77 3.79
CA GLU A 85 -3.18 -47.36 2.75
C GLU A 85 -2.33 -47.94 1.61
N ARG B 9 -9.60 56.73 -45.94
CA ARG B 9 -9.39 56.38 -44.50
C ARG B 9 -9.83 54.93 -44.28
N LEU B 10 -11.11 54.64 -44.51
CA LEU B 10 -11.74 53.30 -44.29
C LEU B 10 -11.41 52.36 -45.45
N THR B 11 -10.76 52.87 -46.51
CA THR B 11 -10.34 52.10 -47.71
C THR B 11 -9.29 51.05 -47.33
N MET B 12 -8.32 51.44 -46.50
CA MET B 12 -7.22 50.52 -46.07
C MET B 12 -7.74 49.50 -45.06
N MET B 13 -8.86 49.80 -44.38
CA MET B 13 -9.47 48.83 -43.45
C MET B 13 -10.11 47.71 -44.29
N TRP B 14 -10.77 48.08 -45.38
CA TRP B 14 -11.35 47.08 -46.33
C TRP B 14 -10.24 46.19 -46.91
N GLU B 15 -9.06 46.76 -47.18
CA GLU B 15 -7.91 46.01 -47.76
C GLU B 15 -7.47 44.90 -46.78
N GLU B 16 -7.49 45.17 -45.48
CA GLU B 16 -7.03 44.18 -44.47
C GLU B 16 -8.05 43.06 -44.30
N VAL B 17 -9.31 43.25 -44.71
CA VAL B 17 -10.36 42.18 -44.59
C VAL B 17 -10.63 41.56 -45.96
N THR B 18 -9.80 41.87 -46.96
CA THR B 18 -9.95 41.31 -48.32
C THR B 18 -9.13 40.02 -48.48
N CYS B 19 -9.73 39.00 -49.10
CA CYS B 19 -9.09 37.69 -49.38
C CYS B 19 -8.22 37.83 -50.62
N PRO B 20 -6.91 37.47 -50.57
CA PRO B 20 -6.01 37.62 -51.73
C PRO B 20 -6.41 36.84 -52.98
N ILE B 21 -7.12 35.73 -52.80
CA ILE B 21 -7.54 34.81 -53.90
C ILE B 21 -8.76 35.36 -54.64
N CYS B 22 -9.84 35.78 -53.98
CA CYS B 22 -11.06 36.24 -54.69
C CYS B 22 -11.12 37.77 -54.74
N LEU B 23 -10.34 38.45 -53.89
CA LEU B 23 -10.28 39.94 -53.77
C LEU B 23 -11.61 40.52 -53.26
N ASP B 24 -12.43 39.70 -52.60
CA ASP B 24 -13.68 40.13 -51.93
C ASP B 24 -13.48 40.00 -50.43
N PRO B 25 -14.26 40.72 -49.59
CA PRO B 25 -14.17 40.57 -48.13
C PRO B 25 -14.32 39.11 -47.66
N PHE B 26 -13.52 38.72 -46.66
CA PHE B 26 -13.36 37.32 -46.19
C PHE B 26 -14.69 36.62 -45.90
N VAL B 27 -14.76 35.33 -46.22
CA VAL B 27 -15.93 34.46 -45.94
C VAL B 27 -15.40 33.19 -45.30
N GLU B 28 -15.66 33.00 -44.01
CA GLU B 28 -15.07 31.89 -43.21
C GLU B 28 -13.56 32.07 -43.23
N PRO B 29 -13.01 33.23 -42.81
CA PRO B 29 -11.56 33.43 -42.82
C PRO B 29 -10.82 32.41 -41.96
N VAL B 30 -9.90 31.70 -42.59
CA VAL B 30 -9.06 30.66 -41.93
C VAL B 30 -7.62 30.93 -42.28
N SER B 31 -6.72 30.61 -41.37
CA SER B 31 -5.26 30.76 -41.58
C SER B 31 -4.62 29.41 -41.87
N ILE B 32 -3.45 29.45 -42.50
CA ILE B 32 -2.62 28.25 -42.79
C ILE B 32 -1.26 28.44 -42.11
N GLU B 33 -0.45 27.39 -42.10
CA GLU B 33 0.77 27.25 -41.26
C GLU B 33 1.61 28.53 -41.30
N CYS B 34 1.65 29.22 -42.43
CA CYS B 34 2.52 30.41 -42.61
C CYS B 34 1.94 31.64 -41.91
N GLY B 35 0.64 31.64 -41.61
CA GLY B 35 -0.05 32.75 -40.91
C GLY B 35 -0.96 33.57 -41.81
N HIS B 36 -0.83 33.43 -43.12
CA HIS B 36 -1.68 34.13 -44.11
C HIS B 36 -3.09 33.55 -44.03
N SER B 37 -4.08 34.44 -44.17
CA SER B 37 -5.51 34.10 -44.05
C SER B 37 -6.21 34.27 -45.40
N PHE B 38 -7.23 33.44 -45.63
CA PHE B 38 -8.01 33.31 -46.90
C PHE B 38 -9.42 32.83 -46.55
N CYS B 39 -10.36 32.92 -47.49
CA CYS B 39 -11.70 32.29 -47.34
C CYS B 39 -11.53 30.76 -47.29
N GLN B 40 -12.31 30.07 -46.46
CA GLN B 40 -12.20 28.60 -46.34
C GLN B 40 -12.41 28.00 -47.73
N GLU B 41 -13.34 28.54 -48.52
CA GLU B 41 -13.63 28.05 -49.89
C GLU B 41 -12.41 28.23 -50.78
N CYS B 42 -11.90 29.45 -50.82
CA CYS B 42 -10.80 29.85 -51.71
C CYS B 42 -9.55 28.97 -51.45
N ILE B 43 -9.11 28.82 -50.20
CA ILE B 43 -7.87 28.06 -49.88
C ILE B 43 -8.13 26.56 -50.01
N SER B 44 -9.35 26.06 -49.85
CA SER B 44 -9.65 24.60 -50.04
C SER B 44 -9.52 24.23 -51.51
N GLN B 45 -9.78 25.17 -52.43
CA GLN B 45 -9.61 24.99 -53.90
C GLN B 45 -8.12 24.81 -54.21
N VAL B 46 -7.27 25.58 -53.52
CA VAL B 46 -5.79 25.55 -53.71
C VAL B 46 -5.27 24.18 -53.21
N GLY B 47 -5.85 23.65 -52.14
CA GLY B 47 -5.47 22.34 -51.55
C GLY B 47 -5.87 21.15 -52.42
N LYS B 48 -7.10 21.17 -52.95
CA LYS B 48 -7.69 20.07 -53.76
C LYS B 48 -6.90 19.84 -55.05
N GLY B 49 -7.00 20.75 -56.03
CA GLY B 49 -6.42 20.59 -57.39
C GLY B 49 -5.05 21.21 -57.52
N GLY B 50 -4.25 21.23 -56.45
CA GLY B 50 -2.89 21.81 -56.45
C GLY B 50 -2.08 21.33 -55.26
N GLY B 51 -0.76 21.20 -55.44
CA GLY B 51 0.19 20.61 -54.46
C GLY B 51 0.06 21.19 -53.06
N SER B 52 -0.61 22.34 -52.93
CA SER B 52 -0.95 23.04 -51.66
C SER B 52 0.27 23.82 -51.14
N VAL B 53 0.49 24.99 -51.74
CA VAL B 53 1.53 25.98 -51.32
C VAL B 53 0.86 27.35 -51.17
N CYS B 54 1.21 28.12 -50.13
CA CYS B 54 0.57 29.44 -49.83
C CYS B 54 0.65 30.40 -51.02
N PRO B 55 -0.50 30.92 -51.52
CA PRO B 55 -0.47 31.90 -52.62
C PRO B 55 0.43 33.12 -52.41
N VAL B 56 0.62 33.52 -51.14
CA VAL B 56 1.33 34.80 -50.81
C VAL B 56 2.83 34.56 -50.68
N CYS B 57 3.25 33.68 -49.77
CA CYS B 57 4.67 33.49 -49.44
C CYS B 57 5.16 32.13 -49.94
N ARG B 58 4.25 31.28 -50.41
CA ARG B 58 4.59 29.97 -51.03
C ARG B 58 5.18 29.00 -50.02
N GLN B 59 4.87 29.14 -48.74
CA GLN B 59 5.26 28.13 -47.75
C GLN B 59 4.26 27.01 -47.90
N ARG B 60 4.72 25.78 -47.86
CA ARG B 60 3.76 24.68 -48.02
C ARG B 60 2.72 24.75 -46.92
N PHE B 61 1.59 24.10 -47.13
CA PHE B 61 0.54 24.00 -46.11
C PHE B 61 -0.29 22.75 -46.34
N LEU B 62 -0.93 22.27 -45.27
CA LEU B 62 -1.84 21.10 -45.33
C LEU B 62 -3.24 21.56 -44.89
N LEU B 63 -4.26 20.99 -45.54
CA LEU B 63 -5.68 21.41 -45.37
C LEU B 63 -6.19 20.94 -44.01
N LYS B 64 -5.61 19.88 -43.43
CA LYS B 64 -5.95 19.41 -42.06
C LYS B 64 -5.65 20.52 -41.04
N ASN B 65 -4.57 21.29 -41.23
CA ASN B 65 -4.10 22.32 -40.29
C ASN B 65 -4.65 23.70 -40.70
N LEU B 66 -5.97 23.88 -40.63
CA LEU B 66 -6.62 25.19 -40.85
C LEU B 66 -7.16 25.70 -39.51
N ARG B 67 -7.09 27.01 -39.29
CA ARG B 67 -7.55 27.63 -38.02
C ARG B 67 -8.50 28.78 -38.30
N PRO B 68 -9.67 28.86 -37.62
CA PRO B 68 -10.55 30.01 -37.81
C PRO B 68 -9.89 31.31 -37.33
N ASN B 69 -10.02 32.36 -38.13
CA ASN B 69 -9.54 33.71 -37.77
C ASN B 69 -10.79 34.54 -37.45
N ARG B 70 -11.43 34.25 -36.33
CA ARG B 70 -12.72 34.90 -36.03
C ARG B 70 -12.57 36.41 -36.07
N GLN B 71 -11.56 36.95 -35.42
CA GLN B 71 -11.40 38.42 -35.30
C GLN B 71 -11.73 39.10 -36.64
N LEU B 72 -11.26 38.51 -37.74
CA LEU B 72 -11.47 39.06 -39.11
C LEU B 72 -12.94 38.92 -39.54
N ALA B 73 -13.59 37.79 -39.25
CA ALA B 73 -15.00 37.55 -39.64
C ALA B 73 -15.87 38.61 -38.97
N ASN B 74 -15.58 38.88 -37.70
CA ASN B 74 -16.30 39.87 -36.88
C ASN B 74 -16.06 41.25 -37.48
N MET B 75 -14.83 41.52 -37.94
CA MET B 75 -14.47 42.82 -38.54
C MET B 75 -15.20 43.04 -39.87
N VAL B 76 -15.44 41.97 -40.64
CA VAL B 76 -16.14 42.09 -41.95
C VAL B 76 -17.59 42.55 -41.69
N ASN B 77 -18.23 41.99 -40.67
CA ASN B 77 -19.62 42.36 -40.26
C ASN B 77 -19.64 43.81 -39.79
N ASN B 78 -18.63 44.22 -39.01
CA ASN B 78 -18.50 45.59 -38.46
C ASN B 78 -18.39 46.61 -39.60
N LEU B 79 -17.63 46.31 -40.66
CA LEU B 79 -17.44 47.24 -41.81
C LEU B 79 -18.69 47.24 -42.73
N LYS B 80 -19.38 46.10 -42.85
CA LYS B 80 -20.63 46.00 -43.67
C LYS B 80 -21.77 46.83 -43.06
N GLU B 81 -21.89 46.83 -41.73
CA GLU B 81 -22.94 47.59 -41.03
C GLU B 81 -22.70 49.09 -41.21
N ILE B 82 -21.44 49.54 -41.33
CA ILE B 82 -21.11 50.97 -41.56
C ILE B 82 -21.47 51.37 -43.00
N SER B 83 -21.23 50.50 -43.99
CA SER B 83 -21.52 50.78 -45.42
C SER B 83 -23.03 51.04 -45.65
N GLN B 84 -23.91 50.54 -44.78
CA GLN B 84 -25.38 50.79 -44.87
C GLN B 84 -25.69 52.23 -44.44
N ALA C 7 -16.89 58.34 -34.78
CA ALA C 7 -18.19 57.64 -34.56
C ALA C 7 -18.33 57.17 -33.10
N ALA C 8 -19.46 56.55 -32.75
CA ALA C 8 -19.73 55.98 -31.41
C ALA C 8 -19.46 54.47 -31.41
N ARG C 9 -19.50 53.86 -32.59
CA ARG C 9 -19.48 52.38 -32.77
C ARG C 9 -18.08 51.90 -33.18
N LEU C 10 -17.03 52.71 -32.97
CA LEU C 10 -15.63 52.27 -33.17
C LEU C 10 -15.10 51.62 -31.89
N THR C 11 -15.87 51.65 -30.80
CA THR C 11 -15.51 50.98 -29.51
C THR C 11 -15.42 49.46 -29.72
N MET C 12 -16.31 48.90 -30.52
CA MET C 12 -16.33 47.44 -30.79
C MET C 12 -15.07 47.12 -31.59
N MET C 13 -14.77 47.94 -32.58
CA MET C 13 -13.64 47.69 -33.48
C MET C 13 -12.39 47.55 -32.61
N TRP C 14 -12.25 48.40 -31.59
CA TRP C 14 -11.14 48.28 -30.62
C TRP C 14 -11.22 46.92 -29.91
N GLU C 15 -12.44 46.42 -29.63
CA GLU C 15 -12.65 45.11 -28.94
C GLU C 15 -12.08 43.95 -29.76
N GLU C 16 -12.20 44.00 -31.09
CA GLU C 16 -11.69 42.96 -32.03
C GLU C 16 -10.16 42.93 -32.06
N VAL C 17 -9.49 44.06 -31.75
CA VAL C 17 -8.00 44.13 -31.78
C VAL C 17 -7.42 44.11 -30.36
N THR C 18 -8.23 43.82 -29.33
CA THR C 18 -7.76 43.81 -27.93
C THR C 18 -7.31 42.39 -27.54
N CYS C 19 -6.17 42.30 -26.86
CA CYS C 19 -5.62 41.03 -26.34
C CYS C 19 -6.37 40.68 -25.06
N PRO C 20 -6.97 39.48 -24.96
CA PRO C 20 -7.70 39.11 -23.75
C PRO C 20 -6.86 39.08 -22.46
N ILE C 21 -5.54 38.85 -22.58
CA ILE C 21 -4.62 38.68 -21.41
C ILE C 21 -4.16 40.05 -20.86
N CYS C 22 -3.76 41.02 -21.68
CA CYS C 22 -3.25 42.31 -21.16
C CYS C 22 -4.32 43.40 -21.29
N LEU C 23 -5.35 43.15 -22.11
CA LEU C 23 -6.51 44.06 -22.38
C LEU C 23 -6.04 45.33 -23.12
N ASP C 24 -4.89 45.27 -23.79
CA ASP C 24 -4.36 46.37 -24.63
C ASP C 24 -4.42 45.91 -26.08
N PRO C 25 -4.41 46.86 -27.06
CA PRO C 25 -4.33 46.48 -28.48
C PRO C 25 -3.12 45.59 -28.76
N PHE C 26 -3.31 44.59 -29.64
CA PHE C 26 -2.36 43.49 -29.90
C PHE C 26 -0.95 44.02 -30.21
N VAL C 27 0.02 43.25 -29.75
CA VAL C 27 1.47 43.46 -29.98
C VAL C 27 1.92 42.10 -30.47
N GLU C 28 2.28 42.00 -31.74
CA GLU C 28 2.72 40.72 -32.36
C GLU C 28 1.64 39.68 -32.15
N PRO C 29 0.43 39.98 -32.66
CA PRO C 29 -0.71 39.08 -32.58
C PRO C 29 -0.45 37.73 -33.22
N VAL C 30 -0.57 36.69 -32.43
CA VAL C 30 -0.35 35.30 -32.89
C VAL C 30 -1.55 34.47 -32.51
N SER C 31 -1.82 33.41 -33.25
CA SER C 31 -2.97 32.53 -32.95
C SER C 31 -2.46 31.20 -32.40
N ILE C 32 -3.34 30.50 -31.71
CA ILE C 32 -3.09 29.12 -31.21
C ILE C 32 -4.14 28.19 -31.81
N GLU C 33 -3.92 26.89 -31.60
CA GLU C 33 -4.73 25.75 -32.13
C GLU C 33 -6.22 26.10 -32.26
N CYS C 34 -6.83 26.69 -31.25
CA CYS C 34 -8.30 26.90 -31.20
C CYS C 34 -8.73 28.05 -32.12
N GLY C 35 -7.80 28.94 -32.50
CA GLY C 35 -8.09 30.08 -33.39
C GLY C 35 -8.14 31.41 -32.65
N HIS C 36 -8.14 31.38 -31.31
CA HIS C 36 -8.05 32.62 -30.50
C HIS C 36 -6.63 33.19 -30.66
N SER C 37 -6.56 34.50 -30.73
CA SER C 37 -5.31 35.27 -30.93
C SER C 37 -4.94 36.06 -29.65
N PHE C 38 -3.64 36.28 -29.46
CA PHE C 38 -3.03 36.92 -28.26
C PHE C 38 -1.73 37.65 -28.65
N CYS C 39 -1.20 38.49 -27.76
CA CYS C 39 0.16 39.05 -27.95
C CYS C 39 1.17 37.90 -27.81
N GLN C 40 2.24 37.92 -28.59
CA GLN C 40 3.24 36.83 -28.52
C GLN C 40 3.74 36.69 -27.10
N GLU C 41 4.09 37.81 -26.46
CA GLU C 41 4.65 37.83 -25.09
C GLU C 41 3.62 37.32 -24.08
N CYS C 42 2.34 37.68 -24.24
CA CYS C 42 1.27 37.31 -23.29
C CYS C 42 1.07 35.79 -23.31
N ILE C 43 0.90 35.20 -24.49
CA ILE C 43 0.60 33.74 -24.59
C ILE C 43 1.86 32.90 -24.32
N SER C 44 3.07 33.41 -24.54
CA SER C 44 4.31 32.65 -24.25
C SER C 44 4.49 32.50 -22.73
N GLN C 45 3.98 33.46 -21.95
CA GLN C 45 4.01 33.41 -20.47
C GLN C 45 3.06 32.32 -19.96
N VAL C 46 1.93 32.11 -20.64
CA VAL C 46 0.92 31.06 -20.29
C VAL C 46 1.55 29.67 -20.52
N GLY C 47 2.21 29.48 -21.67
CA GLY C 47 2.86 28.22 -22.06
C GLY C 47 4.10 27.96 -21.24
N LYS C 48 4.61 29.00 -20.59
CA LYS C 48 5.76 28.85 -19.70
C LYS C 48 5.22 28.42 -18.34
N GLY C 49 4.54 29.32 -17.64
CA GLY C 49 4.18 29.14 -16.23
C GLY C 49 2.91 28.32 -16.03
N GLY C 50 2.56 27.41 -16.95
CA GLY C 50 1.29 26.67 -16.85
C GLY C 50 1.21 25.42 -17.72
N GLY C 51 0.02 24.79 -17.70
CA GLY C 51 -0.25 23.54 -18.43
C GLY C 51 -0.43 23.75 -19.93
N SER C 52 -0.57 25.01 -20.37
CA SER C 52 -0.73 25.39 -21.80
C SER C 52 -2.19 25.15 -22.20
N VAL C 53 -3.10 25.94 -21.67
CA VAL C 53 -4.53 25.89 -22.06
C VAL C 53 -4.96 27.30 -22.46
N CYS C 54 -5.96 27.39 -23.33
CA CYS C 54 -6.40 28.68 -23.90
C CYS C 54 -7.13 29.47 -22.84
N PRO C 55 -6.67 30.70 -22.54
CA PRO C 55 -7.38 31.57 -21.59
C PRO C 55 -8.88 31.78 -21.91
N VAL C 56 -9.28 31.70 -23.18
CA VAL C 56 -10.67 32.00 -23.61
C VAL C 56 -11.55 30.74 -23.56
N CYS C 57 -11.17 29.68 -24.27
CA CYS C 57 -12.05 28.50 -24.46
C CYS C 57 -11.51 27.28 -23.71
N ARG C 58 -10.33 27.41 -23.11
CA ARG C 58 -9.72 26.34 -22.27
C ARG C 58 -9.42 25.12 -23.14
N GLN C 59 -9.10 25.34 -24.40
CA GLN C 59 -8.66 24.24 -25.28
C GLN C 59 -7.14 24.19 -25.15
N ARG C 60 -6.59 23.00 -25.21
CA ARG C 60 -5.13 22.87 -25.03
C ARG C 60 -4.40 23.46 -26.23
N PHE C 61 -3.20 23.97 -25.98
CA PHE C 61 -2.33 24.51 -27.05
C PHE C 61 -0.89 24.13 -26.77
N LEU C 62 -0.06 24.10 -27.82
CA LEU C 62 1.41 23.84 -27.75
C LEU C 62 2.14 25.06 -28.32
N LEU C 63 3.23 25.45 -27.68
CA LEU C 63 3.98 26.71 -27.98
C LEU C 63 4.50 26.67 -29.43
N LYS C 64 5.02 25.51 -29.84
CA LYS C 64 5.63 25.27 -31.18
C LYS C 64 4.61 25.53 -32.30
N ASN C 65 3.31 25.38 -32.02
CA ASN C 65 2.23 25.58 -33.03
C ASN C 65 1.63 26.99 -32.90
N LEU C 66 2.37 28.01 -33.34
CA LEU C 66 1.85 29.39 -33.38
C LEU C 66 1.71 29.85 -34.83
N ARG C 67 0.95 30.91 -35.06
CA ARG C 67 0.91 31.56 -36.40
C ARG C 67 0.77 33.06 -36.24
N PRO C 68 1.59 33.90 -36.91
CA PRO C 68 1.36 35.34 -36.90
C PRO C 68 0.02 35.70 -37.58
N ASN C 69 -0.71 36.62 -36.95
CA ASN C 69 -2.02 37.12 -37.45
C ASN C 69 -1.78 38.52 -38.01
N ARG C 70 -1.14 38.63 -39.16
CA ARG C 70 -0.59 39.90 -39.71
C ARG C 70 -1.72 40.91 -39.96
N GLN C 71 -2.90 40.45 -40.34
CA GLN C 71 -4.07 41.33 -40.65
C GLN C 71 -4.46 42.14 -39.40
N LEU C 72 -4.38 41.55 -38.21
CA LEU C 72 -4.75 42.23 -36.95
C LEU C 72 -3.73 43.32 -36.61
N ALA C 73 -2.44 43.07 -36.78
CA ALA C 73 -1.37 44.05 -36.49
C ALA C 73 -1.55 45.28 -37.37
N ASN C 74 -1.89 45.06 -38.64
CA ASN C 74 -2.16 46.13 -39.63
C ASN C 74 -3.40 46.92 -39.18
N MET C 75 -4.42 46.22 -38.66
CA MET C 75 -5.68 46.85 -38.18
C MET C 75 -5.42 47.75 -36.96
N VAL C 76 -4.49 47.35 -36.09
CA VAL C 76 -4.13 48.14 -34.87
C VAL C 76 -3.59 49.50 -35.33
N ASN C 77 -2.72 49.51 -36.34
CA ASN C 77 -2.12 50.76 -36.91
C ASN C 77 -3.22 51.61 -37.55
N ASN C 78 -4.15 50.98 -38.26
CA ASN C 78 -5.27 51.66 -38.96
C ASN C 78 -6.18 52.38 -37.93
N LEU C 79 -6.44 51.77 -36.78
CA LEU C 79 -7.30 52.38 -35.72
C LEU C 79 -6.54 53.46 -34.94
N LYS C 80 -5.21 53.29 -34.76
CA LYS C 80 -4.34 54.30 -34.08
C LYS C 80 -4.27 55.60 -34.89
N GLU C 81 -4.18 55.52 -36.21
CA GLU C 81 -4.12 56.70 -37.11
C GLU C 81 -5.43 57.48 -37.02
N ILE C 82 -6.54 56.76 -36.89
CA ILE C 82 -7.91 57.34 -36.76
C ILE C 82 -7.99 58.05 -35.42
N SER C 83 -7.32 57.51 -34.42
CA SER C 83 -7.31 58.08 -33.05
C SER C 83 -6.33 59.26 -32.98
N GLN C 84 -5.47 59.42 -34.00
CA GLN C 84 -4.49 60.52 -34.09
C GLN C 84 -5.26 61.82 -34.28
N GLU C 85 -6.33 61.76 -35.05
CA GLU C 85 -7.14 62.97 -35.37
C GLU C 85 -8.19 63.17 -34.27
N MET D 12 12.73 -23.46 58.18
CA MET D 12 11.86 -22.25 58.17
C MET D 12 11.56 -21.89 56.72
N MET D 13 12.58 -21.98 55.87
CA MET D 13 12.46 -21.75 54.42
C MET D 13 11.51 -22.79 53.86
N TRP D 14 11.73 -24.04 54.27
CA TRP D 14 11.00 -25.23 53.77
C TRP D 14 9.48 -25.13 53.94
N GLU D 15 9.02 -24.47 55.00
CA GLU D 15 7.57 -24.33 55.25
C GLU D 15 6.98 -23.66 54.03
N GLU D 16 7.58 -22.56 53.65
CA GLU D 16 7.09 -21.75 52.52
C GLU D 16 7.11 -22.58 51.25
N VAL D 17 7.81 -23.71 51.21
CA VAL D 17 7.81 -24.50 49.93
C VAL D 17 7.03 -25.81 50.09
N THR D 18 6.39 -26.06 51.24
CA THR D 18 5.60 -27.30 51.43
C THR D 18 4.13 -27.05 51.09
N CYS D 19 3.56 -28.02 50.39
CA CYS D 19 2.17 -28.04 49.97
C CYS D 19 1.30 -28.37 51.17
N PRO D 20 0.27 -27.55 51.51
CA PRO D 20 -0.55 -27.83 52.69
C PRO D 20 -1.27 -29.20 52.66
N ILE D 21 -1.55 -29.72 51.46
CA ILE D 21 -2.33 -30.98 51.23
C ILE D 21 -1.44 -32.21 51.43
N CYS D 22 -0.24 -32.30 50.85
CA CYS D 22 0.61 -33.52 50.97
C CYS D 22 1.73 -33.31 51.99
N LEU D 23 2.01 -32.05 52.34
CA LEU D 23 3.04 -31.61 53.32
C LEU D 23 4.45 -31.93 52.80
N ASP D 24 4.59 -32.13 51.50
CA ASP D 24 5.90 -32.36 50.83
C ASP D 24 6.19 -31.13 49.99
N PRO D 25 7.47 -30.87 49.63
CA PRO D 25 7.80 -29.71 48.80
C PRO D 25 7.01 -29.72 47.49
N PHE D 26 6.56 -28.52 47.05
CA PHE D 26 5.65 -28.32 45.90
C PHE D 26 6.14 -29.04 44.64
N VAL D 27 5.20 -29.60 43.89
CA VAL D 27 5.45 -30.29 42.60
C VAL D 27 4.44 -29.70 41.63
N GLU D 28 4.93 -28.89 40.68
CA GLU D 28 4.08 -28.09 39.76
C GLU D 28 3.20 -27.18 40.63
N PRO D 29 3.81 -26.27 41.43
CA PRO D 29 3.02 -25.35 42.24
C PRO D 29 2.11 -24.48 41.38
N VAL D 30 0.80 -24.56 41.63
CA VAL D 30 -0.21 -23.75 40.91
C VAL D 30 -1.04 -22.99 41.94
N SER D 31 -1.52 -21.82 41.58
CA SER D 31 -2.37 -20.99 42.44
C SER D 31 -3.83 -21.07 41.97
N ILE D 32 -4.74 -20.81 42.90
CA ILE D 32 -6.19 -20.69 42.63
C ILE D 32 -6.64 -19.26 42.95
N GLU D 33 -7.86 -18.93 42.55
CA GLU D 33 -8.41 -17.56 42.44
C GLU D 33 -8.03 -16.71 43.66
N CYS D 34 -8.20 -17.25 44.86
CA CYS D 34 -7.96 -16.54 46.14
C CYS D 34 -6.48 -16.20 46.35
N GLY D 35 -5.58 -16.87 45.62
CA GLY D 35 -4.13 -16.58 45.64
C GLY D 35 -3.34 -17.57 46.48
N HIS D 36 -3.95 -18.67 46.89
CA HIS D 36 -3.23 -19.72 47.68
C HIS D 36 -2.65 -20.73 46.69
N SER D 37 -1.53 -21.36 47.05
CA SER D 37 -0.79 -22.30 46.15
C SER D 37 -0.71 -23.74 46.69
N PHE D 38 -0.64 -24.70 45.77
CA PHE D 38 -0.72 -26.17 45.99
C PHE D 38 0.00 -26.92 44.84
N CYS D 39 0.34 -28.21 45.01
CA CYS D 39 0.81 -29.06 43.89
C CYS D 39 -0.34 -29.25 42.88
N GLN D 40 -0.02 -29.34 41.59
CA GLN D 40 -0.99 -29.61 40.48
C GLN D 40 -1.88 -30.80 40.87
N GLU D 41 -1.27 -31.91 41.27
CA GLU D 41 -1.96 -33.20 41.49
C GLU D 41 -2.82 -33.11 42.76
N CYS D 42 -2.35 -32.41 43.78
CA CYS D 42 -3.06 -32.30 45.07
C CYS D 42 -4.36 -31.51 44.91
N ILE D 43 -4.32 -30.31 44.33
CA ILE D 43 -5.53 -29.46 44.18
C ILE D 43 -6.45 -30.02 43.09
N SER D 44 -5.97 -30.78 42.09
CA SER D 44 -6.86 -31.35 41.05
C SER D 44 -7.72 -32.47 41.67
N GLN D 45 -7.21 -33.15 42.70
CA GLN D 45 -7.97 -34.17 43.46
C GLN D 45 -9.10 -33.51 44.27
N VAL D 46 -8.85 -32.31 44.81
CA VAL D 46 -9.86 -31.50 45.55
C VAL D 46 -11.01 -31.13 44.59
N GLY D 47 -10.69 -30.86 43.32
CA GLY D 47 -11.67 -30.55 42.25
C GLY D 47 -12.38 -31.79 41.75
N LYS D 48 -11.61 -32.81 41.35
CA LYS D 48 -12.14 -34.12 40.88
C LYS D 48 -12.18 -35.07 42.10
N GLY D 49 -12.98 -34.69 43.10
CA GLY D 49 -13.09 -35.36 44.41
C GLY D 49 -13.43 -34.38 45.51
N GLY D 50 -14.58 -33.70 45.38
CA GLY D 50 -15.07 -32.70 46.35
C GLY D 50 -15.75 -31.52 45.68
N GLY D 51 -16.28 -30.62 46.49
CA GLY D 51 -17.09 -29.46 46.04
C GLY D 51 -16.25 -28.31 45.47
N SER D 52 -14.92 -28.41 45.47
CA SER D 52 -13.98 -27.36 44.97
C SER D 52 -14.03 -26.10 45.88
N VAL D 53 -13.34 -26.16 47.01
CA VAL D 53 -13.13 -25.00 47.93
C VAL D 53 -11.66 -24.95 48.35
N CYS D 54 -11.11 -23.77 48.58
CA CYS D 54 -9.69 -23.66 49.02
C CYS D 54 -9.48 -24.30 50.40
N PRO D 55 -8.56 -25.29 50.54
CA PRO D 55 -8.22 -25.83 51.86
C PRO D 55 -7.75 -24.79 52.89
N VAL D 56 -7.25 -23.62 52.46
CA VAL D 56 -6.75 -22.60 53.43
C VAL D 56 -7.87 -21.63 53.82
N CYS D 57 -8.48 -20.92 52.88
CA CYS D 57 -9.45 -19.83 53.22
C CYS D 57 -10.87 -20.23 52.82
N ARG D 58 -11.06 -21.40 52.22
CA ARG D 58 -12.40 -21.92 51.87
C ARG D 58 -13.10 -20.99 50.89
N GLN D 59 -12.34 -20.25 50.08
CA GLN D 59 -12.92 -19.45 48.99
C GLN D 59 -13.07 -20.42 47.83
N ARG D 60 -14.17 -20.33 47.09
CA ARG D 60 -14.45 -21.26 45.97
C ARG D 60 -13.37 -21.12 44.88
N PHE D 61 -13.01 -22.24 44.27
CA PHE D 61 -12.11 -22.28 43.09
C PHE D 61 -12.68 -23.15 41.96
N LEU D 62 -12.32 -22.78 40.73
CA LEU D 62 -12.63 -23.56 39.49
C LEU D 62 -11.27 -24.02 38.92
N LEU D 63 -11.12 -25.30 38.57
CA LEU D 63 -9.88 -25.87 37.99
C LEU D 63 -9.50 -25.17 36.67
N LYS D 64 -10.47 -24.68 35.91
CA LYS D 64 -10.21 -23.96 34.63
C LYS D 64 -9.26 -22.80 34.92
N ASN D 65 -9.42 -22.15 36.07
CA ASN D 65 -8.65 -20.94 36.48
C ASN D 65 -7.45 -21.33 37.35
N LEU D 66 -6.49 -22.07 36.80
CA LEU D 66 -5.24 -22.40 37.51
C LEU D 66 -4.09 -21.61 36.88
N ARG D 67 -3.10 -21.19 37.68
CA ARG D 67 -1.88 -20.49 37.18
C ARG D 67 -0.63 -21.15 37.75
N PRO D 68 0.40 -21.46 36.95
CA PRO D 68 1.70 -21.86 37.52
C PRO D 68 2.32 -20.75 38.40
N ASN D 69 2.86 -21.12 39.54
CA ASN D 69 3.57 -20.20 40.47
C ASN D 69 5.06 -20.46 40.31
N ARG D 70 5.63 -19.88 39.27
CA ARG D 70 7.06 -20.08 38.86
C ARG D 70 8.03 -20.05 40.04
N GLN D 71 8.15 -18.90 40.70
CA GLN D 71 9.21 -18.64 41.70
C GLN D 71 9.20 -19.82 42.66
N LEU D 72 8.00 -20.18 43.09
CA LEU D 72 7.83 -21.23 44.11
C LEU D 72 8.50 -22.47 43.52
N ALA D 73 8.39 -22.68 42.20
CA ALA D 73 9.00 -23.84 41.51
C ALA D 73 10.52 -23.75 41.61
N ASN D 74 11.03 -22.54 41.45
CA ASN D 74 12.48 -22.20 41.49
C ASN D 74 13.02 -22.36 42.90
N MET D 75 12.22 -21.93 43.88
CA MET D 75 12.58 -21.94 45.33
C MET D 75 12.81 -23.37 45.82
N VAL D 76 12.02 -24.34 45.33
CA VAL D 76 12.12 -25.77 45.73
C VAL D 76 13.46 -26.35 45.25
N ASN D 77 13.86 -26.04 44.01
CA ASN D 77 15.15 -26.51 43.42
C ASN D 77 16.32 -25.97 44.23
N ASN D 78 16.24 -24.68 44.59
CA ASN D 78 17.30 -23.94 45.33
C ASN D 78 17.53 -24.59 46.70
N LEU D 79 16.46 -24.98 47.39
CA LEU D 79 16.55 -25.61 48.76
C LEU D 79 17.01 -27.07 48.65
N LYS D 80 16.61 -27.79 47.59
CA LYS D 80 16.98 -29.23 47.38
C LYS D 80 18.49 -29.36 47.17
N GLU D 81 19.08 -28.43 46.42
CA GLU D 81 20.53 -28.45 46.11
C GLU D 81 21.34 -28.24 47.41
N ILE D 82 20.82 -27.44 48.36
CA ILE D 82 21.47 -27.22 49.69
C ILE D 82 21.35 -28.51 50.52
N ALA E 7 -11.46 -37.97 -1.55
CA ALA E 7 -11.42 -38.73 -0.27
C ALA E 7 -12.22 -38.01 0.82
N ALA E 8 -12.30 -38.59 2.01
CA ALA E 8 -12.98 -38.00 3.20
C ALA E 8 -11.96 -37.29 4.09
N ARG E 9 -10.69 -37.67 3.96
CA ARG E 9 -9.52 -37.34 4.83
C ARG E 9 -8.79 -36.09 4.33
N LEU E 10 -9.31 -35.38 3.32
CA LEU E 10 -8.66 -34.14 2.82
C LEU E 10 -9.25 -32.92 3.54
N THR E 11 -10.31 -33.10 4.33
CA THR E 11 -10.91 -31.98 5.09
C THR E 11 -9.97 -31.57 6.22
N MET E 12 -9.26 -32.54 6.80
CA MET E 12 -8.22 -32.31 7.85
C MET E 12 -7.02 -31.52 7.28
N MET E 13 -6.75 -31.67 5.99
CA MET E 13 -5.64 -30.96 5.31
C MET E 13 -6.08 -29.52 5.06
N TRP E 14 -7.32 -29.30 4.65
CA TRP E 14 -7.86 -27.92 4.51
C TRP E 14 -7.77 -27.26 5.88
N GLU E 15 -7.92 -28.05 6.93
CA GLU E 15 -7.84 -27.49 8.29
C GLU E 15 -6.52 -26.72 8.37
N GLU E 16 -5.41 -27.43 8.17
CA GLU E 16 -4.03 -26.90 8.33
C GLU E 16 -3.77 -25.66 7.46
N VAL E 17 -4.47 -25.46 6.34
CA VAL E 17 -4.20 -24.33 5.41
C VAL E 17 -5.25 -23.22 5.58
N THR E 18 -6.07 -23.28 6.63
CA THR E 18 -7.12 -22.25 6.90
C THR E 18 -6.54 -21.17 7.82
N CYS E 19 -6.85 -19.92 7.51
CA CYS E 19 -6.44 -18.74 8.31
C CYS E 19 -7.39 -18.57 9.49
N PRO E 20 -6.88 -18.51 10.76
CA PRO E 20 -7.73 -18.41 11.94
C PRO E 20 -8.60 -17.15 12.01
N ILE E 21 -8.21 -16.08 11.34
CA ILE E 21 -8.97 -14.80 11.37
C ILE E 21 -10.12 -14.77 10.34
N CYS E 22 -9.95 -15.22 9.10
CA CYS E 22 -10.98 -15.05 8.04
C CYS E 22 -11.67 -16.41 7.78
N LEU E 23 -11.03 -17.49 8.25
CA LEU E 23 -11.53 -18.88 8.21
C LEU E 23 -11.57 -19.39 6.75
N ASP E 24 -10.83 -18.74 5.86
CA ASP E 24 -10.69 -19.14 4.43
C ASP E 24 -9.25 -19.60 4.23
N PRO E 25 -8.96 -20.35 3.15
CA PRO E 25 -7.59 -20.78 2.90
C PRO E 25 -6.61 -19.60 2.78
N PHE E 26 -5.39 -19.80 3.26
CA PHE E 26 -4.37 -18.74 3.42
C PHE E 26 -4.14 -18.01 2.10
N VAL E 27 -4.12 -16.69 2.17
CA VAL E 27 -3.72 -15.86 1.03
C VAL E 27 -2.50 -15.13 1.55
N GLU E 28 -1.37 -15.33 0.90
CA GLU E 28 -0.06 -14.74 1.32
C GLU E 28 0.17 -15.06 2.79
N PRO E 29 0.31 -16.37 3.10
CA PRO E 29 0.51 -16.81 4.49
C PRO E 29 1.83 -16.28 5.06
N VAL E 30 1.72 -15.56 6.16
CA VAL E 30 2.88 -15.00 6.89
C VAL E 30 2.79 -15.47 8.34
N SER E 31 3.94 -15.72 8.95
CA SER E 31 4.04 -16.10 10.37
C SER E 31 4.48 -14.87 11.18
N ILE E 32 4.15 -14.90 12.48
CA ILE E 32 4.61 -13.91 13.48
C ILE E 32 5.45 -14.61 14.55
N GLU E 33 6.00 -13.82 15.48
CA GLU E 33 7.09 -14.23 16.42
C GLU E 33 6.84 -15.63 17.01
N CYS E 34 5.60 -15.89 17.41
CA CYS E 34 5.17 -17.11 18.14
C CYS E 34 5.16 -18.34 17.22
N GLY E 35 5.13 -18.17 15.89
CA GLY E 35 5.12 -19.30 14.93
C GLY E 35 3.76 -19.50 14.28
N HIS E 36 2.72 -18.86 14.81
CA HIS E 36 1.35 -18.96 14.25
C HIS E 36 1.30 -18.18 12.95
N SER E 37 0.58 -18.73 11.97
CA SER E 37 0.47 -18.19 10.59
C SER E 37 -0.94 -17.63 10.33
N PHE E 38 -1.01 -16.59 9.52
CA PHE E 38 -2.25 -15.89 9.07
C PHE E 38 -2.08 -15.38 7.64
N CYS E 39 -3.12 -14.83 7.08
CA CYS E 39 -3.03 -14.11 5.79
C CYS E 39 -2.42 -12.77 6.17
N GLN E 40 -1.53 -12.25 5.33
CA GLN E 40 -0.86 -10.94 5.53
C GLN E 40 -1.90 -9.86 5.82
N GLU E 41 -2.99 -9.81 5.06
CA GLU E 41 -3.97 -8.70 5.18
C GLU E 41 -4.74 -8.88 6.49
N CYS E 42 -4.94 -10.12 6.90
CA CYS E 42 -5.76 -10.41 8.11
C CYS E 42 -4.92 -9.99 9.34
N ILE E 43 -3.67 -10.45 9.43
CA ILE E 43 -2.78 -10.12 10.59
C ILE E 43 -2.33 -8.65 10.56
N SER E 44 -2.21 -7.99 9.40
CA SER E 44 -1.84 -6.56 9.37
C SER E 44 -2.96 -5.68 9.95
N GLN E 45 -4.19 -6.16 9.92
CA GLN E 45 -5.36 -5.42 10.46
C GLN E 45 -5.29 -5.45 11.98
N VAL E 46 -4.82 -6.58 12.52
CA VAL E 46 -4.64 -6.77 13.98
C VAL E 46 -3.48 -5.89 14.45
N GLY E 47 -2.38 -5.96 13.70
CA GLY E 47 -1.07 -5.30 13.94
C GLY E 47 -1.12 -3.78 13.93
N LYS E 48 -2.04 -3.20 13.17
CA LYS E 48 -2.25 -1.73 13.11
C LYS E 48 -2.76 -1.25 14.47
N GLY E 49 -3.71 -1.99 15.05
CA GLY E 49 -4.43 -1.64 16.30
C GLY E 49 -3.55 -1.64 17.56
N GLY E 50 -2.51 -0.79 17.61
CA GLY E 50 -1.76 -0.38 18.83
C GLY E 50 -0.89 -1.48 19.40
N GLY E 51 -1.14 -1.85 20.66
CA GLY E 51 -0.42 -2.93 21.39
C GLY E 51 -0.93 -4.31 21.03
N SER E 52 -0.72 -4.72 19.77
CA SER E 52 -1.27 -5.96 19.20
C SER E 52 -0.70 -7.23 19.84
N VAL E 53 -1.52 -8.29 19.88
CA VAL E 53 -1.15 -9.65 20.38
C VAL E 53 -1.69 -10.70 19.43
N CYS E 54 -1.12 -11.90 19.47
CA CYS E 54 -1.51 -13.02 18.57
C CYS E 54 -2.94 -13.50 18.82
N PRO E 55 -3.81 -13.58 17.79
CA PRO E 55 -5.16 -14.08 17.97
C PRO E 55 -5.27 -15.51 18.48
N VAL E 56 -4.24 -16.33 18.27
CA VAL E 56 -4.23 -17.73 18.77
C VAL E 56 -3.70 -17.81 20.20
N CYS E 57 -2.50 -17.33 20.50
CA CYS E 57 -1.82 -17.61 21.79
C CYS E 57 -1.69 -16.35 22.63
N ARG E 58 -2.06 -15.19 22.09
CA ARG E 58 -2.02 -13.90 22.82
C ARG E 58 -0.59 -13.48 23.16
N GLN E 59 0.39 -14.13 22.57
CA GLN E 59 1.81 -13.76 22.67
C GLN E 59 1.95 -12.51 21.83
N ARG E 60 2.66 -11.49 22.29
CA ARG E 60 2.82 -10.25 21.51
C ARG E 60 3.48 -10.51 20.14
N PHE E 61 3.25 -9.57 19.23
CA PHE E 61 3.85 -9.61 17.88
C PHE E 61 3.98 -8.18 17.42
N LEU E 62 5.00 -7.97 16.61
CA LEU E 62 5.30 -6.68 15.97
C LEU E 62 4.90 -6.85 14.50
N LEU E 63 4.32 -5.79 13.95
CA LEU E 63 3.88 -5.78 12.54
C LEU E 63 5.12 -5.99 11.68
N LYS E 64 6.23 -5.37 12.06
CA LYS E 64 7.43 -5.36 11.20
C LYS E 64 8.16 -6.72 11.24
N ASN E 65 7.62 -7.76 11.89
CA ASN E 65 8.34 -9.05 12.04
C ASN E 65 7.55 -10.14 11.33
N LEU E 66 7.33 -9.97 10.04
CA LEU E 66 6.49 -10.93 9.31
C LEU E 66 7.34 -11.75 8.36
N ARG E 67 7.03 -13.02 8.23
CA ARG E 67 7.81 -13.92 7.34
C ARG E 67 6.88 -14.68 6.44
N PRO E 68 7.10 -14.70 5.12
CA PRO E 68 6.33 -15.58 4.26
C PRO E 68 6.53 -17.06 4.61
N ASN E 69 5.43 -17.80 4.62
CA ASN E 69 5.39 -19.26 4.88
C ASN E 69 5.07 -19.92 3.53
N ARG E 70 6.02 -19.94 2.60
CA ARG E 70 5.81 -20.34 1.17
C ARG E 70 5.30 -21.79 1.06
N GLN E 71 5.70 -22.66 2.00
CA GLN E 71 5.31 -24.09 1.99
C GLN E 71 3.78 -24.19 2.03
N LEU E 72 3.14 -23.34 2.84
CA LEU E 72 1.65 -23.33 3.01
C LEU E 72 0.96 -22.82 1.75
N ALA E 73 1.48 -21.77 1.12
CA ALA E 73 0.86 -21.17 -0.09
C ALA E 73 0.87 -22.22 -1.20
N ASN E 74 1.98 -22.96 -1.32
CA ASN E 74 2.15 -24.03 -2.34
C ASN E 74 1.10 -25.13 -2.13
N MET E 75 0.87 -25.49 -0.87
CA MET E 75 -0.08 -26.57 -0.51
C MET E 75 -1.51 -26.10 -0.75
N VAL E 76 -1.79 -24.82 -0.50
CA VAL E 76 -3.13 -24.22 -0.77
C VAL E 76 -3.48 -24.55 -2.22
N ASN E 77 -2.56 -24.27 -3.14
CA ASN E 77 -2.78 -24.53 -4.60
C ASN E 77 -2.84 -26.03 -4.83
N ASN E 78 -2.02 -26.83 -4.14
CA ASN E 78 -2.03 -28.31 -4.29
C ASN E 78 -3.43 -28.82 -3.92
N LEU E 79 -4.07 -28.23 -2.91
CA LEU E 79 -5.43 -28.66 -2.48
C LEU E 79 -6.51 -28.07 -3.40
N LYS E 80 -6.28 -26.89 -3.96
CA LYS E 80 -7.22 -26.25 -4.93
C LYS E 80 -7.30 -27.08 -6.21
N GLU E 81 -6.17 -27.60 -6.70
CA GLU E 81 -6.10 -28.46 -7.91
C GLU E 81 -6.97 -29.71 -7.71
N ILE E 82 -6.98 -30.26 -6.49
CA ILE E 82 -7.75 -31.49 -6.15
C ILE E 82 -9.26 -31.18 -6.13
N SER E 83 -9.64 -30.03 -5.57
CA SER E 83 -11.08 -29.63 -5.43
C SER E 83 -11.78 -29.51 -6.81
N GLN E 84 -11.03 -29.28 -7.90
CA GLN E 84 -11.62 -29.17 -9.27
C GLN E 84 -12.15 -30.53 -9.75
N GLU E 85 -11.45 -31.63 -9.42
CA GLU E 85 -11.79 -33.00 -9.84
C GLU E 85 -13.01 -33.51 -9.04
N ARG F 9 25.74 -16.31 48.92
CA ARG F 9 24.82 -17.46 48.59
C ARG F 9 23.37 -17.13 48.98
N LEU F 10 23.13 -16.12 49.84
CA LEU F 10 21.77 -15.63 50.19
C LEU F 10 21.34 -14.55 49.19
N THR F 11 22.27 -14.08 48.34
CA THR F 11 22.00 -13.05 47.32
C THR F 11 21.10 -13.64 46.23
N MET F 12 21.28 -14.92 45.87
CA MET F 12 20.44 -15.61 44.84
C MET F 12 19.02 -15.86 45.39
N MET F 13 18.85 -15.88 46.71
CA MET F 13 17.49 -15.97 47.29
C MET F 13 16.83 -14.65 46.97
N TRP F 14 17.44 -13.58 47.47
CA TRP F 14 16.87 -12.24 47.33
C TRP F 14 16.41 -12.02 45.89
N GLU F 15 17.11 -12.59 44.91
CA GLU F 15 16.77 -12.42 43.47
C GLU F 15 15.41 -13.05 43.14
N GLU F 16 15.08 -14.19 43.75
CA GLU F 16 13.76 -14.86 43.56
C GLU F 16 12.63 -14.03 44.17
N VAL F 17 12.90 -13.24 45.21
CA VAL F 17 11.85 -12.43 45.88
C VAL F 17 11.97 -10.94 45.47
N THR F 18 12.66 -10.60 44.38
CA THR F 18 12.70 -9.20 43.91
C THR F 18 11.80 -9.02 42.68
N CYS F 19 11.12 -7.88 42.66
CA CYS F 19 10.23 -7.46 41.57
C CYS F 19 11.07 -7.15 40.34
N PRO F 20 10.82 -7.76 39.18
CA PRO F 20 11.64 -7.46 38.00
C PRO F 20 11.55 -6.00 37.53
N ILE F 21 10.45 -5.31 37.85
CA ILE F 21 10.15 -3.91 37.44
C ILE F 21 10.90 -2.91 38.36
N CYS F 22 10.86 -3.03 39.69
CA CYS F 22 11.47 -1.99 40.58
C CYS F 22 12.82 -2.49 41.14
N LEU F 23 13.05 -3.81 41.05
CA LEU F 23 14.29 -4.52 41.45
C LEU F 23 14.44 -4.51 42.98
N ASP F 24 13.36 -4.28 43.70
CA ASP F 24 13.31 -4.27 45.18
C ASP F 24 12.50 -5.49 45.60
N PRO F 25 12.64 -5.97 46.85
CA PRO F 25 11.81 -7.08 47.34
C PRO F 25 10.33 -6.76 47.20
N PHE F 26 9.53 -7.78 46.85
CA PHE F 26 8.10 -7.62 46.44
C PHE F 26 7.30 -6.86 47.48
N VAL F 27 6.42 -5.99 47.03
CA VAL F 27 5.45 -5.26 47.90
C VAL F 27 4.02 -5.52 47.37
N GLU F 28 3.21 -6.26 48.14
CA GLU F 28 1.86 -6.74 47.68
C GLU F 28 2.11 -7.61 46.46
N PRO F 29 2.94 -8.69 46.56
CA PRO F 29 3.20 -9.55 45.40
C PRO F 29 1.89 -10.14 44.85
N VAL F 30 1.60 -9.84 43.59
CA VAL F 30 0.41 -10.35 42.87
C VAL F 30 0.90 -11.11 41.63
N SER F 31 0.16 -12.11 41.17
CA SER F 31 0.50 -12.81 39.92
C SER F 31 -0.51 -12.41 38.84
N ILE F 32 -0.07 -12.53 37.60
CA ILE F 32 -0.92 -12.27 36.42
C ILE F 32 -1.03 -13.58 35.64
N GLU F 33 -1.98 -13.60 34.71
CA GLU F 33 -2.38 -14.77 33.88
C GLU F 33 -1.21 -15.75 33.64
N CYS F 34 -0.05 -15.27 33.20
CA CYS F 34 1.10 -16.12 32.76
C CYS F 34 1.80 -16.82 33.94
N GLY F 35 1.58 -16.40 35.19
CA GLY F 35 2.23 -16.97 36.39
C GLY F 35 3.40 -16.15 36.95
N HIS F 36 3.90 -15.18 36.20
CA HIS F 36 4.95 -14.24 36.67
C HIS F 36 4.33 -13.29 37.69
N SER F 37 5.11 -12.96 38.71
CA SER F 37 4.70 -12.13 39.87
C SER F 37 5.42 -10.78 39.88
N PHE F 38 4.76 -9.76 40.42
CA PHE F 38 5.21 -8.35 40.45
C PHE F 38 4.62 -7.67 41.67
N CYS F 39 5.06 -6.48 42.01
CA CYS F 39 4.41 -5.67 43.06
C CYS F 39 3.07 -5.22 42.48
N GLN F 40 2.03 -5.18 43.31
CA GLN F 40 0.71 -4.72 42.86
C GLN F 40 0.86 -3.35 42.20
N GLU F 41 1.69 -2.48 42.75
CA GLU F 41 1.73 -1.06 42.31
C GLU F 41 2.55 -0.95 41.01
N CYS F 42 3.54 -1.82 40.85
CA CYS F 42 4.45 -1.82 39.68
C CYS F 42 3.65 -2.27 38.45
N ILE F 43 2.97 -3.41 38.53
CA ILE F 43 2.19 -3.96 37.38
C ILE F 43 0.89 -3.18 37.15
N SER F 44 0.30 -2.54 38.15
CA SER F 44 -0.87 -1.62 37.96
C SER F 44 -0.48 -0.49 37.00
N GLN F 45 0.76 -0.07 36.99
CA GLN F 45 1.20 1.05 36.12
C GLN F 45 1.38 0.54 34.69
N VAL F 46 1.93 -0.67 34.55
CA VAL F 46 2.05 -1.39 33.24
C VAL F 46 0.65 -1.58 32.66
N GLY F 47 -0.28 -2.09 33.49
CA GLY F 47 -1.68 -2.43 33.17
C GLY F 47 -2.56 -1.21 32.95
N LYS F 48 -2.11 -0.02 33.37
CA LYS F 48 -2.88 1.25 33.24
C LYS F 48 -2.97 1.63 31.74
N GLY F 49 -1.84 1.57 31.03
CA GLY F 49 -1.80 1.72 29.57
C GLY F 49 -2.29 0.45 28.89
N GLY F 50 -3.50 0.48 28.33
CA GLY F 50 -4.14 -0.65 27.63
C GLY F 50 -3.27 -1.21 26.50
N GLY F 51 -3.37 -2.51 26.25
CA GLY F 51 -2.46 -3.25 25.35
C GLY F 51 -1.47 -4.04 26.17
N SER F 52 -1.61 -3.93 27.50
CA SER F 52 -0.73 -4.48 28.56
C SER F 52 -0.23 -5.91 28.30
N VAL F 53 1.07 -6.08 28.43
CA VAL F 53 1.71 -7.42 28.30
C VAL F 53 2.70 -7.63 29.43
N CYS F 54 2.96 -8.88 29.77
CA CYS F 54 3.90 -9.23 30.85
C CYS F 54 5.32 -8.75 30.54
N PRO F 55 5.95 -7.97 31.45
CA PRO F 55 7.34 -7.58 31.27
C PRO F 55 8.32 -8.74 31.08
N VAL F 56 8.00 -9.94 31.59
CA VAL F 56 8.96 -11.07 31.52
C VAL F 56 8.77 -11.83 30.21
N CYS F 57 7.57 -12.31 29.92
CA CYS F 57 7.36 -13.29 28.80
C CYS F 57 6.54 -12.66 27.68
N ARG F 58 5.97 -11.49 27.91
CA ARG F 58 5.29 -10.76 26.81
C ARG F 58 3.93 -11.38 26.51
N GLN F 59 3.34 -12.07 27.45
CA GLN F 59 1.98 -12.57 27.25
C GLN F 59 1.01 -11.50 27.68
N ARG F 60 -0.07 -11.35 26.96
CA ARG F 60 -1.17 -10.43 27.34
C ARG F 60 -1.58 -10.68 28.80
N PHE F 61 -1.79 -9.60 29.52
CA PHE F 61 -2.36 -9.73 30.89
C PHE F 61 -3.42 -8.64 31.01
N LEU F 62 -4.43 -8.94 31.85
CA LEU F 62 -5.54 -8.01 32.14
C LEU F 62 -5.43 -7.65 33.62
N LEU F 63 -5.35 -6.35 33.83
CA LEU F 63 -5.31 -5.69 35.16
C LEU F 63 -6.42 -6.28 36.06
N LYS F 64 -7.54 -6.67 35.48
CA LYS F 64 -8.69 -7.18 36.25
C LYS F 64 -8.41 -8.54 36.92
N ASN F 65 -7.43 -9.33 36.48
CA ASN F 65 -7.23 -10.70 37.01
C ASN F 65 -5.98 -10.85 37.90
N LEU F 66 -5.58 -9.80 38.63
CA LEU F 66 -4.43 -9.93 39.57
C LEU F 66 -4.84 -10.79 40.76
N ARG F 67 -3.96 -11.69 41.19
CA ARG F 67 -4.18 -12.56 42.37
C ARG F 67 -3.03 -12.42 43.34
N PRO F 68 -3.29 -12.11 44.63
CA PRO F 68 -2.21 -12.11 45.61
C PRO F 68 -1.35 -13.40 45.60
N ASN F 69 -0.04 -13.25 45.82
CA ASN F 69 0.88 -14.42 45.86
C ASN F 69 1.38 -14.49 47.29
N ARG F 70 0.54 -15.05 48.17
CA ARG F 70 0.77 -15.06 49.63
C ARG F 70 2.03 -15.84 50.01
N GLN F 71 2.29 -16.97 49.35
CA GLN F 71 3.50 -17.77 49.62
C GLN F 71 4.75 -16.91 49.40
N LEU F 72 4.69 -15.88 48.55
CA LEU F 72 5.82 -14.93 48.37
C LEU F 72 5.80 -13.88 49.50
N ALA F 73 4.65 -13.30 49.83
CA ALA F 73 4.47 -12.29 50.92
C ALA F 73 5.13 -12.78 52.23
N ASN F 74 5.12 -14.11 52.42
CA ASN F 74 5.70 -14.80 53.60
C ASN F 74 7.23 -14.91 53.47
N MET F 75 7.74 -15.26 52.28
CA MET F 75 9.20 -15.39 52.07
C MET F 75 9.86 -14.01 52.21
N VAL F 76 9.12 -12.95 51.90
CA VAL F 76 9.62 -11.53 51.94
C VAL F 76 10.02 -11.23 53.39
N ASN F 77 9.16 -11.64 54.33
CA ASN F 77 9.35 -11.44 55.79
C ASN F 77 10.47 -12.38 56.26
N ASN F 78 10.50 -13.59 55.71
CA ASN F 78 11.52 -14.61 56.05
C ASN F 78 12.90 -13.97 55.91
N LEU F 79 13.21 -13.51 54.70
CA LEU F 79 14.58 -13.05 54.37
C LEU F 79 14.90 -11.74 55.09
N LYS F 80 13.89 -10.91 55.40
CA LYS F 80 14.08 -9.60 56.11
C LYS F 80 14.58 -9.82 57.54
N GLU F 81 14.06 -10.79 58.26
CA GLU F 81 14.55 -11.02 59.64
C GLU F 81 16.00 -11.44 59.55
N ILE F 82 16.33 -12.36 58.63
CA ILE F 82 17.72 -12.89 58.51
C ILE F 82 18.67 -11.70 58.32
N SER F 83 18.30 -10.71 57.51
CA SER F 83 19.14 -9.51 57.21
C SER F 83 19.42 -8.68 58.48
N GLN F 84 18.58 -8.77 59.51
CA GLN F 84 18.77 -8.05 60.80
C GLN F 84 19.93 -8.64 61.62
N GLU F 85 19.99 -9.98 61.73
CA GLU F 85 20.99 -10.70 62.58
C GLU F 85 22.21 -11.08 61.74
N ARG G 9 -27.58 -16.25 -18.90
CA ARG G 9 -28.67 -15.89 -19.83
C ARG G 9 -28.57 -14.41 -20.19
N LEU G 10 -29.38 -13.92 -21.11
CA LEU G 10 -29.21 -12.53 -21.51
C LEU G 10 -30.30 -11.68 -20.87
N THR G 11 -31.41 -12.29 -20.47
CA THR G 11 -32.54 -11.54 -19.89
C THR G 11 -32.05 -10.75 -18.67
N MET G 12 -31.28 -11.38 -17.80
CA MET G 12 -30.75 -10.68 -16.61
C MET G 12 -29.77 -9.63 -17.09
N MET G 13 -29.05 -9.92 -18.17
CA MET G 13 -28.10 -8.96 -18.75
C MET G 13 -28.85 -7.67 -19.01
N TRP G 14 -29.91 -7.75 -19.80
CA TRP G 14 -30.78 -6.61 -20.14
C TRP G 14 -31.21 -5.87 -18.89
N GLU G 15 -31.22 -6.57 -17.75
CA GLU G 15 -31.65 -5.94 -16.47
C GLU G 15 -30.58 -4.95 -15.98
N GLU G 16 -29.30 -5.27 -16.16
CA GLU G 16 -28.16 -4.40 -15.74
C GLU G 16 -28.06 -3.13 -16.60
N VAL G 17 -28.56 -3.13 -17.85
CA VAL G 17 -28.53 -1.90 -18.71
C VAL G 17 -29.94 -1.27 -18.81
N THR G 18 -30.87 -1.68 -17.96
CA THR G 18 -32.23 -1.08 -17.95
C THR G 18 -32.28 0.09 -16.95
N CYS G 19 -32.91 1.20 -17.37
CA CYS G 19 -33.10 2.41 -16.53
C CYS G 19 -34.27 2.19 -15.60
N PRO G 20 -34.10 2.37 -14.26
CA PRO G 20 -35.20 2.12 -13.32
C PRO G 20 -36.44 3.02 -13.50
N ILE G 21 -36.29 4.20 -14.11
CA ILE G 21 -37.38 5.20 -14.27
C ILE G 21 -38.27 4.85 -15.49
N CYS G 22 -37.70 4.59 -16.67
CA CYS G 22 -38.51 4.34 -17.90
C CYS G 22 -38.58 2.83 -18.19
N LEU G 23 -37.66 2.04 -17.59
CA LEU G 23 -37.59 0.55 -17.69
C LEU G 23 -37.22 0.12 -19.11
N ASP G 24 -36.58 1.01 -19.85
CA ASP G 24 -36.05 0.75 -21.21
C ASP G 24 -34.53 0.83 -21.12
N PRO G 25 -33.77 0.25 -22.09
CA PRO G 25 -32.31 0.31 -22.04
C PRO G 25 -31.82 1.76 -21.98
N PHE G 26 -30.74 1.98 -21.23
CA PHE G 26 -30.18 3.32 -20.94
C PHE G 26 -29.97 4.14 -22.22
N VAL G 27 -30.24 5.45 -22.09
CA VAL G 27 -30.09 6.47 -23.15
C VAL G 27 -29.32 7.62 -22.51
N GLU G 28 -28.04 7.77 -22.85
CA GLU G 28 -27.10 8.69 -22.18
C GLU G 28 -27.05 8.32 -20.69
N PRO G 29 -26.64 7.09 -20.34
CA PRO G 29 -26.54 6.69 -18.93
C PRO G 29 -25.60 7.60 -18.13
N VAL G 30 -26.13 8.17 -17.06
CA VAL G 30 -25.38 9.08 -16.15
C VAL G 30 -25.67 8.60 -14.74
N SER G 31 -24.69 8.76 -13.85
CA SER G 31 -24.82 8.37 -12.42
C SER G 31 -24.99 9.64 -11.57
N ILE G 32 -25.55 9.44 -10.38
CA ILE G 32 -25.71 10.50 -9.36
C ILE G 32 -24.92 10.09 -8.11
N GLU G 33 -24.77 11.03 -7.18
CA GLU G 33 -23.97 10.93 -5.92
C GLU G 33 -23.96 9.52 -5.30
N CYS G 34 -25.10 8.84 -5.20
CA CYS G 34 -25.22 7.52 -4.52
C CYS G 34 -24.61 6.39 -5.37
N GLY G 35 -24.47 6.62 -6.69
CA GLY G 35 -23.87 5.65 -7.64
C GLY G 35 -24.92 4.95 -8.50
N HIS G 36 -26.20 5.16 -8.23
CA HIS G 36 -27.30 4.62 -9.06
C HIS G 36 -27.27 5.35 -10.40
N SER G 37 -27.46 4.61 -11.50
CA SER G 37 -27.40 5.16 -12.87
C SER G 37 -28.80 5.20 -13.49
N PHE G 38 -29.00 6.18 -14.37
CA PHE G 38 -30.30 6.55 -15.01
C PHE G 38 -30.02 7.18 -16.36
N CYS G 39 -31.03 7.25 -17.23
CA CYS G 39 -30.97 8.03 -18.49
C CYS G 39 -30.84 9.51 -18.12
N GLN G 40 -30.10 10.27 -18.92
CA GLN G 40 -29.90 11.72 -18.71
C GLN G 40 -31.25 12.42 -18.60
N GLU G 41 -32.18 12.07 -19.48
CA GLU G 41 -33.50 12.73 -19.52
C GLU G 41 -34.35 12.31 -18.33
N CYS G 42 -34.33 11.02 -18.02
CA CYS G 42 -35.20 10.46 -16.96
C CYS G 42 -34.86 11.14 -15.63
N ILE G 43 -33.58 11.18 -15.28
CA ILE G 43 -33.15 11.77 -13.98
C ILE G 43 -33.23 13.31 -14.03
N SER G 44 -33.11 13.95 -15.19
CA SER G 44 -33.24 15.45 -15.27
C SER G 44 -34.69 15.88 -15.00
N GLN G 45 -35.66 15.01 -15.32
CA GLN G 45 -37.10 15.24 -15.03
C GLN G 45 -37.34 15.20 -13.52
N VAL G 46 -36.66 14.28 -12.83
CA VAL G 46 -36.79 14.09 -11.35
C VAL G 46 -36.19 15.33 -10.67
N GLY G 47 -35.03 15.77 -11.14
CA GLY G 47 -34.35 16.98 -10.65
C GLY G 47 -34.79 18.19 -11.44
N LYS G 48 -36.08 18.50 -11.40
CA LYS G 48 -36.61 19.70 -12.10
C LYS G 48 -36.62 20.85 -11.09
N GLY G 49 -35.55 21.64 -11.09
CA GLY G 49 -35.35 22.81 -10.20
C GLY G 49 -33.90 22.97 -9.77
N GLY G 50 -33.17 21.86 -9.67
CA GLY G 50 -31.78 21.81 -9.20
C GLY G 50 -31.38 20.39 -8.86
N GLY G 51 -32.21 19.71 -8.05
CA GLY G 51 -31.96 18.32 -7.62
C GLY G 51 -32.96 17.84 -6.58
N SER G 52 -33.43 16.61 -6.74
CA SER G 52 -34.43 15.96 -5.85
C SER G 52 -33.77 14.80 -5.12
N VAL G 53 -34.43 13.64 -5.05
CA VAL G 53 -33.92 12.44 -4.33
C VAL G 53 -33.89 11.24 -5.28
N CYS G 54 -32.96 10.34 -5.03
CA CYS G 54 -32.79 9.12 -5.87
C CYS G 54 -34.04 8.25 -5.81
N PRO G 55 -34.66 7.91 -6.97
CA PRO G 55 -35.82 7.03 -6.97
C PRO G 55 -35.58 5.65 -6.34
N VAL G 56 -34.32 5.19 -6.29
CA VAL G 56 -33.94 3.83 -5.79
C VAL G 56 -33.74 3.89 -4.27
N CYS G 57 -32.79 4.68 -3.79
CA CYS G 57 -32.37 4.63 -2.36
C CYS G 57 -32.82 5.89 -1.62
N ARG G 58 -33.40 6.88 -2.30
CA ARG G 58 -33.92 8.15 -1.72
C ARG G 58 -32.77 8.96 -1.10
N GLN G 59 -31.53 8.79 -1.57
CA GLN G 59 -30.39 9.63 -1.17
C GLN G 59 -30.44 10.90 -2.04
N ARG G 60 -30.18 12.05 -1.43
CA ARG G 60 -30.26 13.37 -2.09
C ARG G 60 -29.20 13.46 -3.19
N PHE G 61 -29.57 14.00 -4.33
CA PHE G 61 -28.64 14.20 -5.47
C PHE G 61 -28.80 15.60 -6.07
N LEU G 62 -27.76 16.05 -6.75
CA LEU G 62 -27.75 17.31 -7.55
C LEU G 62 -27.58 16.98 -9.03
N LEU G 63 -28.29 17.71 -9.86
CA LEU G 63 -28.19 17.56 -11.33
C LEU G 63 -26.87 18.19 -11.82
N LYS G 64 -26.26 19.11 -11.07
CA LYS G 64 -24.93 19.70 -11.44
C LYS G 64 -23.86 18.60 -11.37
N ASN G 65 -24.00 17.68 -10.42
CA ASN G 65 -23.08 16.54 -10.17
C ASN G 65 -23.60 15.29 -10.89
N LEU G 66 -23.55 15.29 -12.22
CA LEU G 66 -23.89 14.10 -13.06
C LEU G 66 -22.61 13.58 -13.71
N ARG G 67 -22.47 12.27 -13.82
CA ARG G 67 -21.27 11.62 -14.41
C ARG G 67 -21.66 10.67 -15.54
N PRO G 68 -21.07 10.78 -16.75
CA PRO G 68 -21.38 9.81 -17.80
C PRO G 68 -20.87 8.40 -17.43
N ASN G 69 -21.71 7.40 -17.66
CA ASN G 69 -21.38 5.98 -17.38
C ASN G 69 -21.17 5.30 -18.74
N ARG G 70 -20.03 5.61 -19.38
CA ARG G 70 -19.72 5.22 -20.79
C ARG G 70 -19.79 3.71 -20.97
N GLN G 71 -19.34 2.93 -19.98
CA GLN G 71 -19.26 1.45 -20.07
C GLN G 71 -20.65 0.87 -20.29
N LEU G 72 -21.68 1.46 -19.69
CA LEU G 72 -23.07 0.96 -19.80
C LEU G 72 -23.62 1.23 -21.20
N ALA G 73 -23.37 2.41 -21.77
CA ALA G 73 -23.88 2.78 -23.11
C ALA G 73 -23.27 1.84 -24.13
N ASN G 74 -21.99 1.53 -23.96
CA ASN G 74 -21.24 0.58 -24.82
C ASN G 74 -21.87 -0.81 -24.67
N MET G 75 -22.25 -1.17 -23.45
CA MET G 75 -22.88 -2.49 -23.16
C MET G 75 -24.27 -2.58 -23.81
N VAL G 76 -25.02 -1.48 -23.87
CA VAL G 76 -26.37 -1.42 -24.51
C VAL G 76 -26.20 -1.78 -25.99
N ASN G 77 -25.19 -1.23 -26.66
CA ASN G 77 -24.88 -1.49 -28.09
C ASN G 77 -24.42 -2.94 -28.27
N ASN G 78 -23.60 -3.46 -27.34
CA ASN G 78 -23.07 -4.85 -27.40
C ASN G 78 -24.23 -5.84 -27.31
N LEU G 79 -25.25 -5.55 -26.48
CA LEU G 79 -26.41 -6.46 -26.32
C LEU G 79 -27.38 -6.29 -27.48
N LYS G 80 -27.46 -5.11 -28.11
CA LYS G 80 -28.41 -4.88 -29.24
C LYS G 80 -27.90 -5.56 -30.51
N GLU G 81 -26.58 -5.70 -30.67
CA GLU G 81 -25.97 -6.44 -31.81
C GLU G 81 -26.32 -7.93 -31.69
N ILE G 82 -26.37 -8.44 -30.46
CA ILE G 82 -26.67 -9.88 -30.20
C ILE G 82 -28.17 -10.17 -30.43
N SER G 83 -29.06 -9.24 -30.04
CA SER G 83 -30.54 -9.39 -30.20
C SER G 83 -30.95 -9.54 -31.68
N GLN G 84 -30.12 -9.06 -32.62
CA GLN G 84 -30.41 -9.18 -34.08
C GLN G 84 -30.31 -10.64 -34.55
N GLU G 85 -29.36 -11.40 -33.99
CA GLU G 85 -29.13 -12.82 -34.37
C GLU G 85 -30.22 -13.71 -33.75
N ARG H 9 -17.96 -13.74 -29.46
CA ARG H 9 -18.33 -12.27 -29.51
C ARG H 9 -18.20 -11.61 -28.13
N LEU H 10 -17.83 -12.36 -27.09
CA LEU H 10 -17.91 -11.91 -25.67
C LEU H 10 -16.55 -11.38 -25.22
N THR H 11 -15.53 -11.43 -26.07
CA THR H 11 -14.21 -10.80 -25.80
C THR H 11 -14.45 -9.29 -25.67
N MET H 12 -15.39 -8.79 -26.46
CA MET H 12 -15.78 -7.37 -26.51
C MET H 12 -16.26 -6.94 -25.12
N MET H 13 -17.14 -7.76 -24.57
CA MET H 13 -17.79 -7.48 -23.27
C MET H 13 -16.78 -7.55 -22.13
N TRP H 14 -15.82 -8.46 -22.15
CA TRP H 14 -14.74 -8.50 -21.11
C TRP H 14 -13.98 -7.16 -21.11
N GLU H 15 -13.77 -6.55 -22.27
CA GLU H 15 -13.02 -5.28 -22.37
C GLU H 15 -13.77 -4.17 -21.64
N GLU H 16 -15.10 -4.15 -21.72
CA GLU H 16 -15.94 -3.13 -21.03
C GLU H 16 -15.89 -3.28 -19.51
N VAL H 17 -15.56 -4.47 -18.98
CA VAL H 17 -15.50 -4.70 -17.50
C VAL H 17 -14.04 -4.78 -17.03
N THR H 18 -13.08 -4.39 -17.88
CA THR H 18 -11.64 -4.46 -17.52
C THR H 18 -11.18 -3.10 -16.99
N CYS H 19 -10.40 -3.14 -15.92
CA CYS H 19 -9.82 -1.95 -15.27
C CYS H 19 -8.61 -1.50 -16.08
N PRO H 20 -8.54 -0.22 -16.52
CA PRO H 20 -7.40 0.28 -17.30
C PRO H 20 -6.04 0.17 -16.60
N ILE H 21 -6.03 0.22 -15.27
CA ILE H 21 -4.79 0.27 -14.46
C ILE H 21 -4.21 -1.15 -14.28
N CYS H 22 -4.99 -2.16 -13.93
CA CYS H 22 -4.42 -3.50 -13.64
C CYS H 22 -4.67 -4.45 -14.83
N LEU H 23 -5.59 -4.08 -15.72
CA LEU H 23 -5.96 -4.83 -16.95
C LEU H 23 -6.63 -6.15 -16.59
N ASP H 24 -7.18 -6.25 -15.38
CA ASP H 24 -7.96 -7.41 -14.90
C ASP H 24 -9.40 -6.97 -14.72
N PRO H 25 -10.38 -7.90 -14.72
CA PRO H 25 -11.78 -7.50 -14.52
C PRO H 25 -11.97 -6.78 -13.18
N PHE H 26 -12.84 -5.78 -13.19
CA PHE H 26 -13.04 -4.80 -12.08
C PHE H 26 -13.24 -5.51 -10.74
N VAL H 27 -12.66 -4.89 -9.71
CA VAL H 27 -12.78 -5.30 -8.28
C VAL H 27 -13.22 -4.06 -7.50
N GLU H 28 -14.48 -4.03 -7.06
CA GLU H 28 -15.09 -2.82 -6.44
C GLU H 28 -14.99 -1.67 -7.43
N PRO H 29 -15.61 -1.80 -8.62
CA PRO H 29 -15.62 -0.72 -9.60
C PRO H 29 -16.24 0.56 -9.05
N VAL H 30 -15.44 1.63 -9.04
CA VAL H 30 -15.86 2.97 -8.57
C VAL H 30 -15.48 3.97 -9.65
N SER H 31 -16.34 4.96 -9.85
CA SER H 31 -16.12 6.05 -10.85
C SER H 31 -15.54 7.28 -10.17
N ILE H 32 -14.87 8.10 -10.96
CA ILE H 32 -14.38 9.44 -10.54
C ILE H 32 -15.12 10.52 -11.35
N GLU H 33 -14.95 11.78 -10.94
CA GLU H 33 -15.62 12.98 -11.50
C GLU H 33 -15.83 12.87 -13.02
N CYS H 34 -14.83 12.39 -13.78
CA CYS H 34 -14.89 12.38 -15.27
C CYS H 34 -15.82 11.28 -15.80
N GLY H 35 -16.12 10.27 -14.99
CA GLY H 35 -17.04 9.17 -15.37
C GLY H 35 -16.32 7.87 -15.67
N HIS H 36 -15.00 7.92 -15.88
CA HIS H 36 -14.13 6.71 -16.01
C HIS H 36 -14.15 5.93 -14.71
N SER H 37 -14.23 4.61 -14.81
CA SER H 37 -14.31 3.69 -13.65
C SER H 37 -13.03 2.85 -13.55
N PHE H 38 -12.74 2.41 -12.34
CA PHE H 38 -11.49 1.70 -11.99
C PHE H 38 -11.79 0.81 -10.79
N CYS H 39 -10.85 -0.06 -10.43
CA CYS H 39 -10.89 -0.79 -9.15
C CYS H 39 -10.69 0.24 -8.03
N GLN H 40 -11.41 0.08 -6.91
CA GLN H 40 -11.28 0.97 -5.74
C GLN H 40 -9.81 1.01 -5.31
N GLU H 41 -9.13 -0.14 -5.30
CA GLU H 41 -7.70 -0.28 -4.87
C GLU H 41 -6.77 0.41 -5.88
N CYS H 42 -7.08 0.28 -7.16
CA CYS H 42 -6.19 0.76 -8.24
C CYS H 42 -6.21 2.28 -8.25
N ILE H 43 -7.39 2.90 -8.24
CA ILE H 43 -7.51 4.38 -8.28
C ILE H 43 -7.08 5.01 -6.94
N SER H 44 -7.18 4.32 -5.81
CA SER H 44 -6.71 4.86 -4.50
C SER H 44 -5.18 4.97 -4.50
N GLN H 45 -4.50 4.11 -5.26
CA GLN H 45 -3.02 4.12 -5.42
C GLN H 45 -2.60 5.37 -6.19
N VAL H 46 -3.40 5.76 -7.18
CA VAL H 46 -3.16 6.96 -8.02
C VAL H 46 -3.31 8.22 -7.15
N GLY H 47 -4.31 8.25 -6.26
CA GLY H 47 -4.62 9.44 -5.42
C GLY H 47 -3.66 9.61 -4.25
N LYS H 48 -3.52 8.57 -3.43
CA LYS H 48 -2.55 8.56 -2.30
C LYS H 48 -1.27 7.90 -2.81
N GLY H 49 -0.50 8.67 -3.58
CA GLY H 49 0.71 8.21 -4.28
C GLY H 49 0.66 8.68 -5.72
N GLY H 50 0.59 10.00 -5.93
CA GLY H 50 0.46 10.62 -7.25
C GLY H 50 -0.38 11.89 -7.24
N GLY H 51 -0.51 12.54 -8.40
CA GLY H 51 -1.08 13.88 -8.56
C GLY H 51 -2.61 13.94 -8.51
N SER H 52 -3.31 12.81 -8.36
CA SER H 52 -4.81 12.72 -8.31
C SER H 52 -5.44 13.27 -9.61
N VAL H 53 -5.10 12.65 -10.73
CA VAL H 53 -5.60 13.00 -12.08
C VAL H 53 -5.88 11.69 -12.82
N CYS H 54 -6.92 11.66 -13.64
CA CYS H 54 -7.39 10.42 -14.33
C CYS H 54 -6.36 9.81 -15.29
N PRO H 55 -6.00 8.52 -15.11
CA PRO H 55 -5.08 7.87 -16.05
C PRO H 55 -5.55 7.86 -17.52
N VAL H 56 -6.86 7.90 -17.77
CA VAL H 56 -7.46 7.87 -19.14
C VAL H 56 -7.52 9.28 -19.77
N CYS H 57 -8.20 10.25 -19.15
CA CYS H 57 -8.41 11.60 -19.75
C CYS H 57 -7.61 12.66 -19.03
N ARG H 58 -6.97 12.32 -17.92
CA ARG H 58 -6.12 13.27 -17.15
C ARG H 58 -6.93 14.45 -16.60
N GLN H 59 -8.21 14.24 -16.35
CA GLN H 59 -9.02 15.25 -15.64
C GLN H 59 -8.78 15.05 -14.16
N ARG H 60 -8.78 16.14 -13.41
CA ARG H 60 -8.56 16.13 -11.94
C ARG H 60 -9.67 15.33 -11.26
N PHE H 61 -9.30 14.52 -10.27
CA PHE H 61 -10.29 13.77 -9.45
C PHE H 61 -9.97 13.92 -7.96
N LEU H 62 -10.97 13.61 -7.14
CA LEU H 62 -10.85 13.66 -5.66
C LEU H 62 -11.35 12.33 -5.09
N LEU H 63 -10.53 11.72 -4.24
CA LEU H 63 -10.80 10.35 -3.74
C LEU H 63 -12.11 10.39 -2.94
N LYS H 64 -12.33 11.45 -2.15
CA LYS H 64 -13.61 11.69 -1.43
C LYS H 64 -14.83 11.53 -2.35
N ASN H 65 -14.73 11.97 -3.61
CA ASN H 65 -15.83 11.87 -4.62
C ASN H 65 -15.64 10.60 -5.45
N LEU H 66 -15.79 9.43 -4.82
CA LEU H 66 -15.82 8.11 -5.52
C LEU H 66 -17.24 7.57 -5.46
N ARG H 67 -17.74 6.98 -6.54
CA ARG H 67 -19.11 6.40 -6.56
C ARG H 67 -19.07 4.94 -6.98
N PRO H 68 -19.72 4.03 -6.24
CA PRO H 68 -19.84 2.64 -6.69
C PRO H 68 -20.56 2.52 -8.03
N ASN H 69 -20.00 1.70 -8.90
CA ASN H 69 -20.59 1.40 -10.23
C ASN H 69 -21.10 -0.03 -10.15
N ARG H 70 -22.22 -0.20 -9.44
CA ARG H 70 -22.81 -1.52 -9.07
C ARG H 70 -23.13 -2.34 -10.33
N GLN H 71 -23.58 -1.70 -11.41
CA GLN H 71 -23.96 -2.39 -12.67
C GLN H 71 -22.77 -3.16 -13.25
N LEU H 72 -21.56 -2.59 -13.19
CA LEU H 72 -20.33 -3.20 -13.76
C LEU H 72 -19.91 -4.42 -12.93
N ALA H 73 -19.98 -4.35 -11.60
CA ALA H 73 -19.61 -5.45 -10.68
C ALA H 73 -20.53 -6.64 -10.96
N ASN H 74 -21.81 -6.37 -11.17
CA ASN H 74 -22.82 -7.41 -11.50
C ASN H 74 -22.47 -8.01 -12.85
N MET H 75 -22.01 -7.20 -13.80
CA MET H 75 -21.62 -7.68 -15.14
C MET H 75 -20.38 -8.58 -15.08
N VAL H 76 -19.45 -8.30 -14.17
CA VAL H 76 -18.23 -9.15 -14.00
C VAL H 76 -18.68 -10.54 -13.56
N ASN H 77 -19.64 -10.63 -12.63
CA ASN H 77 -20.17 -11.91 -12.11
C ASN H 77 -20.91 -12.65 -13.24
N ASN H 78 -21.69 -11.92 -14.04
CA ASN H 78 -22.46 -12.49 -15.18
C ASN H 78 -21.50 -13.08 -16.23
N LEU H 79 -20.35 -12.46 -16.46
CA LEU H 79 -19.37 -12.97 -17.48
C LEU H 79 -18.56 -14.13 -16.90
N LYS H 80 -18.31 -14.12 -15.59
CA LYS H 80 -17.58 -15.22 -14.91
C LYS H 80 -18.41 -16.51 -14.92
N GLU H 81 -19.73 -16.41 -14.72
CA GLU H 81 -20.67 -17.57 -14.76
C GLU H 81 -20.56 -18.26 -16.12
N ILE H 82 -20.43 -17.47 -17.20
CA ILE H 82 -20.38 -17.99 -18.59
C ILE H 82 -19.04 -18.70 -18.85
N SER H 83 -17.93 -18.14 -18.36
CA SER H 83 -16.57 -18.71 -18.54
C SER H 83 -16.44 -20.12 -17.93
N GLN H 84 -17.27 -20.48 -16.94
CA GLN H 84 -17.24 -21.82 -16.28
C GLN H 84 -17.75 -22.91 -17.24
N GLU H 85 -18.75 -22.60 -18.07
CA GLU H 85 -19.35 -23.57 -19.03
C GLU H 85 -18.40 -23.79 -20.21
N LEU I 9 5.51 9.41 41.90
CA LEU I 9 5.82 9.04 40.50
C LEU I 9 7.30 9.27 40.23
N LEU I 10 7.75 10.50 40.38
CA LEU I 10 9.17 10.86 40.17
C LEU I 10 10.02 9.97 41.06
N SER I 11 9.68 9.90 42.33
CA SER I 11 10.46 9.12 43.32
C SER I 11 10.56 7.68 42.83
N THR I 12 9.64 7.23 42.00
CA THR I 12 9.68 5.83 41.50
C THR I 12 10.86 5.69 40.54
N SER I 13 10.84 6.54 39.51
CA SER I 13 11.84 6.57 38.41
C SER I 13 13.21 6.89 39.03
N ALA I 14 13.26 7.92 39.87
CA ALA I 14 14.49 8.34 40.57
C ALA I 14 15.07 7.12 41.31
N LYS I 15 14.26 6.46 42.11
CA LYS I 15 14.73 5.34 42.96
C LYS I 15 15.31 4.24 42.06
N ARG I 16 14.73 4.06 40.89
CA ARG I 16 15.15 3.00 39.95
C ARG I 16 16.45 3.45 39.29
N ILE I 17 16.49 4.69 38.82
CA ILE I 17 17.71 5.25 38.16
C ILE I 17 18.85 5.17 39.17
N GLN I 18 18.60 5.53 40.43
CA GLN I 18 19.60 5.52 41.52
C GLN I 18 20.20 4.12 41.65
N LYS I 19 19.40 3.08 41.58
CA LYS I 19 19.91 1.72 41.79
C LYS I 19 20.77 1.35 40.61
N GLU I 20 20.34 1.73 39.41
CA GLU I 20 21.05 1.32 38.18
C GLU I 20 22.40 2.01 38.17
N LEU I 21 22.41 3.29 38.54
CA LEU I 21 23.65 4.12 38.68
C LEU I 21 24.66 3.43 39.61
N ALA I 22 24.22 2.84 40.71
CA ALA I 22 25.12 2.16 41.65
C ALA I 22 25.68 0.89 41.01
N ASP I 23 24.83 0.09 40.37
CA ASP I 23 25.27 -1.21 39.80
C ASP I 23 26.13 -0.95 38.56
N ILE I 24 25.73 0.00 37.70
CA ILE I 24 26.48 0.31 36.45
C ILE I 24 27.89 0.80 36.84
N THR I 25 28.04 1.54 37.95
CA THR I 25 29.36 2.03 38.41
C THR I 25 30.20 0.87 38.97
N LEU I 26 29.60 0.03 39.82
CA LEU I 26 30.24 -1.16 40.43
C LEU I 26 30.59 -2.20 39.34
N ASP I 27 29.60 -2.55 38.51
CA ASP I 27 29.66 -3.65 37.50
C ASP I 27 29.18 -3.11 36.16
N PRO I 28 29.99 -2.28 35.47
CA PRO I 28 29.59 -1.75 34.17
C PRO I 28 29.72 -2.78 33.07
N PRO I 29 28.98 -2.61 31.95
CA PRO I 29 29.11 -3.57 30.86
C PRO I 29 30.52 -3.50 30.26
N PRO I 30 31.06 -4.61 29.69
CA PRO I 30 32.31 -4.54 28.94
C PRO I 30 32.27 -3.51 27.80
N ASN I 31 33.34 -2.69 27.71
CA ASN I 31 33.55 -1.60 26.73
C ASN I 31 32.50 -0.50 26.90
N CYS I 32 31.81 -0.41 28.04
CA CYS I 32 30.72 0.58 28.16
C CYS I 32 30.84 1.32 29.48
N SER I 33 30.36 2.55 29.51
CA SER I 33 30.39 3.37 30.73
C SER I 33 29.15 4.25 30.67
N ALA I 34 28.56 4.52 31.83
CA ALA I 34 27.49 5.51 31.80
C ALA I 34 27.26 6.20 33.14
N GLY I 35 26.77 7.43 33.11
CA GLY I 35 26.33 8.02 34.39
C GLY I 35 25.83 9.42 34.12
N PRO I 36 25.31 10.12 35.14
CA PRO I 36 24.73 11.43 34.95
C PRO I 36 25.71 12.49 34.43
N LYS I 37 25.24 13.34 33.52
CA LYS I 37 25.96 14.56 33.11
C LYS I 37 26.06 15.55 34.28
N GLY I 38 25.08 15.59 35.20
CA GLY I 38 25.00 16.68 36.19
C GLY I 38 24.23 16.33 37.44
N ASP I 39 23.72 17.33 38.13
CA ASP I 39 22.86 17.13 39.33
C ASP I 39 21.54 16.46 38.90
N ASN I 40 21.10 16.70 37.66
CA ASN I 40 19.89 16.08 37.05
C ASN I 40 20.14 14.59 36.78
N ILE I 41 19.37 13.78 37.50
CA ILE I 41 19.47 12.30 37.46
C ILE I 41 18.79 11.77 36.19
N TYR I 42 17.94 12.56 35.54
CA TYR I 42 17.21 12.08 34.34
C TYR I 42 18.11 12.09 33.12
N GLU I 43 19.12 12.97 33.12
CA GLU I 43 20.01 13.18 31.94
C GLU I 43 21.39 12.57 32.17
N TRP I 44 21.67 11.46 31.49
CA TRP I 44 22.92 10.68 31.55
C TRP I 44 23.71 10.85 30.25
N ARG I 45 25.00 10.51 30.31
CA ARG I 45 25.90 10.40 29.13
C ARG I 45 26.60 9.05 29.23
N SER I 46 27.00 8.52 28.10
CA SER I 46 27.51 7.14 28.05
C SER I 46 28.58 7.10 26.98
N THR I 47 29.46 6.13 27.12
CA THR I 47 30.61 5.99 26.22
C THR I 47 30.65 4.51 25.88
N ILE I 48 30.50 4.18 24.61
CA ILE I 48 30.57 2.78 24.12
C ILE I 48 31.80 2.73 23.24
N LEU I 49 32.66 1.76 23.46
CA LEU I 49 33.84 1.62 22.59
C LEU I 49 33.40 0.72 21.49
N GLY I 50 33.93 0.92 20.31
CA GLY I 50 33.65 0.06 19.15
C GLY I 50 33.95 -1.40 19.44
N PRO I 51 33.02 -2.36 19.17
CA PRO I 51 33.29 -3.78 19.44
C PRO I 51 34.57 -4.27 18.77
N PRO I 52 35.35 -5.15 19.45
CA PRO I 52 36.52 -5.77 18.86
C PRO I 52 36.11 -6.55 17.62
N GLY I 53 36.94 -6.51 16.59
CA GLY I 53 36.71 -7.30 15.36
C GLY I 53 35.68 -6.65 14.44
N SER I 54 34.85 -5.72 14.96
CA SER I 54 33.91 -4.94 14.14
C SER I 54 34.67 -3.86 13.36
N VAL I 55 33.99 -3.26 12.40
CA VAL I 55 34.51 -2.11 11.61
C VAL I 55 34.62 -0.89 12.53
N TYR I 56 33.91 -0.87 13.66
CA TYR I 56 33.92 0.27 14.61
C TYR I 56 35.07 0.16 15.62
N GLU I 57 35.86 -0.91 15.56
CA GLU I 57 37.00 -1.17 16.47
C GLU I 57 37.84 0.10 16.52
N GLY I 58 38.22 0.51 17.71
CA GLY I 58 39.14 1.63 17.89
C GLY I 58 38.41 2.94 18.10
N GLY I 59 37.09 2.96 17.90
CA GLY I 59 36.33 4.22 18.01
C GLY I 59 35.80 4.41 19.40
N VAL I 60 35.53 5.66 19.74
CA VAL I 60 34.98 6.04 21.07
C VAL I 60 33.76 6.85 20.74
N PHE I 61 32.59 6.28 21.07
CA PHE I 61 31.27 6.81 20.67
C PHE I 61 30.58 7.32 21.91
N PHE I 62 30.05 8.54 21.86
CA PHE I 62 29.27 9.15 22.95
C PHE I 62 27.79 9.02 22.63
N LEU I 63 27.06 8.67 23.67
CA LEU I 63 25.60 8.46 23.65
C LEU I 63 24.97 9.38 24.67
N ASP I 64 23.75 9.82 24.37
CA ASP I 64 22.90 10.66 25.24
C ASP I 64 21.72 9.84 25.74
N ILE I 65 21.72 9.47 27.01
CA ILE I 65 20.63 8.68 27.62
C ILE I 65 19.73 9.62 28.40
N THR I 66 18.44 9.59 28.12
CA THR I 66 17.47 10.49 28.80
C THR I 66 16.31 9.67 29.33
N PHE I 67 16.18 9.66 30.65
CA PHE I 67 15.07 9.00 31.35
C PHE I 67 13.95 10.02 31.48
N THR I 68 12.73 9.51 31.62
CA THR I 68 11.50 10.31 31.83
C THR I 68 10.93 9.93 33.18
N PRO I 69 10.06 10.76 33.80
CA PRO I 69 9.46 10.41 35.09
C PRO I 69 8.69 9.09 35.04
N GLU I 70 8.40 8.61 33.83
CA GLU I 70 7.55 7.42 33.59
C GLU I 70 8.40 6.15 33.48
N TYR I 71 9.70 6.30 33.62
CA TYR I 71 10.66 5.18 33.55
C TYR I 71 10.39 4.33 34.79
N PRO I 72 10.46 2.99 34.78
CA PRO I 72 10.83 2.13 33.66
C PRO I 72 9.66 1.65 32.79
N PHE I 73 8.51 2.31 32.92
CA PHE I 73 7.30 1.81 32.22
C PHE I 73 7.37 2.27 30.76
N LYS I 74 8.07 3.38 30.51
CA LYS I 74 8.36 3.86 29.15
C LYS I 74 9.87 3.80 28.95
N PRO I 75 10.36 3.48 27.73
CA PRO I 75 11.79 3.39 27.51
C PRO I 75 12.50 4.75 27.60
N PRO I 76 13.82 4.74 27.87
CA PRO I 76 14.57 5.98 27.91
C PRO I 76 14.93 6.33 26.47
N LYS I 77 15.21 7.62 26.24
CA LYS I 77 15.67 8.12 24.92
C LYS I 77 17.19 7.97 24.82
N VAL I 78 17.67 7.08 23.94
CA VAL I 78 19.10 6.74 23.76
C VAL I 78 19.54 7.12 22.34
N THR I 79 20.29 8.20 22.16
CA THR I 79 20.75 8.67 20.83
C THR I 79 22.28 8.76 20.78
N PHE I 80 22.89 8.43 19.64
CA PHE I 80 24.34 8.64 19.42
C PHE I 80 24.63 10.11 19.24
N ARG I 81 25.71 10.59 19.85
CA ARG I 81 26.24 11.95 19.60
C ARG I 81 27.38 11.87 18.61
N THR I 82 28.09 10.76 18.57
CA THR I 82 29.21 10.57 17.64
C THR I 82 28.65 10.13 16.30
N ARG I 83 29.16 10.65 15.18
CA ARG I 83 28.74 10.19 13.83
C ARG I 83 29.24 8.78 13.57
N ILE I 84 28.37 7.96 13.00
CA ILE I 84 28.63 6.52 12.75
C ILE I 84 27.96 6.10 11.45
N TYR I 85 28.63 5.20 10.74
CA TYR I 85 28.17 4.65 9.45
C TYR I 85 27.52 3.32 9.77
N HIS I 86 26.20 3.30 9.91
CA HIS I 86 25.44 2.10 10.32
C HIS I 86 24.03 2.18 9.77
N CYS I 87 23.51 1.10 9.20
CA CYS I 87 22.17 1.16 8.54
C CYS I 87 21.02 1.31 9.56
N ASN I 88 21.27 1.15 10.87
CA ASN I 88 20.24 1.30 11.94
C ASN I 88 20.46 2.56 12.80
N ILE I 89 21.41 3.41 12.41
CA ILE I 89 21.71 4.68 13.12
C ILE I 89 21.85 5.80 12.09
N ASN I 90 20.93 6.77 12.13
CA ASN I 90 20.87 7.90 11.17
C ASN I 90 21.79 9.07 11.61
N SER I 91 21.86 10.12 10.80
CA SER I 91 22.71 11.32 11.02
C SER I 91 22.33 12.05 12.31
N GLN I 92 21.09 11.89 12.77
CA GLN I 92 20.55 12.57 13.99
C GLN I 92 20.76 11.67 15.21
N GLY I 93 21.48 10.56 15.04
CA GLY I 93 21.89 9.67 16.14
C GLY I 93 20.78 8.77 16.61
N VAL I 94 19.68 8.70 15.87
CA VAL I 94 18.50 7.87 16.22
C VAL I 94 18.86 6.40 16.05
N ILE I 95 18.64 5.62 17.09
CA ILE I 95 18.89 4.15 17.07
C ILE I 95 17.57 3.43 16.77
N CYS I 96 17.54 2.71 15.66
CA CYS I 96 16.42 1.81 15.32
C CYS I 96 16.72 0.45 15.93
N LEU I 97 16.43 0.31 17.22
CA LEU I 97 16.49 -0.97 17.97
C LEU I 97 15.11 -1.26 18.59
N ASP I 98 14.57 -2.48 18.43
CA ASP I 98 13.17 -2.82 18.84
C ASP I 98 12.89 -2.46 20.29
N ILE I 99 13.81 -2.81 21.20
CA ILE I 99 13.63 -2.59 22.66
C ILE I 99 13.50 -1.10 22.99
N LEU I 100 13.92 -0.18 22.12
CA LEU I 100 13.87 1.26 22.45
C LEU I 100 12.56 1.85 21.95
N LYS I 101 11.71 1.04 21.32
CA LYS I 101 10.40 1.54 20.82
C LYS I 101 9.22 0.65 21.24
N ASP I 102 8.85 -0.35 20.46
CA ASP I 102 7.57 -1.08 20.65
C ASP I 102 7.81 -2.38 21.43
N ASN I 103 9.06 -2.77 21.60
CA ASN I 103 9.42 -4.05 22.25
C ASN I 103 10.09 -3.76 23.61
N TRP I 104 9.87 -2.55 24.15
CA TRP I 104 10.43 -2.19 25.47
C TRP I 104 9.73 -3.02 26.54
N SER I 105 10.48 -3.38 27.57
CA SER I 105 9.96 -4.06 28.77
C SER I 105 10.39 -3.31 30.01
N PRO I 106 9.52 -3.05 30.99
CA PRO I 106 9.98 -2.39 32.21
C PRO I 106 10.96 -3.21 33.06
N ALA I 107 11.12 -4.50 32.75
CA ALA I 107 12.15 -5.39 33.34
C ALA I 107 13.54 -5.03 32.84
N LEU I 108 13.66 -4.35 31.68
CA LEU I 108 14.97 -4.01 31.07
C LEU I 108 15.63 -2.86 31.82
N THR I 109 16.95 -2.96 31.99
CA THR I 109 17.79 -1.91 32.60
C THR I 109 18.62 -1.26 31.50
N ILE I 110 19.18 -0.10 31.81
CA ILE I 110 20.10 0.65 30.90
C ILE I 110 21.38 -0.16 30.61
N SER I 111 21.81 -1.03 31.52
CA SER I 111 22.95 -1.94 31.28
C SER I 111 22.65 -2.89 30.11
N LYS I 112 21.42 -3.44 30.05
CA LYS I 112 21.04 -4.49 29.08
C LYS I 112 20.82 -3.87 27.71
N VAL I 113 20.34 -2.62 27.68
CA VAL I 113 20.24 -1.81 26.44
C VAL I 113 21.65 -1.63 25.84
N LEU I 114 22.62 -1.27 26.69
CA LEU I 114 23.98 -0.93 26.23
C LEU I 114 24.63 -2.18 25.66
N LEU I 115 24.35 -3.37 26.16
CA LEU I 115 24.99 -4.55 25.54
C LEU I 115 24.29 -4.84 24.22
N SER I 116 23.01 -4.49 24.10
CA SER I 116 22.22 -4.72 22.86
C SER I 116 22.77 -3.80 21.79
N ILE I 117 23.09 -2.56 22.17
CA ILE I 117 23.73 -1.60 21.22
C ILE I 117 25.08 -2.16 20.78
N CYS I 118 25.89 -2.71 21.67
CA CYS I 118 27.17 -3.39 21.31
C CYS I 118 26.90 -4.52 20.32
N SER I 119 25.81 -5.27 20.48
CA SER I 119 25.49 -6.39 19.55
C SER I 119 25.01 -5.84 18.22
N LEU I 120 24.31 -4.69 18.27
CA LEU I 120 23.79 -4.01 17.06
C LEU I 120 24.99 -3.52 16.24
N LEU I 121 25.99 -2.94 16.92
CA LEU I 121 27.25 -2.45 16.30
C LEU I 121 28.02 -3.62 15.69
N THR I 122 28.03 -4.77 16.34
CA THR I 122 28.75 -5.96 15.83
C THR I 122 28.00 -6.52 14.62
N ASP I 123 26.69 -6.70 14.75
CA ASP I 123 25.84 -7.30 13.68
C ASP I 123 24.63 -6.39 13.45
N CYS I 124 24.66 -5.67 12.34
CA CYS I 124 23.56 -4.75 11.99
C CYS I 124 22.36 -5.52 11.44
N ASN I 125 21.20 -4.85 11.39
CA ASN I 125 19.95 -5.41 10.83
C ASN I 125 19.57 -4.67 9.54
N PRO I 126 20.02 -5.15 8.35
CA PRO I 126 19.69 -4.44 7.12
C PRO I 126 18.23 -4.65 6.66
N ALA I 127 17.51 -5.55 7.33
CA ALA I 127 16.08 -5.85 7.05
C ALA I 127 15.20 -4.66 7.44
N ASP I 128 15.52 -3.98 8.53
CA ASP I 128 14.79 -2.80 9.05
C ASP I 128 15.80 -1.65 9.09
N PRO I 129 16.14 -1.10 7.91
CA PRO I 129 17.13 -0.04 7.85
C PRO I 129 16.52 1.34 8.07
N LEU I 130 17.24 2.12 8.87
CA LEU I 130 16.95 3.54 9.16
C LEU I 130 17.63 4.36 8.06
N VAL I 131 18.72 3.81 7.50
CA VAL I 131 19.49 4.39 6.38
C VAL I 131 19.57 3.31 5.30
N GLY I 132 18.60 3.34 4.38
CA GLY I 132 18.43 2.39 3.26
C GLY I 132 19.69 2.24 2.41
N SER I 133 20.35 3.35 2.10
CA SER I 133 21.56 3.37 1.23
C SER I 133 22.64 2.45 1.79
N ILE I 134 22.86 2.50 3.12
CA ILE I 134 23.96 1.74 3.81
C ILE I 134 23.56 0.27 3.86
N ALA I 135 22.27 -0.01 4.06
CA ALA I 135 21.72 -1.39 4.09
C ALA I 135 21.92 -2.08 2.74
N THR I 136 21.55 -1.40 1.64
CA THR I 136 21.76 -1.84 0.24
C THR I 136 23.24 -2.16 0.03
N GLN I 137 24.11 -1.27 0.48
CA GLN I 137 25.55 -1.40 0.24
C GLN I 137 26.03 -2.63 0.99
N TYR I 138 25.55 -2.80 2.21
CA TYR I 138 26.02 -3.88 3.10
C TYR I 138 25.90 -5.24 2.43
N MET I 139 24.76 -5.47 1.79
CA MET I 139 24.39 -6.78 1.21
C MET I 139 25.00 -6.94 -0.19
N THR I 140 24.99 -5.87 -1.00
CA THR I 140 25.51 -5.90 -2.40
C THR I 140 27.04 -5.91 -2.40
N ASN I 141 27.66 -4.86 -1.90
CA ASN I 141 29.13 -4.77 -1.94
C ASN I 141 29.61 -4.60 -0.52
N ARG I 142 29.79 -5.70 0.17
CA ARG I 142 30.15 -5.64 1.59
C ARG I 142 31.55 -5.06 1.78
N ALA I 143 32.46 -5.31 0.86
CA ALA I 143 33.85 -4.87 1.01
C ALA I 143 33.83 -3.35 1.15
N GLU I 144 33.14 -2.72 0.22
CA GLU I 144 33.03 -1.26 0.19
C GLU I 144 32.42 -0.76 1.49
N HIS I 145 31.30 -1.35 1.89
CA HIS I 145 30.56 -0.92 3.11
C HIS I 145 31.50 -0.88 4.32
N ASP I 146 32.24 -1.95 4.49
CA ASP I 146 33.17 -2.06 5.64
C ASP I 146 34.30 -1.05 5.49
N ARG I 147 34.86 -0.91 4.30
CA ARG I 147 35.97 0.02 4.04
C ARG I 147 35.57 1.42 4.56
N MET I 148 34.32 1.81 4.30
CA MET I 148 33.78 3.15 4.64
C MET I 148 33.43 3.25 6.13
N ALA I 149 32.88 2.19 6.71
CA ALA I 149 32.49 2.20 8.14
C ALA I 149 33.75 2.45 8.97
N ARG I 150 34.89 1.93 8.48
CA ARG I 150 36.21 2.09 9.12
C ARG I 150 36.70 3.53 8.98
N GLN I 151 36.48 4.16 7.82
CA GLN I 151 36.91 5.56 7.58
C GLN I 151 36.14 6.49 8.50
N TRP I 152 34.82 6.37 8.54
CA TRP I 152 33.95 7.18 9.42
C TRP I 152 34.34 6.98 10.88
N THR I 153 34.76 5.77 11.24
CA THR I 153 35.21 5.45 12.61
C THR I 153 36.49 6.26 12.89
N LYS I 154 37.45 6.21 11.96
CA LYS I 154 38.75 6.94 12.10
C LYS I 154 38.51 8.44 12.16
N ARG I 155 37.66 8.93 11.27
CA ARG I 155 37.36 10.36 11.04
C ARG I 155 36.57 10.98 12.20
N TYR I 156 35.51 10.34 12.72
CA TYR I 156 34.59 10.94 13.74
C TYR I 156 34.76 10.37 15.16
N ALA I 157 35.28 9.15 15.31
CA ALA I 157 35.34 8.47 16.62
C ALA I 157 36.77 8.39 17.17
N THR I 158 37.73 9.12 16.61
CA THR I 158 39.13 9.12 17.12
C THR I 158 39.63 10.54 17.34
N MET J 3 9.40 -5.52 3.58
CA MET J 3 9.09 -6.99 3.36
C MET J 3 7.59 -7.15 3.06
N SER J 4 6.72 -6.52 3.86
CA SER J 4 5.25 -6.47 3.66
C SER J 4 4.90 -5.67 2.39
N LYS J 5 5.27 -4.37 2.38
CA LYS J 5 4.96 -3.44 1.26
C LYS J 5 5.80 -3.80 0.04
N ASN J 6 7.07 -4.19 0.24
CA ASN J 6 7.99 -4.54 -0.87
C ASN J 6 7.65 -5.92 -1.47
N SER J 7 6.76 -6.71 -0.86
CA SER J 7 6.25 -7.97 -1.46
C SER J 7 4.97 -7.71 -2.25
N LYS J 8 4.03 -6.92 -1.69
CA LYS J 8 2.73 -6.65 -2.34
C LYS J 8 3.01 -5.87 -3.62
N LEU J 9 3.96 -4.94 -3.55
CA LEU J 9 4.43 -4.14 -4.71
C LEU J 9 4.89 -5.09 -5.81
N LEU J 10 5.70 -6.08 -5.44
CA LEU J 10 6.30 -7.01 -6.42
C LEU J 10 5.17 -7.85 -7.04
N SER J 11 4.19 -8.28 -6.24
CA SER J 11 3.04 -9.09 -6.71
C SER J 11 2.28 -8.33 -7.80
N THR J 12 1.96 -7.07 -7.54
CA THR J 12 1.09 -6.22 -8.39
C THR J 12 1.79 -5.90 -9.73
N SER J 13 2.98 -5.33 -9.68
CA SER J 13 3.78 -4.98 -10.87
C SER J 13 3.98 -6.23 -11.74
N ALA J 14 4.43 -7.33 -11.14
CA ALA J 14 4.72 -8.60 -11.85
C ALA J 14 3.45 -9.07 -12.54
N LYS J 15 2.31 -8.91 -11.89
CA LYS J 15 1.02 -9.38 -12.45
C LYS J 15 0.79 -8.60 -13.74
N ARG J 16 1.05 -7.30 -13.73
CA ARG J 16 0.73 -6.48 -14.92
C ARG J 16 1.83 -6.63 -15.98
N ILE J 17 3.11 -6.70 -15.61
CA ILE J 17 4.20 -6.98 -16.59
C ILE J 17 3.92 -8.31 -17.32
N GLN J 18 3.37 -9.32 -16.64
CA GLN J 18 3.05 -10.64 -17.26
C GLN J 18 1.92 -10.43 -18.28
N LYS J 19 1.02 -9.52 -17.99
CA LYS J 19 -0.16 -9.22 -18.85
C LYS J 19 0.32 -8.58 -20.17
N GLU J 20 1.38 -7.79 -20.09
CA GLU J 20 1.91 -6.98 -21.21
C GLU J 20 2.82 -7.84 -22.04
N LEU J 21 3.51 -8.77 -21.40
CA LEU J 21 4.35 -9.76 -22.11
C LEU J 21 3.49 -10.63 -23.04
N ALA J 22 2.26 -10.93 -22.63
CA ALA J 22 1.30 -11.71 -23.44
C ALA J 22 0.84 -10.89 -24.63
N ASP J 23 0.50 -9.63 -24.40
CA ASP J 23 -0.09 -8.76 -25.45
C ASP J 23 1.00 -8.39 -26.44
N ILE J 24 2.18 -8.03 -25.97
CA ILE J 24 3.30 -7.61 -26.85
C ILE J 24 3.66 -8.79 -27.76
N THR J 25 3.62 -10.02 -27.25
CA THR J 25 3.98 -11.21 -28.08
C THR J 25 2.87 -11.48 -29.10
N LEU J 26 1.60 -11.43 -28.68
CA LEU J 26 0.41 -11.65 -29.55
C LEU J 26 0.39 -10.56 -30.63
N ASP J 27 0.36 -9.32 -30.17
CA ASP J 27 0.04 -8.13 -30.98
C ASP J 27 1.15 -7.08 -30.84
N PRO J 28 2.37 -7.35 -31.36
CA PRO J 28 3.47 -6.41 -31.18
C PRO J 28 3.28 -5.18 -32.05
N PRO J 29 3.88 -4.05 -31.63
CA PRO J 29 3.86 -2.85 -32.47
C PRO J 29 4.65 -3.10 -33.76
N PRO J 30 4.31 -2.45 -34.88
CA PRO J 30 5.04 -2.69 -36.12
C PRO J 30 6.50 -2.27 -35.94
N ASN J 31 7.41 -3.06 -36.52
CA ASN J 31 8.87 -2.80 -36.55
C ASN J 31 9.45 -2.94 -35.14
N CYS J 32 8.70 -3.50 -34.18
CA CYS J 32 9.16 -3.65 -32.77
C CYS J 32 9.07 -5.11 -32.35
N SER J 33 9.88 -5.41 -31.37
CA SER J 33 9.97 -6.69 -30.64
C SER J 33 10.40 -6.35 -29.22
N ALA J 34 9.87 -7.02 -28.21
CA ALA J 34 10.32 -6.82 -26.81
C ALA J 34 10.04 -8.04 -25.94
N GLY J 35 10.91 -8.27 -24.98
CA GLY J 35 10.64 -9.29 -23.95
C GLY J 35 11.76 -9.32 -22.93
N PRO J 36 11.60 -10.11 -21.85
CA PRO J 36 12.61 -10.16 -20.79
C PRO J 36 13.97 -10.68 -21.25
N LYS J 37 15.04 -10.10 -20.71
CA LYS J 37 16.42 -10.56 -21.02
C LYS J 37 16.61 -11.99 -20.50
N GLY J 38 15.99 -12.32 -19.37
CA GLY J 38 16.12 -13.62 -18.71
C GLY J 38 15.05 -13.88 -17.67
N ASP J 39 15.43 -14.41 -16.51
CA ASP J 39 14.50 -14.84 -15.43
C ASP J 39 13.78 -13.61 -14.87
N ASN J 40 14.50 -12.50 -14.80
CA ASN J 40 14.02 -11.23 -14.21
C ASN J 40 13.01 -10.59 -15.16
N ILE J 41 11.75 -10.57 -14.74
CA ILE J 41 10.61 -10.04 -15.53
C ILE J 41 10.73 -8.51 -15.60
N TYR J 42 11.46 -7.89 -14.69
CA TYR J 42 11.57 -6.41 -14.59
C TYR J 42 12.57 -5.85 -15.61
N GLU J 43 13.52 -6.66 -16.09
CA GLU J 43 14.55 -6.19 -17.05
C GLU J 43 14.28 -6.77 -18.45
N TRP J 44 13.87 -5.93 -19.41
CA TRP J 44 13.57 -6.32 -20.82
C TRP J 44 14.54 -5.70 -21.82
N ARG J 45 14.67 -6.37 -22.97
CA ARG J 45 15.40 -5.84 -24.15
C ARG J 45 14.41 -5.71 -25.32
N SER J 46 14.43 -4.56 -25.99
CA SER J 46 13.58 -4.32 -27.18
C SER J 46 14.42 -4.07 -28.43
N THR J 47 13.91 -4.47 -29.60
CA THR J 47 14.57 -4.29 -30.91
C THR J 47 13.67 -3.39 -31.76
N ILE J 48 14.11 -2.19 -32.08
CA ILE J 48 13.30 -1.30 -32.96
C ILE J 48 13.97 -1.20 -34.33
N LEU J 49 13.21 -1.33 -35.40
CA LEU J 49 13.69 -1.02 -36.76
C LEU J 49 13.35 0.44 -37.03
N GLY J 50 14.28 1.15 -37.64
CA GLY J 50 14.08 2.57 -37.96
C GLY J 50 12.86 2.74 -38.84
N PRO J 51 11.91 3.65 -38.50
CA PRO J 51 10.69 3.80 -39.28
C PRO J 51 10.97 3.94 -40.77
N PRO J 52 10.17 3.30 -41.66
CA PRO J 52 10.36 3.48 -43.10
C PRO J 52 9.98 4.92 -43.46
N GLY J 53 10.74 5.53 -44.37
CA GLY J 53 10.53 6.93 -44.79
C GLY J 53 11.29 7.91 -43.91
N SER J 54 11.63 7.54 -42.67
CA SER J 54 12.48 8.37 -41.79
C SER J 54 13.96 8.29 -42.23
N VAL J 55 14.80 9.14 -41.66
CA VAL J 55 16.28 9.12 -41.83
C VAL J 55 16.88 7.84 -41.19
N TYR J 56 16.17 7.22 -40.26
CA TYR J 56 16.67 6.05 -39.51
C TYR J 56 16.31 4.76 -40.25
N GLU J 57 15.60 4.88 -41.37
CA GLU J 57 15.29 3.73 -42.25
C GLU J 57 16.56 2.90 -42.45
N GLY J 58 16.43 1.58 -42.32
CA GLY J 58 17.53 0.62 -42.55
C GLY J 58 18.30 0.27 -41.29
N GLY J 59 18.10 1.02 -40.21
CA GLY J 59 18.82 0.81 -38.94
C GLY J 59 18.09 -0.13 -37.99
N VAL J 60 18.87 -0.82 -37.17
CA VAL J 60 18.36 -1.70 -36.09
C VAL J 60 18.85 -1.11 -34.79
N PHE J 61 17.92 -0.75 -33.92
CA PHE J 61 18.17 -0.02 -32.66
C PHE J 61 17.76 -0.88 -31.47
N PHE J 62 18.67 -1.10 -30.53
CA PHE J 62 18.34 -1.84 -29.30
C PHE J 62 18.00 -0.86 -28.17
N LEU J 63 17.04 -1.27 -27.34
CA LEU J 63 16.58 -0.48 -26.17
C LEU J 63 16.64 -1.34 -24.93
N ASP J 64 16.82 -0.69 -23.79
CA ASP J 64 16.85 -1.33 -22.47
C ASP J 64 15.63 -0.85 -21.69
N ILE J 65 14.66 -1.72 -21.50
CA ILE J 65 13.45 -1.40 -20.72
C ILE J 65 13.63 -1.94 -19.31
N THR J 66 13.39 -1.11 -18.30
CA THR J 66 13.48 -1.55 -16.88
C THR J 66 12.22 -1.14 -16.13
N PHE J 67 11.53 -2.10 -15.55
CA PHE J 67 10.32 -1.83 -14.75
C PHE J 67 10.72 -1.76 -13.29
N THR J 68 9.92 -1.08 -12.48
CA THR J 68 10.14 -1.00 -11.02
C THR J 68 8.98 -1.69 -10.32
N PRO J 69 9.13 -2.06 -9.04
CA PRO J 69 8.02 -2.69 -8.32
C PRO J 69 6.79 -1.77 -8.19
N GLU J 70 6.95 -0.48 -8.50
CA GLU J 70 5.83 0.50 -8.45
C GLU J 70 5.14 0.61 -9.79
N TYR J 71 5.55 -0.16 -10.79
CA TYR J 71 4.87 -0.17 -12.12
C TYR J 71 3.46 -0.73 -11.95
N PRO J 72 2.40 -0.25 -12.63
CA PRO J 72 2.42 0.82 -13.63
C PRO J 72 2.27 2.25 -13.10
N PHE J 73 2.38 2.47 -11.79
CA PHE J 73 2.06 3.81 -11.21
C PHE J 73 3.23 4.75 -11.48
N LYS J 74 4.42 4.19 -11.63
CA LYS J 74 5.63 4.94 -12.05
C LYS J 74 6.06 4.39 -13.40
N PRO J 75 6.58 5.23 -14.33
CA PRO J 75 6.95 4.77 -15.66
C PRO J 75 8.17 3.87 -15.66
N PRO J 76 8.38 3.11 -16.74
CA PRO J 76 9.55 2.26 -16.83
C PRO J 76 10.72 3.11 -17.33
N LYS J 77 11.92 2.61 -17.13
CA LYS J 77 13.15 3.30 -17.57
C LYS J 77 13.52 2.72 -18.93
N VAL J 78 13.37 3.54 -19.96
CA VAL J 78 13.69 3.16 -21.37
C VAL J 78 14.88 3.99 -21.85
N THR J 79 15.96 3.33 -22.25
CA THR J 79 17.21 3.95 -22.76
C THR J 79 17.64 3.24 -24.04
N PHE J 80 18.05 3.97 -25.08
CA PHE J 80 18.61 3.39 -26.32
C PHE J 80 19.99 2.83 -26.02
N ARG J 81 20.32 1.63 -26.49
CA ARG J 81 21.68 1.01 -26.36
C ARG J 81 22.37 0.90 -27.75
N THR J 82 21.85 1.67 -28.73
CA THR J 82 22.48 1.94 -30.04
C THR J 82 22.64 3.47 -30.13
N ARG J 83 23.76 3.96 -30.64
CA ARG J 83 23.96 5.42 -30.85
C ARG J 83 23.02 5.92 -31.93
N ILE J 84 22.44 7.11 -31.72
CA ILE J 84 21.40 7.69 -32.62
C ILE J 84 21.50 9.23 -32.66
N TYR J 85 21.32 9.79 -33.86
CA TYR J 85 21.38 11.26 -34.09
C TYR J 85 19.96 11.78 -33.97
N HIS J 86 19.59 12.30 -32.81
CA HIS J 86 18.21 12.77 -32.58
C HIS J 86 18.21 13.90 -31.56
N CYS J 87 17.42 14.94 -31.78
CA CYS J 87 17.39 16.08 -30.82
C CYS J 87 16.80 15.69 -29.45
N ASN J 88 16.06 14.58 -29.35
CA ASN J 88 15.40 14.13 -28.09
C ASN J 88 16.12 12.90 -27.49
N ILE J 89 17.27 12.51 -28.04
CA ILE J 89 18.03 11.32 -27.56
C ILE J 89 19.51 11.68 -27.54
N ASN J 90 20.11 11.66 -26.36
CA ASN J 90 21.53 12.06 -26.17
C ASN J 90 22.49 10.87 -26.45
N SER J 91 23.80 11.12 -26.32
CA SER J 91 24.88 10.12 -26.54
C SER J 91 24.78 8.97 -25.52
N GLN J 92 24.15 9.21 -24.36
CA GLN J 92 23.97 8.20 -23.27
C GLN J 92 22.65 7.42 -23.46
N GLY J 93 21.99 7.57 -24.61
CA GLY J 93 20.74 6.85 -24.95
C GLY J 93 19.52 7.35 -24.20
N VAL J 94 19.64 8.42 -23.44
CA VAL J 94 18.51 8.93 -22.62
C VAL J 94 17.44 9.48 -23.56
N ILE J 95 16.21 9.01 -23.42
CA ILE J 95 15.08 9.47 -24.26
C ILE J 95 14.33 10.55 -23.53
N CYS J 96 14.15 11.69 -24.18
CA CYS J 96 13.32 12.81 -23.68
C CYS J 96 11.93 12.72 -24.32
N LEU J 97 11.05 11.94 -23.71
CA LEU J 97 9.65 11.77 -24.16
C LEU J 97 8.74 12.08 -22.98
N ASP J 98 7.70 12.92 -23.18
CA ASP J 98 6.78 13.37 -22.09
C ASP J 98 6.27 12.18 -21.26
N ILE J 99 5.82 11.10 -21.90
CA ILE J 99 5.17 9.96 -21.18
C ILE J 99 6.17 9.18 -20.34
N LEU J 100 7.48 9.29 -20.59
CA LEU J 100 8.45 8.61 -19.70
C LEU J 100 8.79 9.50 -18.50
N LYS J 101 8.25 10.73 -18.45
CA LYS J 101 8.51 11.74 -17.39
C LYS J 101 7.16 12.18 -16.79
N ASP J 102 6.98 13.48 -16.56
CA ASP J 102 5.74 14.08 -15.96
C ASP J 102 4.43 13.48 -16.52
N ASN J 103 4.34 13.16 -17.81
CA ASN J 103 3.05 12.88 -18.47
C ASN J 103 2.76 11.38 -18.52
N TRP J 104 3.40 10.60 -17.66
CA TRP J 104 3.14 9.14 -17.57
C TRP J 104 1.74 8.89 -17.02
N SER J 105 1.09 7.85 -17.50
CA SER J 105 -0.23 7.41 -17.01
C SER J 105 -0.17 5.93 -16.70
N PRO J 106 -0.70 5.44 -15.56
CA PRO J 106 -0.70 4.00 -15.32
C PRO J 106 -1.60 3.22 -16.31
N ALA J 107 -2.43 3.87 -17.12
CA ALA J 107 -3.21 3.21 -18.20
C ALA J 107 -2.30 2.87 -19.40
N LEU J 108 -1.12 3.49 -19.49
CA LEU J 108 -0.15 3.25 -20.59
C LEU J 108 0.56 1.92 -20.38
N THR J 109 0.78 1.20 -21.48
CA THR J 109 1.51 -0.08 -21.53
C THR J 109 2.88 0.12 -22.22
N ILE J 110 3.73 -0.90 -22.17
CA ILE J 110 5.06 -0.85 -22.84
C ILE J 110 4.87 -0.85 -24.36
N SER J 111 3.77 -1.40 -24.90
CA SER J 111 3.54 -1.36 -26.37
C SER J 111 3.29 0.08 -26.78
N LYS J 112 2.54 0.81 -25.97
CA LYS J 112 2.18 2.20 -26.33
C LYS J 112 3.42 3.06 -26.18
N VAL J 113 4.30 2.72 -25.26
CA VAL J 113 5.59 3.44 -25.08
C VAL J 113 6.42 3.25 -26.34
N LEU J 114 6.52 2.00 -26.82
CA LEU J 114 7.32 1.66 -28.02
C LEU J 114 6.76 2.33 -29.28
N LEU J 115 5.44 2.42 -29.44
CA LEU J 115 4.85 3.17 -30.57
C LEU J 115 5.23 4.66 -30.48
N SER J 116 5.28 5.22 -29.29
CA SER J 116 5.57 6.67 -29.09
C SER J 116 7.01 6.92 -29.47
N ILE J 117 7.89 5.98 -29.15
CA ILE J 117 9.32 6.08 -29.54
C ILE J 117 9.40 6.06 -31.07
N CYS J 118 8.66 5.18 -31.71
CA CYS J 118 8.64 5.11 -33.19
C CYS J 118 8.13 6.42 -33.79
N SER J 119 7.15 7.07 -33.16
CA SER J 119 6.59 8.37 -33.63
C SER J 119 7.60 9.47 -33.41
N LEU J 120 8.37 9.37 -32.32
CA LEU J 120 9.41 10.36 -31.99
C LEU J 120 10.52 10.25 -33.05
N LEU J 121 10.90 9.03 -33.43
CA LEU J 121 11.90 8.78 -34.50
C LEU J 121 11.43 9.33 -35.84
N THR J 122 10.15 9.16 -36.15
CA THR J 122 9.59 9.66 -37.44
C THR J 122 9.53 11.19 -37.40
N ASP J 123 8.98 11.75 -36.34
CA ASP J 123 8.76 13.22 -36.19
C ASP J 123 9.29 13.66 -34.82
N CYS J 124 10.49 14.22 -34.79
CA CYS J 124 11.16 14.67 -33.54
C CYS J 124 10.51 15.96 -33.04
N ASN J 125 10.75 16.29 -31.78
CA ASN J 125 10.22 17.51 -31.15
C ASN J 125 11.37 18.46 -30.81
N PRO J 126 11.73 19.41 -31.72
CA PRO J 126 12.79 20.37 -31.42
C PRO J 126 12.41 21.43 -30.36
N ALA J 127 11.12 21.49 -29.98
CA ALA J 127 10.60 22.43 -28.95
C ALA J 127 11.12 22.03 -27.57
N ASP J 128 11.28 20.74 -27.30
CA ASP J 128 11.79 20.17 -26.03
C ASP J 128 13.04 19.36 -26.35
N PRO J 129 14.18 20.01 -26.67
CA PRO J 129 15.36 19.25 -27.07
C PRO J 129 16.24 18.80 -25.90
N LEU J 130 16.74 17.58 -26.01
CA LEU J 130 17.76 17.01 -25.10
C LEU J 130 19.14 17.37 -25.63
N VAL J 131 19.26 17.50 -26.95
CA VAL J 131 20.51 17.89 -27.66
C VAL J 131 20.19 19.15 -28.47
N GLY J 132 20.45 20.32 -27.88
CA GLY J 132 20.17 21.65 -28.45
C GLY J 132 20.79 21.87 -29.83
N SER J 133 22.03 21.45 -30.03
CA SER J 133 22.78 21.61 -31.30
C SER J 133 22.01 20.96 -32.46
N ILE J 134 21.47 19.75 -32.22
CA ILE J 134 20.76 18.96 -33.26
C ILE J 134 19.39 19.60 -33.52
N ALA J 135 18.73 20.12 -32.49
CA ALA J 135 17.41 20.78 -32.60
C ALA J 135 17.52 22.03 -33.47
N THR J 136 18.52 22.85 -33.19
CA THR J 136 18.83 24.09 -33.95
C THR J 136 19.10 23.73 -35.42
N GLN J 137 19.78 22.61 -35.66
CA GLN J 137 20.12 22.16 -37.04
C GLN J 137 18.84 21.74 -37.77
N TYR J 138 17.97 20.97 -37.11
CA TYR J 138 16.69 20.47 -37.67
C TYR J 138 15.83 21.60 -38.23
N MET J 139 15.85 22.77 -37.60
CA MET J 139 14.97 23.90 -38.01
C MET J 139 15.70 24.84 -38.97
N THR J 140 17.00 25.09 -38.78
CA THR J 140 17.77 26.00 -39.67
C THR J 140 18.17 25.26 -40.95
N ASN J 141 18.92 24.16 -40.82
CA ASN J 141 19.49 23.42 -41.98
C ASN J 141 18.99 21.98 -41.91
N ARG J 142 17.76 21.78 -42.37
CA ARG J 142 17.03 20.49 -42.35
C ARG J 142 17.78 19.43 -43.15
N ALA J 143 18.28 19.79 -44.33
CA ALA J 143 18.98 18.87 -45.26
C ALA J 143 20.25 18.31 -44.61
N GLU J 144 21.00 19.18 -43.91
CA GLU J 144 22.29 18.79 -43.27
C GLU J 144 22.01 17.90 -42.06
N HIS J 145 20.92 18.16 -41.34
CA HIS J 145 20.49 17.31 -40.20
C HIS J 145 20.20 15.90 -40.71
N ASP J 146 19.31 15.81 -41.70
CA ASP J 146 18.86 14.54 -42.30
C ASP J 146 20.05 13.77 -42.90
N ARG J 147 21.03 14.49 -43.42
CA ARG J 147 22.28 13.89 -43.96
C ARG J 147 23.06 13.23 -42.82
N MET J 148 23.31 13.97 -41.74
CA MET J 148 24.11 13.49 -40.59
C MET J 148 23.37 12.37 -39.87
N ALA J 149 22.03 12.41 -39.88
CA ALA J 149 21.20 11.36 -39.24
C ALA J 149 21.28 10.04 -40.02
N ARG J 150 21.42 10.08 -41.35
CA ARG J 150 21.55 8.87 -42.21
C ARG J 150 22.95 8.30 -42.07
N GLN J 151 23.94 9.17 -41.87
CA GLN J 151 25.37 8.77 -41.74
C GLN J 151 25.59 8.00 -40.43
N TRP J 152 25.00 8.47 -39.34
CA TRP J 152 25.00 7.81 -38.01
C TRP J 152 24.22 6.49 -38.05
N THR J 153 23.12 6.44 -38.81
CA THR J 153 22.28 5.23 -38.98
C THR J 153 23.11 4.14 -39.67
N LYS J 154 23.83 4.49 -40.73
CA LYS J 154 24.66 3.51 -41.48
C LYS J 154 25.82 3.00 -40.60
N ARG J 155 26.51 3.91 -39.90
CA ARG J 155 27.75 3.60 -39.13
C ARG J 155 27.44 2.89 -37.79
N TYR J 156 26.37 3.25 -37.07
CA TYR J 156 26.10 2.65 -35.73
C TYR J 156 24.95 1.64 -35.75
N ALA J 157 23.97 1.76 -36.65
CA ALA J 157 22.74 0.91 -36.61
C ALA J 157 22.76 -0.20 -37.67
N THR J 158 23.89 -0.44 -38.34
CA THR J 158 24.04 -1.55 -39.33
C THR J 158 25.31 -2.36 -39.02
N LYS K 8 27.49 -40.54 14.81
CA LYS K 8 26.24 -40.20 14.06
C LYS K 8 26.64 -39.53 12.74
N LEU K 9 27.84 -38.98 12.70
CA LEU K 9 28.42 -38.40 11.48
C LEU K 9 28.13 -39.34 10.30
N LEU K 10 28.70 -40.54 10.34
CA LEU K 10 28.70 -41.51 9.22
C LEU K 10 27.27 -41.93 8.83
N SER K 11 26.37 -42.13 9.80
CA SER K 11 24.99 -42.59 9.51
C SER K 11 24.20 -41.50 8.76
N THR K 12 24.42 -40.22 9.08
CA THR K 12 23.71 -39.07 8.45
C THR K 12 24.09 -38.96 6.97
N SER K 13 25.40 -38.88 6.71
CA SER K 13 25.99 -38.80 5.35
C SER K 13 25.57 -40.02 4.52
N ALA K 14 25.74 -41.23 5.08
CA ALA K 14 25.44 -42.52 4.39
C ALA K 14 23.95 -42.60 4.01
N LYS K 15 23.07 -42.11 4.89
CA LYS K 15 21.59 -42.12 4.72
C LYS K 15 21.18 -41.30 3.48
N ARG K 16 21.81 -40.16 3.24
CA ARG K 16 21.47 -39.29 2.10
C ARG K 16 22.09 -39.92 0.88
N ILE K 17 23.40 -40.10 0.95
CA ILE K 17 24.18 -40.62 -0.21
C ILE K 17 23.32 -41.77 -0.75
N GLN K 18 22.74 -42.57 0.14
CA GLN K 18 21.84 -43.68 -0.25
C GLN K 18 20.61 -43.13 -0.97
N LYS K 19 20.05 -42.02 -0.50
CA LYS K 19 18.85 -41.40 -1.12
C LYS K 19 19.19 -40.87 -2.51
N GLU K 20 20.37 -40.25 -2.64
CA GLU K 20 20.84 -39.67 -3.93
C GLU K 20 21.12 -40.79 -4.93
N LEU K 21 21.71 -41.89 -4.47
CA LEU K 21 22.03 -43.08 -5.32
C LEU K 21 20.74 -43.64 -5.95
N ALA K 22 19.63 -43.60 -5.22
CA ALA K 22 18.32 -44.05 -5.72
C ALA K 22 17.82 -43.08 -6.80
N ASP K 23 17.91 -41.77 -6.54
CA ASP K 23 17.40 -40.72 -7.46
C ASP K 23 18.28 -40.64 -8.72
N ILE K 24 19.60 -40.70 -8.56
CA ILE K 24 20.54 -40.58 -9.71
C ILE K 24 20.33 -41.79 -10.65
N THR K 25 20.00 -42.96 -10.13
CA THR K 25 19.75 -44.17 -10.96
C THR K 25 18.40 -44.03 -11.69
N LEU K 26 17.36 -43.61 -10.97
CA LEU K 26 15.97 -43.40 -11.48
C LEU K 26 15.98 -42.27 -12.53
N ASP K 27 16.49 -41.11 -12.14
CA ASP K 27 16.44 -39.84 -12.89
C ASP K 27 17.85 -39.27 -12.99
N PRO K 28 18.74 -39.87 -13.83
CA PRO K 28 20.09 -39.35 -13.98
C PRO K 28 20.10 -38.06 -14.78
N PRO K 29 21.09 -37.17 -14.57
CA PRO K 29 21.18 -35.94 -15.35
C PRO K 29 21.42 -36.27 -16.82
N PRO K 30 20.95 -35.44 -17.79
CA PRO K 30 21.22 -35.70 -19.20
C PRO K 30 22.73 -35.81 -19.44
N ASN K 31 23.14 -36.83 -20.19
CA ASN K 31 24.53 -37.13 -20.60
C ASN K 31 25.42 -37.45 -19.38
N CYS K 32 24.83 -37.81 -18.24
CA CYS K 32 25.60 -38.16 -17.02
C CYS K 32 25.18 -39.51 -16.47
N SER K 33 26.09 -40.08 -15.68
CA SER K 33 25.96 -41.40 -15.01
C SER K 33 26.87 -41.35 -13.78
N ALA K 34 26.42 -41.79 -12.61
CA ALA K 34 27.23 -41.77 -11.37
C ALA K 34 26.78 -42.85 -10.38
N GLY K 35 27.75 -43.53 -9.76
CA GLY K 35 27.49 -44.57 -8.75
C GLY K 35 28.76 -45.03 -8.05
N PRO K 36 28.64 -45.79 -6.94
CA PRO K 36 29.81 -46.26 -6.21
C PRO K 36 30.76 -47.17 -7.01
N LYS K 37 32.05 -47.04 -6.74
CA LYS K 37 33.11 -47.89 -7.37
C LYS K 37 33.00 -49.31 -6.84
N GLY K 38 32.59 -49.47 -5.58
CA GLY K 38 32.42 -50.80 -4.95
C GLY K 38 31.58 -50.74 -3.69
N ASP K 39 31.99 -51.50 -2.65
CA ASP K 39 31.30 -51.60 -1.34
C ASP K 39 31.25 -50.23 -0.65
N ASN K 40 32.29 -49.41 -0.83
CA ASN K 40 32.41 -48.08 -0.17
C ASN K 40 31.44 -47.10 -0.82
N ILE K 41 30.41 -46.70 -0.08
CA ILE K 41 29.36 -45.74 -0.53
C ILE K 41 29.96 -44.33 -0.69
N TYR K 42 31.06 -44.01 -0.01
CA TYR K 42 31.69 -42.66 -0.04
C TYR K 42 32.55 -42.45 -1.30
N GLU K 43 33.05 -43.52 -1.92
CA GLU K 43 33.94 -43.43 -3.12
C GLU K 43 33.16 -43.81 -4.39
N TRP K 44 32.92 -42.84 -5.28
CA TRP K 44 32.06 -43.01 -6.49
C TRP K 44 32.83 -42.85 -7.81
N ARG K 45 32.27 -43.46 -8.86
CA ARG K 45 32.75 -43.37 -10.27
C ARG K 45 31.60 -42.86 -11.13
N SER K 46 31.87 -41.79 -11.88
CA SER K 46 30.89 -41.12 -12.75
C SER K 46 31.41 -41.06 -14.17
N THR K 47 30.51 -40.76 -15.12
CA THR K 47 30.79 -40.65 -16.57
C THR K 47 29.99 -39.46 -17.13
N ILE K 48 30.67 -38.45 -17.65
CA ILE K 48 30.01 -37.30 -18.32
C ILE K 48 30.36 -37.37 -19.80
N LEU K 49 29.34 -37.40 -20.66
CA LEU K 49 29.56 -37.33 -22.13
C LEU K 49 29.70 -35.85 -22.47
N GLY K 50 30.62 -35.53 -23.38
CA GLY K 50 30.87 -34.13 -23.77
C GLY K 50 29.60 -33.49 -24.30
N PRO K 51 29.22 -32.27 -23.82
CA PRO K 51 27.96 -31.66 -24.24
C PRO K 51 27.81 -31.60 -25.76
N PRO K 52 26.60 -31.89 -26.33
CA PRO K 52 26.41 -31.83 -27.77
C PRO K 52 26.52 -30.37 -28.22
N GLY K 53 27.16 -30.15 -29.37
CA GLY K 53 27.41 -28.80 -29.91
C GLY K 53 28.71 -28.21 -29.40
N SER K 54 29.18 -28.60 -28.22
CA SER K 54 30.44 -28.08 -27.62
C SER K 54 31.67 -28.67 -28.33
N VAL K 55 32.84 -28.16 -27.97
CA VAL K 55 34.16 -28.68 -28.46
C VAL K 55 34.43 -30.07 -27.87
N TYR K 56 33.77 -30.43 -26.77
CA TYR K 56 33.95 -31.74 -26.08
C TYR K 56 32.99 -32.80 -26.65
N GLU K 57 32.13 -32.43 -27.62
CA GLU K 57 31.17 -33.32 -28.34
C GLU K 57 31.84 -34.60 -28.81
N GLY K 58 31.35 -35.75 -28.36
CA GLY K 58 31.82 -37.10 -28.76
C GLY K 58 32.82 -37.70 -27.79
N GLY K 59 33.23 -36.94 -26.76
CA GLY K 59 34.17 -37.40 -25.74
C GLY K 59 33.44 -38.03 -24.56
N VAL K 60 34.09 -38.99 -23.93
CA VAL K 60 33.61 -39.65 -22.68
C VAL K 60 34.64 -39.33 -21.61
N PHE K 61 34.23 -38.58 -20.60
CA PHE K 61 35.12 -38.10 -19.51
C PHE K 61 34.71 -38.76 -18.20
N PHE K 62 35.67 -39.38 -17.51
CA PHE K 62 35.46 -40.04 -16.20
C PHE K 62 35.88 -39.11 -15.05
N LEU K 63 35.21 -39.25 -13.90
CA LEU K 63 35.44 -38.40 -12.70
C LEU K 63 35.56 -39.26 -11.43
N ASP K 64 36.21 -38.70 -10.41
CA ASP K 64 36.36 -39.34 -9.08
C ASP K 64 35.65 -38.51 -8.01
N ILE K 65 34.52 -39.02 -7.51
CA ILE K 65 33.68 -38.34 -6.49
C ILE K 65 33.97 -38.98 -5.13
N THR K 66 34.64 -38.25 -4.23
CA THR K 66 35.01 -38.72 -2.87
C THR K 66 34.21 -37.93 -1.82
N PHE K 67 33.18 -38.54 -1.23
CA PHE K 67 32.36 -37.92 -0.14
C PHE K 67 33.08 -38.01 1.20
N THR K 68 32.71 -37.12 2.11
CA THR K 68 33.22 -37.07 3.52
C THR K 68 32.07 -37.40 4.47
N PRO K 69 32.35 -37.93 5.70
CA PRO K 69 31.29 -38.13 6.70
C PRO K 69 30.53 -36.84 7.11
N GLU K 70 31.08 -35.67 6.76
CA GLU K 70 30.47 -34.35 7.02
C GLU K 70 29.54 -33.90 5.88
N TYR K 71 29.33 -34.74 4.85
CA TYR K 71 28.36 -34.46 3.75
C TYR K 71 26.94 -34.54 4.32
N PRO K 72 25.97 -33.66 3.94
CA PRO K 72 26.13 -32.59 2.95
C PRO K 72 26.59 -31.20 3.44
N PHE K 73 27.11 -31.09 4.66
CA PHE K 73 27.47 -29.77 5.25
C PHE K 73 28.76 -29.25 4.60
N LYS K 74 29.63 -30.17 4.19
CA LYS K 74 30.91 -29.87 3.48
C LYS K 74 30.81 -30.52 2.10
N PRO K 75 31.35 -29.89 1.02
CA PRO K 75 31.19 -30.43 -0.34
C PRO K 75 31.97 -31.71 -0.62
N PRO K 76 31.64 -32.43 -1.71
CA PRO K 76 32.39 -33.62 -2.10
C PRO K 76 33.62 -33.29 -2.96
N LYS K 77 34.67 -34.11 -2.88
CA LYS K 77 35.90 -33.92 -3.69
C LYS K 77 35.67 -34.52 -5.09
N VAL K 78 35.51 -33.66 -6.10
CA VAL K 78 35.23 -34.07 -7.52
C VAL K 78 36.45 -33.71 -8.39
N THR K 79 37.16 -34.72 -8.90
CA THR K 79 38.39 -34.52 -9.73
C THR K 79 38.30 -35.31 -11.05
N PHE K 80 38.82 -34.74 -12.12
CA PHE K 80 38.92 -35.42 -13.44
C PHE K 80 40.11 -36.38 -13.40
N ARG K 81 39.97 -37.49 -14.11
CA ARG K 81 41.09 -38.44 -14.35
C ARG K 81 41.66 -38.07 -15.71
N THR K 82 40.69 -38.09 -16.63
CA THR K 82 40.72 -37.84 -18.07
C THR K 82 41.17 -36.41 -18.36
N ARG K 83 42.16 -36.31 -19.21
CA ARG K 83 42.73 -34.99 -19.55
C ARG K 83 41.72 -34.17 -20.34
N ILE K 84 41.59 -32.90 -20.02
CA ILE K 84 40.71 -32.02 -20.82
C ILE K 84 41.36 -30.65 -21.03
N TYR K 85 41.09 -30.06 -22.18
CA TYR K 85 41.55 -28.70 -22.52
C TYR K 85 40.47 -27.72 -22.07
N HIS K 86 40.61 -27.18 -20.87
CA HIS K 86 39.60 -26.30 -20.24
C HIS K 86 40.30 -25.33 -19.29
N CYS K 87 39.94 -24.04 -19.32
CA CYS K 87 40.60 -23.02 -18.48
C CYS K 87 40.32 -23.26 -16.99
N ASN K 88 39.23 -23.94 -16.65
CA ASN K 88 38.80 -24.17 -15.23
C ASN K 88 39.16 -25.58 -14.76
N ILE K 89 39.93 -26.34 -15.55
CA ILE K 89 40.38 -27.72 -15.21
C ILE K 89 41.87 -27.86 -15.55
N ASN K 90 42.73 -28.02 -14.53
CA ASN K 90 44.23 -28.05 -14.70
C ASN K 90 44.71 -29.48 -15.07
N SER K 91 46.03 -29.60 -15.32
CA SER K 91 46.78 -30.82 -15.77
C SER K 91 46.35 -32.08 -15.00
N GLN K 92 46.29 -32.01 -13.67
CA GLN K 92 45.95 -33.15 -12.77
C GLN K 92 44.47 -33.56 -12.94
N GLY K 93 43.58 -32.56 -13.05
CA GLY K 93 42.11 -32.73 -13.10
C GLY K 93 41.34 -32.03 -11.98
N VAL K 94 41.93 -30.98 -11.37
CA VAL K 94 41.26 -30.16 -10.32
C VAL K 94 40.19 -29.29 -11.00
N ILE K 95 38.96 -29.31 -10.48
CA ILE K 95 37.83 -28.52 -11.04
C ILE K 95 37.74 -27.22 -10.25
N CYS K 96 37.78 -26.08 -10.93
CA CYS K 96 37.54 -24.74 -10.33
C CYS K 96 36.07 -24.34 -10.57
N LEU K 97 35.18 -24.84 -9.71
CA LEU K 97 33.72 -24.57 -9.74
C LEU K 97 33.33 -24.02 -8.36
N ASP K 98 32.63 -22.89 -8.32
CA ASP K 98 32.27 -22.15 -7.06
C ASP K 98 31.63 -23.10 -6.04
N ILE K 99 30.66 -23.92 -6.45
CA ILE K 99 29.88 -24.78 -5.52
C ILE K 99 30.76 -25.90 -4.93
N LEU K 100 31.91 -26.25 -5.53
CA LEU K 100 32.81 -27.30 -4.95
C LEU K 100 33.80 -26.72 -3.94
N LYS K 101 33.82 -25.39 -3.76
CA LYS K 101 34.77 -24.71 -2.85
C LYS K 101 34.00 -23.87 -1.82
N ASP K 102 33.91 -22.55 -2.02
CA ASP K 102 33.44 -21.56 -1.00
C ASP K 102 31.95 -21.25 -1.16
N ASN K 103 31.28 -21.72 -2.22
CA ASN K 103 29.85 -21.41 -2.50
C ASN K 103 28.98 -22.67 -2.37
N TRP K 104 29.41 -23.65 -1.58
CA TRP K 104 28.64 -24.89 -1.36
C TRP K 104 27.47 -24.64 -0.40
N SER K 105 26.31 -25.23 -0.67
CA SER K 105 25.08 -25.20 0.19
C SER K 105 24.65 -26.62 0.49
N PRO K 106 24.16 -26.95 1.71
CA PRO K 106 23.74 -28.32 2.02
C PRO K 106 22.48 -28.79 1.27
N ALA K 107 21.80 -27.88 0.58
CA ALA K 107 20.63 -28.15 -0.28
C ALA K 107 21.07 -28.79 -1.60
N LEU K 108 22.33 -28.62 -2.02
CA LEU K 108 22.84 -29.16 -3.31
C LEU K 108 23.06 -30.68 -3.23
N THR K 109 22.68 -31.38 -4.29
CA THR K 109 22.85 -32.85 -4.47
C THR K 109 24.05 -33.12 -5.39
N ILE K 110 24.38 -34.39 -5.60
CA ILE K 110 25.46 -34.78 -6.57
C ILE K 110 24.91 -34.63 -7.99
N SER K 111 23.60 -34.79 -8.20
CA SER K 111 22.92 -34.60 -9.51
C SER K 111 23.08 -33.14 -9.97
N LYS K 112 22.90 -32.20 -9.05
CA LYS K 112 23.02 -30.74 -9.34
C LYS K 112 24.49 -30.36 -9.57
N VAL K 113 25.44 -31.05 -8.94
CA VAL K 113 26.91 -30.82 -9.12
C VAL K 113 27.36 -31.34 -10.49
N LEU K 114 26.77 -32.43 -10.98
CA LEU K 114 27.07 -33.00 -12.32
C LEU K 114 26.55 -32.05 -13.41
N LEU K 115 25.34 -31.48 -13.23
CA LEU K 115 24.73 -30.55 -14.21
C LEU K 115 25.57 -29.27 -14.30
N SER K 116 26.14 -28.81 -13.18
CA SER K 116 26.99 -27.59 -13.13
C SER K 116 28.29 -27.86 -13.89
N ILE K 117 28.84 -29.07 -13.77
CA ILE K 117 30.07 -29.45 -14.53
C ILE K 117 29.72 -29.46 -16.03
N CYS K 118 28.58 -30.00 -16.41
CA CYS K 118 28.11 -30.00 -17.82
C CYS K 118 27.95 -28.56 -18.34
N SER K 119 27.46 -27.63 -17.50
CA SER K 119 27.31 -26.20 -17.86
C SER K 119 28.70 -25.56 -17.97
N LEU K 120 29.64 -25.99 -17.13
CA LEU K 120 31.04 -25.48 -17.13
C LEU K 120 31.70 -25.90 -18.44
N LEU K 121 31.49 -27.15 -18.87
CA LEU K 121 32.02 -27.69 -20.16
C LEU K 121 31.40 -26.94 -21.34
N THR K 122 30.11 -26.60 -21.27
CA THR K 122 29.38 -25.88 -22.36
C THR K 122 29.88 -24.42 -22.39
N ASP K 123 29.92 -23.76 -21.24
CA ASP K 123 30.32 -22.34 -21.10
C ASP K 123 31.37 -22.23 -20.00
N CYS K 124 32.64 -22.11 -20.38
CA CYS K 124 33.77 -21.95 -19.42
C CYS K 124 33.78 -20.53 -18.85
N ASN K 125 34.46 -20.34 -17.72
CA ASN K 125 34.58 -19.03 -17.02
C ASN K 125 36.04 -18.56 -17.05
N PRO K 126 36.46 -17.78 -18.09
CA PRO K 126 37.83 -17.26 -18.12
C PRO K 126 38.16 -16.17 -17.09
N ALA K 127 37.14 -15.67 -16.36
CA ALA K 127 37.28 -14.64 -15.30
C ALA K 127 38.00 -15.24 -14.08
N ASP K 128 37.73 -16.51 -13.77
CA ASP K 128 38.34 -17.28 -12.65
C ASP K 128 39.09 -18.47 -13.25
N PRO K 129 40.24 -18.26 -13.91
CA PRO K 129 40.92 -19.36 -14.61
C PRO K 129 41.88 -20.15 -13.71
N LEU K 130 41.85 -21.46 -13.88
CA LEU K 130 42.79 -22.41 -13.22
C LEU K 130 43.99 -22.64 -14.15
N VAL K 131 43.79 -22.47 -15.46
CA VAL K 131 44.84 -22.52 -16.51
C VAL K 131 44.79 -21.19 -17.28
N GLY K 132 45.63 -20.23 -16.86
CA GLY K 132 45.70 -18.86 -17.43
C GLY K 132 45.88 -18.84 -18.94
N SER K 133 46.79 -19.68 -19.46
CA SER K 133 47.14 -19.74 -20.90
C SER K 133 45.90 -20.05 -21.75
N ILE K 134 45.06 -20.99 -21.29
CA ILE K 134 43.84 -21.43 -22.03
C ILE K 134 42.77 -20.34 -21.96
N ALA K 135 42.66 -19.64 -20.81
CA ALA K 135 41.69 -18.54 -20.60
C ALA K 135 41.99 -17.39 -21.55
N THR K 136 43.26 -16.98 -21.62
CA THR K 136 43.76 -15.90 -22.50
C THR K 136 43.46 -16.26 -23.96
N GLN K 137 43.57 -17.54 -24.30
CA GLN K 137 43.33 -18.04 -25.68
C GLN K 137 41.83 -17.96 -26.01
N TYR K 138 40.95 -18.41 -25.11
CA TYR K 138 39.47 -18.40 -25.31
C TYR K 138 38.96 -16.99 -25.65
N MET K 139 39.60 -15.93 -25.16
CA MET K 139 39.14 -14.53 -25.37
C MET K 139 39.86 -13.88 -26.56
N THR K 140 41.17 -14.11 -26.73
CA THR K 140 41.95 -13.53 -27.86
C THR K 140 41.67 -14.30 -29.16
N ASN K 141 41.92 -15.61 -29.16
CA ASN K 141 41.82 -16.47 -30.37
C ASN K 141 40.88 -17.66 -30.07
N ARG K 142 39.56 -17.41 -30.15
CA ARG K 142 38.46 -18.39 -29.92
C ARG K 142 38.60 -19.63 -30.81
N ALA K 143 38.85 -19.42 -32.11
CA ALA K 143 38.93 -20.49 -33.12
C ALA K 143 40.07 -21.46 -32.78
N GLU K 144 41.24 -20.93 -32.38
CA GLU K 144 42.43 -21.75 -32.04
C GLU K 144 42.19 -22.51 -30.73
N HIS K 145 41.48 -21.90 -29.79
CA HIS K 145 41.08 -22.53 -28.50
C HIS K 145 40.17 -23.71 -28.80
N ASP K 146 39.18 -23.52 -29.67
CA ASP K 146 38.24 -24.58 -30.09
C ASP K 146 38.99 -25.69 -30.85
N ARG K 147 39.99 -25.36 -31.69
CA ARG K 147 40.79 -26.39 -32.43
C ARG K 147 41.63 -27.23 -31.46
N MET K 148 42.20 -26.60 -30.42
CA MET K 148 43.01 -27.31 -29.40
C MET K 148 42.12 -28.26 -28.59
N ALA K 149 40.92 -27.80 -28.21
CA ALA K 149 39.96 -28.56 -27.36
C ALA K 149 39.39 -29.78 -28.11
N ARG K 150 39.17 -29.68 -29.42
CA ARG K 150 38.64 -30.82 -30.24
C ARG K 150 39.74 -31.89 -30.43
N GLN K 151 41.00 -31.51 -30.58
CA GLN K 151 42.15 -32.46 -30.74
C GLN K 151 42.38 -33.24 -29.44
N TRP K 152 42.29 -32.56 -28.30
CA TRP K 152 42.41 -33.19 -26.95
C TRP K 152 41.23 -34.13 -26.69
N THR K 153 40.02 -33.75 -27.12
CA THR K 153 38.82 -34.58 -26.92
C THR K 153 38.95 -35.86 -27.75
N LYS K 154 39.36 -35.76 -29.01
CA LYS K 154 39.53 -36.93 -29.91
C LYS K 154 40.61 -37.84 -29.35
N ARG K 155 41.74 -37.28 -28.94
CA ARG K 155 42.91 -38.07 -28.46
C ARG K 155 42.63 -38.72 -27.10
N TYR K 156 42.18 -37.97 -26.09
CA TYR K 156 42.12 -38.48 -24.70
C TYR K 156 40.73 -39.00 -24.30
N ALA K 157 39.66 -38.51 -24.92
CA ALA K 157 38.26 -38.84 -24.52
C ALA K 157 37.60 -39.85 -25.49
N THR K 158 38.37 -40.49 -26.38
CA THR K 158 37.86 -41.55 -27.29
C THR K 158 38.79 -42.77 -27.21
N SER L 11 -0.71 -45.32 49.16
CA SER L 11 0.68 -44.85 49.46
C SER L 11 0.71 -43.31 49.61
N THR L 12 -0.21 -42.58 48.96
CA THR L 12 -0.39 -41.12 49.15
C THR L 12 -0.77 -40.79 50.61
N SER L 13 -1.87 -41.37 51.06
CA SER L 13 -2.42 -41.24 52.43
C SER L 13 -1.36 -41.70 53.42
N ALA L 14 -0.77 -42.89 53.19
CA ALA L 14 0.26 -43.49 54.09
C ALA L 14 1.44 -42.52 54.24
N LYS L 15 1.92 -41.97 53.13
CA LYS L 15 3.07 -41.01 53.12
C LYS L 15 2.73 -39.81 54.00
N ARG L 16 1.48 -39.31 53.92
CA ARG L 16 1.00 -38.17 54.73
C ARG L 16 0.86 -38.59 56.20
N ILE L 17 0.21 -39.73 56.49
CA ILE L 17 0.02 -40.24 57.88
C ILE L 17 1.40 -40.41 58.51
N GLN L 18 2.38 -40.91 57.76
CA GLN L 18 3.74 -41.16 58.27
C GLN L 18 4.39 -39.83 58.67
N LYS L 19 4.14 -38.77 57.91
CA LYS L 19 4.73 -37.43 58.21
C LYS L 19 4.12 -36.86 59.47
N GLU L 20 2.81 -37.04 59.64
CA GLU L 20 2.08 -36.56 60.84
C GLU L 20 2.53 -37.35 62.07
N LEU L 21 2.70 -38.66 61.95
CA LEU L 21 3.17 -39.55 63.05
C LEU L 21 4.53 -39.06 63.57
N ALA L 22 5.40 -38.56 62.70
CA ALA L 22 6.71 -37.99 63.07
C ALA L 22 6.52 -36.67 63.84
N ASP L 23 5.67 -35.79 63.35
CA ASP L 23 5.47 -34.46 63.97
C ASP L 23 4.69 -34.59 65.29
N ILE L 24 3.67 -35.44 65.32
CA ILE L 24 2.85 -35.66 66.56
C ILE L 24 3.77 -36.21 67.66
N THR L 25 4.75 -37.05 67.33
CA THR L 25 5.69 -37.62 68.34
C THR L 25 6.64 -36.53 68.82
N LEU L 26 7.18 -35.73 67.89
CA LEU L 26 8.13 -34.61 68.14
C LEU L 26 7.48 -33.52 69.02
N ASP L 27 6.41 -32.88 68.57
CA ASP L 27 5.70 -31.85 69.37
C ASP L 27 4.23 -32.25 69.44
N PRO L 28 3.84 -33.08 70.44
CA PRO L 28 2.43 -33.43 70.61
C PRO L 28 1.64 -32.26 71.17
N PRO L 29 0.34 -32.11 70.82
CA PRO L 29 -0.47 -31.02 71.35
C PRO L 29 -0.59 -31.13 72.87
N PRO L 30 -0.90 -30.00 73.58
CA PRO L 30 -1.10 -30.03 75.03
C PRO L 30 -2.18 -31.04 75.42
N ASN L 31 -1.87 -31.88 76.41
CA ASN L 31 -2.80 -32.86 77.03
C ASN L 31 -3.17 -33.96 76.03
N CYS L 32 -2.40 -34.15 74.96
CA CYS L 32 -2.76 -35.16 73.92
C CYS L 32 -1.59 -36.08 73.63
N SER L 33 -1.94 -37.22 73.06
CA SER L 33 -1.04 -38.34 72.68
C SER L 33 -1.78 -39.16 71.62
N ALA L 34 -1.09 -39.56 70.54
CA ALA L 34 -1.71 -40.37 69.46
C ALA L 34 -0.69 -41.16 68.64
N GLY L 35 -1.16 -42.28 68.07
CA GLY L 35 -0.35 -43.15 67.20
C GLY L 35 -1.11 -44.40 66.76
N PRO L 36 -0.55 -45.19 65.82
CA PRO L 36 -1.20 -46.41 65.35
C PRO L 36 -1.26 -47.50 66.42
N LYS L 37 -2.25 -48.38 66.30
CA LYS L 37 -2.51 -49.50 67.24
C LYS L 37 -1.50 -50.62 67.00
N GLY L 38 -1.26 -50.99 65.75
CA GLY L 38 -0.31 -52.07 65.39
C GLY L 38 0.29 -51.89 64.02
N ASP L 39 0.29 -52.97 63.23
CA ASP L 39 0.83 -53.07 61.85
C ASP L 39 0.16 -52.02 60.95
N ASN L 40 -1.13 -51.87 61.14
CA ASN L 40 -2.01 -51.04 60.30
C ASN L 40 -1.80 -49.56 60.65
N ILE L 41 -1.20 -48.81 59.73
CA ILE L 41 -0.95 -47.33 59.90
C ILE L 41 -2.28 -46.56 59.84
N TYR L 42 -3.34 -47.12 59.25
CA TYR L 42 -4.65 -46.42 59.10
C TYR L 42 -5.45 -46.44 60.40
N GLU L 43 -5.22 -47.43 61.28
CA GLU L 43 -5.99 -47.62 62.54
C GLU L 43 -5.15 -47.12 63.72
N TRP L 44 -5.53 -45.97 64.27
CA TRP L 44 -4.83 -45.27 65.38
C TRP L 44 -5.67 -45.28 66.65
N ARG L 45 -5.07 -44.74 67.71
CA ARG L 45 -5.70 -44.51 69.02
C ARG L 45 -5.12 -43.24 69.63
N SER L 46 -5.94 -42.46 70.34
CA SER L 46 -5.45 -41.23 71.02
C SER L 46 -5.92 -41.15 72.46
N THR L 47 -5.08 -40.54 73.29
CA THR L 47 -5.38 -40.29 74.72
C THR L 47 -5.45 -38.80 74.94
N ILE L 48 -6.60 -38.34 75.37
CA ILE L 48 -6.81 -36.90 75.71
C ILE L 48 -7.03 -36.81 77.20
N LEU L 49 -6.30 -35.92 77.83
CA LEU L 49 -6.54 -35.59 79.26
C LEU L 49 -7.59 -34.48 79.28
N GLY L 50 -8.53 -34.60 80.21
CA GLY L 50 -9.59 -33.60 80.41
C GLY L 50 -8.96 -32.22 80.60
N PRO L 51 -9.42 -31.17 79.87
CA PRO L 51 -8.84 -29.85 80.03
C PRO L 51 -8.82 -29.40 81.49
N PRO L 52 -7.73 -28.74 81.95
CA PRO L 52 -7.71 -28.19 83.30
C PRO L 52 -8.75 -27.07 83.37
N GLY L 53 -9.48 -26.99 84.49
CA GLY L 53 -10.52 -25.96 84.72
C GLY L 53 -11.88 -26.39 84.18
N SER L 54 -11.91 -27.35 83.25
CA SER L 54 -13.19 -27.97 82.80
C SER L 54 -13.74 -28.96 83.85
N VAL L 55 -14.98 -29.41 83.66
CA VAL L 55 -15.64 -30.45 84.50
C VAL L 55 -14.97 -31.80 84.25
N TYR L 56 -14.25 -31.93 83.13
CA TYR L 56 -13.57 -33.19 82.71
C TYR L 56 -12.15 -33.27 83.29
N GLU L 57 -11.73 -32.23 84.02
CA GLU L 57 -10.40 -32.18 84.68
C GLU L 57 -10.18 -33.49 85.45
N GLY L 58 -9.01 -34.09 85.27
CA GLY L 58 -8.62 -35.32 85.98
C GLY L 58 -8.98 -36.59 85.24
N GLY L 59 -9.77 -36.48 84.15
CA GLY L 59 -10.22 -37.63 83.36
C GLY L 59 -9.26 -37.95 82.22
N VAL L 60 -9.18 -39.23 81.87
CA VAL L 60 -8.33 -39.73 80.76
C VAL L 60 -9.28 -40.39 79.76
N PHE L 61 -9.29 -39.85 78.53
CA PHE L 61 -10.27 -40.25 77.49
C PHE L 61 -9.55 -40.91 76.32
N PHE L 62 -9.94 -42.14 75.97
CA PHE L 62 -9.36 -42.91 74.85
C PHE L 62 -10.24 -42.78 73.62
N LEU L 63 -9.60 -42.59 72.47
CA LEU L 63 -10.29 -42.32 71.19
C LEU L 63 -9.80 -43.30 70.12
N ASP L 64 -10.66 -43.62 69.16
CA ASP L 64 -10.30 -44.48 68.00
C ASP L 64 -10.28 -43.64 66.72
N ILE L 65 -9.08 -43.28 66.27
CA ILE L 65 -8.87 -42.55 64.98
C ILE L 65 -8.69 -43.58 63.87
N THR L 66 -9.44 -43.44 62.79
CA THR L 66 -9.33 -44.35 61.61
C THR L 66 -9.21 -43.49 60.34
N PHE L 67 -8.09 -43.65 59.63
CA PHE L 67 -7.83 -42.95 58.34
C PHE L 67 -8.35 -43.81 57.20
N THR L 68 -8.65 -43.17 56.09
CA THR L 68 -9.13 -43.83 54.86
C THR L 68 -8.07 -43.66 53.79
N PRO L 69 -8.05 -44.49 52.73
CA PRO L 69 -7.06 -44.31 51.66
C PRO L 69 -7.18 -42.95 50.96
N GLU L 70 -8.34 -42.30 51.12
CA GLU L 70 -8.64 -40.98 50.52
C GLU L 70 -8.14 -39.85 51.42
N TYR L 71 -7.50 -40.16 52.55
CA TYR L 71 -6.94 -39.12 53.45
C TYR L 71 -5.79 -38.43 52.72
N PRO L 72 -5.61 -37.08 52.78
CA PRO L 72 -6.42 -36.17 53.60
C PRO L 72 -7.62 -35.50 52.92
N PHE L 73 -8.04 -35.99 51.76
CA PHE L 73 -9.14 -35.35 50.98
C PHE L 73 -10.46 -35.60 51.69
N LYS L 74 -10.57 -36.72 52.39
CA LYS L 74 -11.74 -37.11 53.22
C LYS L 74 -11.25 -37.21 54.66
N PRO L 75 -12.08 -36.80 55.66
CA PRO L 75 -11.65 -36.77 57.06
C PRO L 75 -11.42 -38.15 57.65
N PRO L 76 -10.68 -38.25 58.78
CA PRO L 76 -10.60 -39.50 59.52
C PRO L 76 -11.87 -39.69 60.37
N LYS L 77 -12.16 -40.95 60.72
CA LYS L 77 -13.25 -41.30 61.67
C LYS L 77 -12.66 -41.27 63.08
N VAL L 78 -13.06 -40.27 63.87
CA VAL L 78 -12.62 -40.10 65.28
C VAL L 78 -13.82 -40.30 66.20
N THR L 79 -13.67 -41.15 67.21
CA THR L 79 -14.73 -41.45 68.20
C THR L 79 -14.10 -41.63 69.57
N PHE L 80 -14.87 -41.40 70.62
CA PHE L 80 -14.48 -41.61 72.04
C PHE L 80 -14.82 -43.04 72.42
N ARG L 81 -13.85 -43.81 72.92
CA ARG L 81 -14.17 -45.15 73.48
C ARG L 81 -14.53 -44.99 74.97
N THR L 82 -14.08 -43.92 75.62
CA THR L 82 -14.43 -43.54 77.03
C THR L 82 -15.77 -42.79 77.09
N ARG L 83 -16.61 -43.16 78.06
CA ARG L 83 -17.93 -42.53 78.31
C ARG L 83 -17.70 -41.10 78.78
N ILE L 84 -18.52 -40.17 78.30
CA ILE L 84 -18.39 -38.74 78.64
C ILE L 84 -19.75 -38.06 78.58
N TYR L 85 -20.02 -37.17 79.54
CA TYR L 85 -21.27 -36.38 79.64
C TYR L 85 -21.04 -35.07 78.91
N HIS L 86 -21.42 -35.00 77.64
CA HIS L 86 -21.13 -33.87 76.74
C HIS L 86 -22.25 -33.75 75.70
N CYS L 87 -22.79 -32.56 75.50
CA CYS L 87 -23.95 -32.39 74.57
C CYS L 87 -23.53 -32.60 73.10
N ASN L 88 -22.23 -32.69 72.78
CA ASN L 88 -21.73 -32.91 71.40
C ASN L 88 -21.11 -34.31 71.22
N ILE L 89 -21.21 -35.17 72.23
CA ILE L 89 -20.64 -36.54 72.21
C ILE L 89 -21.68 -37.49 72.79
N ASN L 90 -22.18 -38.44 72.00
CA ASN L 90 -23.27 -39.33 72.47
C ASN L 90 -22.66 -40.61 73.06
N SER L 91 -23.53 -41.56 73.43
CA SER L 91 -23.18 -42.86 74.05
C SER L 91 -22.33 -43.71 73.09
N GLN L 92 -22.40 -43.41 71.79
CA GLN L 92 -21.63 -44.17 70.77
C GLN L 92 -20.20 -43.63 70.67
N GLY L 93 -19.92 -42.47 71.24
CA GLY L 93 -18.59 -41.81 71.14
C GLY L 93 -18.49 -40.93 69.91
N VAL L 94 -19.60 -40.77 69.19
CA VAL L 94 -19.64 -39.92 67.98
C VAL L 94 -19.44 -38.45 68.41
N ILE L 95 -18.53 -37.73 67.73
CA ILE L 95 -18.20 -36.30 68.04
C ILE L 95 -18.85 -35.38 67.02
N CYS L 96 -19.75 -34.50 67.46
CA CYS L 96 -20.45 -33.52 66.61
C CYS L 96 -19.53 -32.31 66.45
N LEU L 97 -18.54 -32.45 65.58
CA LEU L 97 -17.57 -31.37 65.30
C LEU L 97 -17.61 -31.11 63.81
N ASP L 98 -17.87 -29.85 63.42
CA ASP L 98 -17.99 -29.42 61.99
C ASP L 98 -16.82 -29.96 61.15
N ILE L 99 -15.57 -29.84 61.60
CA ILE L 99 -14.37 -30.26 60.78
C ILE L 99 -14.32 -31.78 60.55
N LEU L 100 -15.02 -32.61 61.32
CA LEU L 100 -15.02 -34.06 61.03
C LEU L 100 -16.16 -34.40 60.07
N LYS L 101 -16.95 -33.42 59.61
CA LYS L 101 -18.14 -33.62 58.74
C LYS L 101 -18.04 -32.78 57.45
N ASP L 102 -18.87 -31.73 57.33
CA ASP L 102 -19.03 -30.93 56.09
C ASP L 102 -17.94 -29.86 55.99
N ASN L 103 -17.21 -29.59 57.07
CA ASN L 103 -16.26 -28.45 57.12
C ASN L 103 -14.83 -29.01 57.19
N TRP L 104 -14.63 -30.26 56.81
CA TRP L 104 -13.27 -30.87 56.74
C TRP L 104 -12.47 -30.17 55.67
N SER L 105 -11.19 -29.97 55.92
CA SER L 105 -10.25 -29.39 54.94
C SER L 105 -9.04 -30.30 54.81
N PRO L 106 -8.56 -30.58 53.58
CA PRO L 106 -7.37 -31.42 53.45
C PRO L 106 -6.09 -30.77 53.99
N ALA L 107 -6.14 -29.47 54.32
CA ALA L 107 -5.04 -28.75 54.99
C ALA L 107 -4.94 -29.17 56.46
N LEU L 108 -6.02 -29.71 57.03
CA LEU L 108 -6.09 -30.05 58.48
C LEU L 108 -5.32 -31.33 58.76
N THR L 109 -4.59 -31.34 59.87
CA THR L 109 -3.81 -32.50 60.38
C THR L 109 -4.53 -33.07 61.60
N ILE L 110 -4.15 -34.28 62.01
CA ILE L 110 -4.78 -34.96 63.18
C ILE L 110 -4.42 -34.17 64.46
N SER L 111 -3.29 -33.47 64.48
CA SER L 111 -2.89 -32.59 65.61
C SER L 111 -3.92 -31.47 65.80
N LYS L 112 -4.36 -30.85 64.71
CA LYS L 112 -5.28 -29.67 64.75
C LYS L 112 -6.68 -30.15 65.11
N VAL L 113 -7.00 -31.39 64.73
CA VAL L 113 -8.31 -32.02 65.05
C VAL L 113 -8.36 -32.25 66.55
N LEU L 114 -7.28 -32.76 67.12
CA LEU L 114 -7.19 -33.05 68.59
C LEU L 114 -7.29 -31.74 69.40
N LEU L 115 -6.69 -30.64 68.94
CA LEU L 115 -6.80 -29.33 69.62
C LEU L 115 -8.26 -28.86 69.62
N SER L 116 -8.98 -29.12 68.53
CA SER L 116 -10.40 -28.70 68.36
C SER L 116 -11.26 -29.48 69.34
N ILE L 117 -10.93 -30.75 69.52
CA ILE L 117 -11.64 -31.61 70.51
C ILE L 117 -11.37 -31.08 71.92
N CYS L 118 -10.13 -30.71 72.24
CA CYS L 118 -9.79 -30.08 73.54
C CYS L 118 -10.60 -28.81 73.74
N SER L 119 -10.80 -28.01 72.70
CA SER L 119 -11.58 -26.75 72.79
C SER L 119 -13.06 -27.09 72.98
N LEU L 120 -13.51 -28.18 72.36
CA LEU L 120 -14.94 -28.60 72.41
C LEU L 120 -15.22 -29.09 73.84
N LEU L 121 -14.28 -29.82 74.44
CA LEU L 121 -14.40 -30.30 75.84
C LEU L 121 -14.45 -29.11 76.79
N THR L 122 -13.63 -28.10 76.56
CA THR L 122 -13.54 -26.90 77.44
C THR L 122 -14.83 -26.09 77.30
N ASP L 123 -15.21 -25.82 76.06
CA ASP L 123 -16.40 -24.99 75.73
C ASP L 123 -17.25 -25.77 74.74
N CYS L 124 -18.31 -26.40 75.23
CA CYS L 124 -19.22 -27.19 74.39
C CYS L 124 -20.07 -26.24 73.56
N ASN L 125 -20.72 -26.77 72.54
CA ASN L 125 -21.61 -25.98 71.66
C ASN L 125 -23.03 -26.49 71.82
N PRO L 126 -23.84 -25.95 72.78
CA PRO L 126 -25.23 -26.38 72.91
C PRO L 126 -26.17 -25.93 71.78
N ALA L 127 -25.68 -25.10 70.85
CA ALA L 127 -26.43 -24.64 69.66
C ALA L 127 -26.61 -25.79 68.65
N ASP L 128 -25.59 -26.66 68.53
CA ASP L 128 -25.59 -27.84 67.63
C ASP L 128 -25.41 -29.07 68.50
N PRO L 129 -26.45 -29.47 69.27
CA PRO L 129 -26.31 -30.63 70.15
C PRO L 129 -26.57 -31.97 69.47
N LEU L 130 -25.74 -32.95 69.85
CA LEU L 130 -25.89 -34.38 69.50
C LEU L 130 -26.77 -35.03 70.57
N VAL L 131 -26.71 -34.50 71.78
CA VAL L 131 -27.47 -35.00 72.96
C VAL L 131 -28.29 -33.82 73.49
N GLY L 132 -29.53 -33.74 73.02
CA GLY L 132 -30.44 -32.60 73.26
C GLY L 132 -30.63 -32.33 74.74
N SER L 133 -30.85 -33.39 75.50
CA SER L 133 -31.15 -33.33 76.95
C SER L 133 -30.00 -32.66 77.70
N ILE L 134 -28.75 -32.96 77.32
CA ILE L 134 -27.54 -32.44 78.04
C ILE L 134 -27.35 -30.97 77.70
N ALA L 135 -27.63 -30.60 76.45
CA ALA L 135 -27.54 -29.21 75.96
C ALA L 135 -28.53 -28.33 76.72
N THR L 136 -29.79 -28.78 76.80
CA THR L 136 -30.89 -28.09 77.50
C THR L 136 -30.50 -27.91 78.97
N GLN L 137 -29.81 -28.87 79.54
CA GLN L 137 -29.41 -28.81 80.97
C GLN L 137 -28.30 -27.77 81.16
N TYR L 138 -27.32 -27.73 80.25
CA TYR L 138 -26.15 -26.81 80.28
C TYR L 138 -26.61 -25.35 80.35
N MET L 139 -27.75 -25.07 79.73
CA MET L 139 -28.28 -23.70 79.64
C MET L 139 -29.32 -23.43 80.74
N THR L 140 -30.20 -24.39 81.06
CA THR L 140 -31.25 -24.20 82.10
C THR L 140 -30.62 -24.33 83.49
N ASN L 141 -29.99 -25.47 83.78
CA ASN L 141 -29.44 -25.77 85.12
C ASN L 141 -27.97 -26.16 84.97
N ARG L 142 -27.09 -25.19 84.80
CA ARG L 142 -25.63 -25.40 84.60
C ARG L 142 -25.00 -26.15 85.79
N ALA L 143 -25.35 -25.76 87.01
CA ALA L 143 -24.81 -26.35 88.26
C ALA L 143 -25.04 -27.87 88.26
N GLU L 144 -26.25 -28.32 87.89
CA GLU L 144 -26.69 -29.75 87.77
C GLU L 144 -25.91 -30.46 86.66
N HIS L 145 -25.71 -29.80 85.51
CA HIS L 145 -24.94 -30.33 84.37
C HIS L 145 -23.53 -30.62 84.87
N ASP L 146 -22.89 -29.61 85.43
CA ASP L 146 -21.48 -29.67 85.91
C ASP L 146 -21.38 -30.75 86.99
N ARG L 147 -22.39 -30.89 87.83
CA ARG L 147 -22.45 -31.92 88.91
C ARG L 147 -22.40 -33.32 88.27
N MET L 148 -23.27 -33.54 87.30
CA MET L 148 -23.38 -34.84 86.60
C MET L 148 -22.11 -35.10 85.79
N ALA L 149 -21.52 -34.10 85.12
CA ALA L 149 -20.31 -34.28 84.28
C ALA L 149 -19.09 -34.60 85.14
N ARG L 150 -18.98 -34.05 86.33
CA ARG L 150 -17.86 -34.37 87.24
C ARG L 150 -18.01 -35.81 87.77
N GLN L 151 -19.26 -36.24 88.02
CA GLN L 151 -19.61 -37.61 88.49
C GLN L 151 -19.16 -38.62 87.43
N TRP L 152 -19.61 -38.39 86.18
CA TRP L 152 -19.28 -39.23 85.01
C TRP L 152 -17.78 -39.25 84.76
N THR L 153 -17.09 -38.12 84.96
CA THR L 153 -15.62 -38.02 84.76
C THR L 153 -14.91 -38.92 85.78
N LYS L 154 -15.31 -38.84 87.05
CA LYS L 154 -14.68 -39.63 88.13
C LYS L 154 -14.94 -41.13 87.89
N ARG L 155 -16.18 -41.48 87.61
CA ARG L 155 -16.58 -42.92 87.47
C ARG L 155 -15.98 -43.53 86.19
N TYR L 156 -16.13 -42.92 85.01
CA TYR L 156 -15.76 -43.57 83.73
C TYR L 156 -14.36 -43.20 83.22
N ALA L 157 -13.81 -42.05 83.61
CA ALA L 157 -12.52 -41.57 83.04
C ALA L 157 -11.36 -41.70 84.04
N THR L 158 -11.53 -42.43 85.15
CA THR L 158 -10.46 -42.67 86.15
C THR L 158 -10.39 -44.18 86.45
N LEU M 9 -18.73 28.74 -60.95
CA LEU M 9 -17.28 28.94 -61.36
C LEU M 9 -17.14 30.08 -62.37
N LEU M 10 -18.07 30.23 -63.31
CA LEU M 10 -18.06 31.36 -64.30
C LEU M 10 -18.28 32.68 -63.55
N SER M 11 -19.19 32.71 -62.58
CA SER M 11 -19.51 33.94 -61.81
C SER M 11 -18.32 34.35 -60.95
N THR M 12 -17.57 33.37 -60.42
CA THR M 12 -16.38 33.60 -59.56
C THR M 12 -15.30 34.32 -60.36
N SER M 13 -14.87 33.68 -61.45
CA SER M 13 -13.84 34.19 -62.38
C SER M 13 -14.27 35.56 -62.91
N ALA M 14 -15.50 35.65 -63.41
CA ALA M 14 -16.07 36.89 -64.00
C ALA M 14 -15.96 38.04 -62.98
N LYS M 15 -16.41 37.78 -61.76
CA LYS M 15 -16.43 38.78 -60.65
C LYS M 15 -15.02 39.28 -60.39
N ARG M 16 -14.04 38.38 -60.46
CA ARG M 16 -12.60 38.72 -60.24
C ARG M 16 -12.09 39.52 -61.44
N ILE M 17 -12.33 39.05 -62.66
CA ILE M 17 -11.84 39.74 -63.89
C ILE M 17 -12.42 41.16 -63.89
N GLN M 18 -13.68 41.31 -63.48
CA GLN M 18 -14.38 42.62 -63.46
C GLN M 18 -13.66 43.58 -62.50
N LYS M 19 -13.23 43.11 -61.33
CA LYS M 19 -12.57 43.97 -60.31
C LYS M 19 -11.19 44.41 -60.83
N GLU M 20 -10.49 43.52 -61.54
CA GLU M 20 -9.15 43.80 -62.11
C GLU M 20 -9.29 44.84 -63.24
N LEU M 21 -10.32 44.67 -64.07
CA LEU M 21 -10.61 45.60 -65.21
C LEU M 21 -10.80 47.02 -64.67
N ALA M 22 -11.42 47.17 -63.50
CA ALA M 22 -11.63 48.49 -62.87
C ALA M 22 -10.30 49.08 -62.40
N ASP M 23 -9.46 48.28 -61.76
CA ASP M 23 -8.17 48.78 -61.19
C ASP M 23 -7.16 49.02 -62.32
N ILE M 24 -7.11 48.15 -63.32
CA ILE M 24 -6.17 48.32 -64.47
C ILE M 24 -6.51 49.62 -65.21
N THR M 25 -7.79 49.99 -65.29
CA THR M 25 -8.22 51.23 -65.99
C THR M 25 -7.85 52.45 -65.14
N LEU M 26 -8.10 52.38 -63.83
CA LEU M 26 -7.79 53.45 -62.83
C LEU M 26 -6.27 53.66 -62.77
N ASP M 27 -5.56 52.58 -62.46
CA ASP M 27 -4.11 52.59 -62.16
C ASP M 27 -3.42 51.54 -63.03
N PRO M 28 -3.23 51.79 -64.34
CA PRO M 28 -2.54 50.83 -65.20
C PRO M 28 -1.04 50.79 -64.92
N PRO M 29 -0.38 49.63 -65.16
CA PRO M 29 1.07 49.52 -64.94
C PRO M 29 1.82 50.46 -65.87
N PRO M 30 3.05 50.90 -65.49
CA PRO M 30 3.85 51.78 -66.35
C PRO M 30 4.05 51.14 -67.73
N ASN M 31 3.83 51.93 -68.79
CA ASN M 31 4.05 51.53 -70.22
C ASN M 31 3.09 50.39 -70.61
N CYS M 32 2.01 50.15 -69.88
CA CYS M 32 1.07 49.06 -70.20
C CYS M 32 -0.37 49.59 -70.31
N SER M 33 -1.17 48.79 -70.98
CA SER M 33 -2.62 49.00 -71.21
C SER M 33 -3.22 47.63 -71.42
N ALA M 34 -4.37 47.35 -70.85
CA ALA M 34 -5.08 46.07 -71.11
C ALA M 34 -6.59 46.24 -70.92
N GLY M 35 -7.37 45.59 -71.77
CA GLY M 35 -8.85 45.61 -71.67
C GLY M 35 -9.49 44.55 -72.56
N PRO M 36 -10.79 44.26 -72.34
CA PRO M 36 -11.47 43.24 -73.14
C PRO M 36 -11.59 43.63 -74.62
N LYS M 37 -11.54 42.62 -75.48
CA LYS M 37 -11.69 42.82 -76.94
C LYS M 37 -13.16 43.13 -77.24
N GLY M 38 -14.11 42.48 -76.56
CA GLY M 38 -15.55 42.58 -76.90
C GLY M 38 -16.49 42.23 -75.77
N ASP M 39 -17.64 41.62 -76.10
CA ASP M 39 -18.66 41.16 -75.13
C ASP M 39 -18.06 40.11 -74.19
N ASN M 40 -17.14 39.30 -74.70
CA ASN M 40 -16.47 38.23 -73.93
C ASN M 40 -15.45 38.84 -72.97
N ILE M 41 -15.73 38.79 -71.67
CA ILE M 41 -14.82 39.32 -70.60
C ILE M 41 -13.60 38.42 -70.45
N TYR M 42 -13.65 37.17 -70.90
CA TYR M 42 -12.53 36.20 -70.78
C TYR M 42 -11.44 36.47 -71.83
N GLU M 43 -11.78 37.11 -72.96
CA GLU M 43 -10.83 37.39 -74.06
C GLU M 43 -10.42 38.87 -74.04
N TRP M 44 -9.18 39.13 -73.67
CA TRP M 44 -8.59 40.48 -73.56
C TRP M 44 -7.50 40.71 -74.60
N ARG M 45 -7.07 41.96 -74.67
CA ARG M 45 -5.94 42.44 -75.51
C ARG M 45 -5.09 43.31 -74.59
N SER M 46 -3.81 43.47 -74.90
CA SER M 46 -2.92 44.36 -74.13
C SER M 46 -1.89 45.01 -75.04
N THR M 47 -1.37 46.13 -74.60
CA THR M 47 -0.39 46.93 -75.36
C THR M 47 0.76 47.27 -74.42
N ILE M 48 1.94 46.81 -74.75
CA ILE M 48 3.13 47.02 -73.89
C ILE M 48 4.10 47.85 -74.72
N LEU M 49 4.55 48.96 -74.17
CA LEU M 49 5.57 49.79 -74.85
C LEU M 49 6.91 49.23 -74.39
N GLY M 50 7.86 49.17 -75.31
CA GLY M 50 9.19 48.62 -75.01
C GLY M 50 9.82 49.38 -73.86
N PRO M 51 10.35 48.72 -72.81
CA PRO M 51 10.96 49.44 -71.70
C PRO M 51 12.01 50.45 -72.13
N PRO M 52 12.05 51.68 -71.55
CA PRO M 52 13.07 52.64 -71.93
C PRO M 52 14.41 52.14 -71.40
N GLY M 53 15.48 52.36 -72.16
CA GLY M 53 16.83 51.87 -71.81
C GLY M 53 17.08 50.46 -72.32
N SER M 54 16.03 49.66 -72.56
CA SER M 54 16.15 48.32 -73.19
C SER M 54 16.37 48.45 -74.72
N VAL M 55 16.65 47.33 -75.38
CA VAL M 55 16.76 47.22 -76.86
C VAL M 55 15.37 47.40 -77.50
N TYR M 56 14.30 47.16 -76.73
CA TYR M 56 12.90 47.22 -77.22
C TYR M 56 12.34 48.64 -77.11
N GLU M 57 13.14 49.58 -76.57
CA GLU M 57 12.79 51.02 -76.47
C GLU M 57 12.22 51.49 -77.80
N GLY M 58 11.07 52.17 -77.71
CA GLY M 58 10.39 52.78 -78.87
C GLY M 58 9.42 51.86 -79.57
N GLY M 59 9.33 50.59 -79.17
CA GLY M 59 8.42 49.64 -79.84
C GLY M 59 7.07 49.55 -79.16
N VAL M 60 6.04 49.19 -79.91
CA VAL M 60 4.68 48.92 -79.37
C VAL M 60 4.35 47.46 -79.62
N PHE M 61 4.14 46.71 -78.56
CA PHE M 61 3.93 45.24 -78.65
C PHE M 61 2.52 44.90 -78.19
N PHE M 62 1.81 44.16 -79.02
CA PHE M 62 0.44 43.70 -78.70
C PHE M 62 0.48 42.28 -78.13
N LEU M 63 -0.41 42.03 -77.18
CA LEU M 63 -0.51 40.73 -76.47
C LEU M 63 -1.96 40.29 -76.44
N ASP M 64 -2.17 38.99 -76.36
CA ASP M 64 -3.51 38.36 -76.29
C ASP M 64 -3.63 37.65 -74.95
N ILE M 65 -4.44 38.21 -74.06
CA ILE M 65 -4.71 37.61 -72.73
C ILE M 65 -6.03 36.83 -72.80
N THR M 66 -6.01 35.58 -72.36
CA THR M 66 -7.23 34.73 -72.34
C THR M 66 -7.38 34.10 -70.95
N PHE M 67 -8.47 34.43 -70.26
CA PHE M 67 -8.81 33.85 -68.94
C PHE M 67 -9.71 32.63 -69.15
N THR M 68 -9.74 31.74 -68.15
CA THR M 68 -10.55 30.50 -68.16
C THR M 68 -11.58 30.56 -67.04
N PRO M 69 -12.66 29.74 -67.06
CA PRO M 69 -13.61 29.70 -65.94
C PRO M 69 -12.95 29.30 -64.60
N GLU M 70 -11.70 28.83 -64.63
CA GLU M 70 -11.00 28.40 -63.40
C GLU M 70 -10.13 29.52 -62.86
N TYR M 71 -9.92 30.60 -63.60
CA TYR M 71 -9.20 31.78 -63.07
C TYR M 71 -9.82 32.22 -61.74
N PRO M 72 -9.06 32.63 -60.69
CA PRO M 72 -7.59 32.73 -60.69
C PRO M 72 -6.82 31.48 -60.24
N PHE M 73 -7.48 30.33 -60.16
CA PHE M 73 -6.84 29.09 -59.65
C PHE M 73 -5.87 28.53 -60.71
N LYS M 74 -6.19 28.77 -61.99
CA LYS M 74 -5.34 28.40 -63.14
C LYS M 74 -4.92 29.69 -63.83
N PRO M 75 -3.67 29.79 -64.35
CA PRO M 75 -3.21 31.03 -64.97
C PRO M 75 -3.90 31.36 -66.29
N PRO M 76 -3.86 32.63 -66.73
CA PRO M 76 -4.38 33.00 -68.03
C PRO M 76 -3.36 32.65 -69.12
N LYS M 77 -3.84 32.55 -70.36
CA LYS M 77 -2.98 32.30 -71.54
C LYS M 77 -2.58 33.65 -72.13
N VAL M 78 -1.30 33.98 -72.00
CA VAL M 78 -0.72 35.27 -72.49
C VAL M 78 0.27 34.96 -73.59
N THR M 79 0.03 35.49 -74.78
CA THR M 79 0.92 35.28 -75.95
C THR M 79 1.15 36.60 -76.68
N PHE M 80 2.38 36.80 -77.17
CA PHE M 80 2.72 37.98 -78.00
C PHE M 80 2.07 37.83 -79.37
N ARG M 81 1.55 38.93 -79.88
CA ARG M 81 0.98 38.97 -81.24
C ARG M 81 1.81 39.97 -82.05
N THR M 82 3.00 40.27 -81.54
CA THR M 82 4.04 41.06 -82.23
C THR M 82 5.29 40.21 -82.24
N ARG M 83 6.02 40.24 -83.33
CA ARG M 83 7.28 39.51 -83.39
C ARG M 83 8.30 40.29 -82.55
N ILE M 84 9.11 39.54 -81.80
CA ILE M 84 10.12 40.15 -80.91
C ILE M 84 11.33 39.21 -80.86
N TYR M 85 12.53 39.79 -80.81
CA TYR M 85 13.80 39.07 -80.65
C TYR M 85 14.08 38.89 -79.16
N HIS M 86 13.60 37.79 -78.57
CA HIS M 86 13.66 37.57 -77.10
C HIS M 86 13.87 36.09 -76.83
N CYS M 87 14.83 35.71 -76.01
CA CYS M 87 15.13 34.27 -75.86
C CYS M 87 14.01 33.55 -75.11
N ASN M 88 13.13 34.28 -74.43
CA ASN M 88 12.01 33.67 -73.68
C ASN M 88 10.70 33.76 -74.46
N ILE M 89 10.74 34.21 -75.71
CA ILE M 89 9.52 34.43 -76.54
C ILE M 89 9.81 33.92 -77.95
N ASN M 90 9.09 32.89 -78.36
CA ASN M 90 9.33 32.19 -79.63
C ASN M 90 8.55 32.84 -80.78
N SER M 91 8.59 32.20 -81.94
CA SER M 91 7.98 32.70 -83.19
C SER M 91 6.46 32.77 -83.06
N GLN M 92 5.86 31.89 -82.27
CA GLN M 92 4.37 31.86 -82.25
C GLN M 92 3.86 32.66 -81.05
N GLY M 93 4.75 33.44 -80.42
CA GLY M 93 4.41 34.40 -79.36
C GLY M 93 4.26 33.77 -78.00
N VAL M 94 4.77 32.57 -77.81
CA VAL M 94 4.62 31.91 -76.50
C VAL M 94 5.63 32.52 -75.54
N ILE M 95 5.17 32.86 -74.35
CA ILE M 95 6.06 33.48 -73.36
C ILE M 95 6.47 32.41 -72.36
N CYS M 96 7.77 32.22 -72.20
CA CYS M 96 8.32 31.31 -71.17
C CYS M 96 8.62 32.14 -69.91
N LEU M 97 7.61 32.27 -69.06
CA LEU M 97 7.68 32.99 -67.76
C LEU M 97 7.11 32.03 -66.71
N ASP M 98 7.85 31.82 -65.62
CA ASP M 98 7.53 30.79 -64.59
C ASP M 98 6.10 30.96 -64.09
N ILE M 99 5.66 32.20 -63.81
CA ILE M 99 4.31 32.47 -63.23
C ILE M 99 3.19 32.09 -64.21
N LEU M 100 3.43 32.00 -65.51
CA LEU M 100 2.35 31.57 -66.44
C LEU M 100 2.32 30.04 -66.58
N LYS M 101 3.24 29.33 -65.90
CA LYS M 101 3.44 27.85 -66.00
C LYS M 101 3.27 27.19 -64.61
N ASP M 102 4.35 26.63 -64.04
CA ASP M 102 4.33 25.83 -62.78
C ASP M 102 4.37 26.71 -61.53
N ASN M 103 4.61 28.01 -61.66
CA ASN M 103 4.83 28.90 -60.49
C ASN M 103 3.69 29.93 -60.39
N TRP M 104 2.54 29.63 -61.00
CA TRP M 104 1.35 30.51 -60.92
C TRP M 104 0.82 30.51 -59.48
N SER M 105 0.32 31.67 -59.05
CA SER M 105 -0.32 31.85 -57.73
C SER M 105 -1.69 32.49 -57.93
N PRO M 106 -2.77 32.01 -57.26
CA PRO M 106 -4.07 32.68 -57.40
C PRO M 106 -4.10 34.09 -56.81
N ALA M 107 -3.08 34.49 -56.06
CA ALA M 107 -2.91 35.87 -55.53
C ALA M 107 -2.49 36.82 -56.65
N LEU M 108 -1.96 36.31 -57.75
CA LEU M 108 -1.47 37.16 -58.86
C LEU M 108 -2.64 37.67 -59.69
N THR M 109 -2.53 38.93 -60.08
CA THR M 109 -3.49 39.63 -60.96
C THR M 109 -2.84 39.83 -62.32
N ILE M 110 -3.63 40.20 -63.31
CA ILE M 110 -3.12 40.46 -64.70
C ILE M 110 -2.17 41.66 -64.68
N SER M 111 -2.36 42.62 -63.77
CA SER M 111 -1.45 43.78 -63.61
C SER M 111 -0.04 43.29 -63.24
N LYS M 112 0.04 42.33 -62.32
CA LYS M 112 1.34 41.85 -61.77
C LYS M 112 2.03 40.98 -62.82
N VAL M 113 1.23 40.32 -63.64
CA VAL M 113 1.74 39.52 -64.79
C VAL M 113 2.37 40.47 -65.79
N LEU M 114 1.70 41.59 -66.11
CA LEU M 114 2.21 42.55 -67.12
C LEU M 114 3.50 43.21 -66.63
N LEU M 115 3.64 43.44 -65.33
CA LEU M 115 4.90 44.01 -64.78
C LEU M 115 6.03 42.99 -64.96
N SER M 116 5.73 41.71 -64.79
CA SER M 116 6.74 40.61 -64.92
C SER M 116 7.17 40.54 -66.38
N ILE M 117 6.23 40.72 -67.32
CA ILE M 117 6.57 40.75 -68.76
C ILE M 117 7.50 41.94 -69.04
N CYS M 118 7.21 43.11 -68.49
CA CYS M 118 8.08 44.29 -68.65
C CYS M 118 9.47 44.05 -68.06
N SER M 119 9.56 43.34 -66.93
CA SER M 119 10.86 42.99 -66.31
C SER M 119 11.59 42.00 -67.21
N LEU M 120 10.83 41.11 -67.84
CA LEU M 120 11.41 40.05 -68.72
C LEU M 120 12.00 40.73 -69.95
N LEU M 121 11.31 41.74 -70.50
CA LEU M 121 11.79 42.50 -71.66
C LEU M 121 13.05 43.29 -71.28
N THR M 122 13.11 43.83 -70.07
CA THR M 122 14.27 44.64 -69.63
C THR M 122 15.45 43.71 -69.35
N ASP M 123 15.19 42.64 -68.62
CA ASP M 123 16.21 41.63 -68.22
C ASP M 123 15.69 40.24 -68.56
N CYS M 124 16.14 39.68 -69.67
CA CYS M 124 15.68 38.36 -70.14
C CYS M 124 16.32 37.31 -69.25
N ASN M 125 15.82 36.08 -69.31
CA ASN M 125 16.36 34.94 -68.53
C ASN M 125 16.94 33.92 -69.50
N PRO M 126 18.24 34.02 -69.86
CA PRO M 126 18.82 33.04 -70.76
C PRO M 126 19.02 31.65 -70.13
N ALA M 127 18.81 31.55 -68.82
CA ALA M 127 18.99 30.29 -68.06
C ALA M 127 17.85 29.33 -68.39
N ASP M 128 16.65 29.85 -68.64
CA ASP M 128 15.46 29.06 -69.04
C ASP M 128 15.00 29.61 -70.39
N PRO M 129 15.71 29.28 -71.50
CA PRO M 129 15.38 29.84 -72.79
C PRO M 129 14.30 29.04 -73.53
N LEU M 130 13.49 29.76 -74.28
CA LEU M 130 12.52 29.18 -75.23
C LEU M 130 13.18 29.16 -76.62
N VAL M 131 14.11 30.08 -76.85
CA VAL M 131 14.87 30.20 -78.14
C VAL M 131 16.35 30.14 -77.76
N GLY M 132 16.92 28.93 -77.81
CA GLY M 132 18.30 28.63 -77.39
C GLY M 132 19.32 29.53 -78.06
N SER M 133 19.21 29.68 -79.37
CA SER M 133 20.20 30.41 -80.20
C SER M 133 20.31 31.85 -79.69
N ILE M 134 19.18 32.47 -79.35
CA ILE M 134 19.14 33.90 -78.93
C ILE M 134 19.74 34.03 -77.53
N ALA M 135 19.44 33.06 -76.67
CA ALA M 135 19.98 32.98 -75.29
C ALA M 135 21.52 32.94 -75.33
N THR M 136 22.08 32.02 -76.11
CA THR M 136 23.54 31.83 -76.29
C THR M 136 24.17 33.10 -76.85
N GLN M 137 23.45 33.83 -77.69
CA GLN M 137 23.95 35.07 -78.31
C GLN M 137 24.04 36.15 -77.23
N TYR M 138 22.99 36.28 -76.42
CA TYR M 138 22.90 37.26 -75.32
C TYR M 138 24.09 37.19 -74.36
N MET M 139 24.63 35.98 -74.12
CA MET M 139 25.72 35.77 -73.13
C MET M 139 27.08 35.82 -73.81
N THR M 140 27.22 35.25 -75.00
CA THR M 140 28.52 35.22 -75.70
C THR M 140 28.76 36.54 -76.41
N ASN M 141 27.84 36.96 -77.28
CA ASN M 141 28.01 38.15 -78.16
C ASN M 141 26.82 39.08 -77.95
N ARG M 142 26.82 39.80 -76.83
CA ARG M 142 25.72 40.71 -76.43
C ARG M 142 25.56 41.83 -77.47
N ALA M 143 26.68 42.42 -77.92
CA ALA M 143 26.66 43.54 -78.89
C ALA M 143 25.83 43.15 -80.12
N GLU M 144 26.04 41.93 -80.62
CA GLU M 144 25.35 41.34 -81.80
C GLU M 144 23.87 41.15 -81.50
N HIS M 145 23.55 40.58 -80.33
CA HIS M 145 22.17 40.32 -79.87
C HIS M 145 21.42 41.65 -79.84
N ASP M 146 22.00 42.64 -79.18
CA ASP M 146 21.38 43.97 -79.03
C ASP M 146 21.18 44.61 -80.41
N ARG M 147 22.14 44.44 -81.31
CA ARG M 147 22.11 45.02 -82.70
C ARG M 147 20.79 44.66 -83.40
N MET M 148 20.40 43.38 -83.36
CA MET M 148 19.25 42.79 -84.09
C MET M 148 17.96 42.98 -83.31
N ALA M 149 18.02 42.94 -81.99
CA ALA M 149 16.81 43.13 -81.17
C ALA M 149 16.27 44.52 -81.52
N ARG M 150 17.17 45.46 -81.73
CA ARG M 150 16.85 46.85 -82.13
C ARG M 150 16.29 46.85 -83.56
N GLN M 151 16.95 46.10 -84.44
CA GLN M 151 16.54 45.91 -85.85
C GLN M 151 15.06 45.50 -85.90
N TRP M 152 14.70 44.44 -85.17
CA TRP M 152 13.35 43.83 -85.22
C TRP M 152 12.34 44.72 -84.52
N THR M 153 12.78 45.43 -83.48
CA THR M 153 11.92 46.39 -82.76
C THR M 153 11.49 47.45 -83.78
N LYS M 154 12.43 47.94 -84.56
CA LYS M 154 12.17 48.99 -85.58
C LYS M 154 11.22 48.43 -86.64
N ARG M 155 11.52 47.22 -87.13
CA ARG M 155 10.76 46.60 -88.25
C ARG M 155 9.35 46.21 -87.81
N TYR M 156 9.18 45.47 -86.71
CA TYR M 156 7.85 44.89 -86.37
C TYR M 156 7.09 45.71 -85.34
N ALA M 157 7.75 46.53 -84.52
CA ALA M 157 7.09 47.21 -83.39
C ALA M 157 6.88 48.71 -83.66
N THR M 158 7.13 49.18 -84.89
CA THR M 158 6.97 50.61 -85.26
C THR M 158 6.18 50.69 -86.58
N SER N 7 -16.27 -0.23 2.85
CA SER N 7 -16.82 -1.00 1.68
C SER N 7 -16.11 -2.35 1.51
N LYS N 8 -14.78 -2.37 1.39
CA LYS N 8 -14.08 -3.67 1.38
C LYS N 8 -14.21 -4.29 2.77
N LEU N 9 -14.23 -3.42 3.78
CA LEU N 9 -14.51 -3.78 5.20
C LEU N 9 -15.83 -4.56 5.26
N LEU N 10 -16.87 -4.04 4.61
CA LEU N 10 -18.24 -4.63 4.61
C LEU N 10 -18.20 -6.02 3.96
N SER N 11 -17.51 -6.19 2.84
CA SER N 11 -17.48 -7.48 2.11
C SER N 11 -16.73 -8.54 2.93
N THR N 12 -15.70 -8.12 3.68
CA THR N 12 -14.87 -9.07 4.47
C THR N 12 -15.65 -9.57 5.71
N SER N 13 -16.24 -8.65 6.47
CA SER N 13 -17.09 -8.94 7.66
C SER N 13 -18.28 -9.81 7.22
N ALA N 14 -18.95 -9.38 6.13
CA ALA N 14 -20.10 -10.09 5.55
C ALA N 14 -19.69 -11.52 5.24
N LYS N 15 -18.60 -11.69 4.54
CA LYS N 15 -18.10 -13.01 4.12
C LYS N 15 -17.85 -13.87 5.36
N ARG N 16 -17.46 -13.25 6.46
CA ARG N 16 -17.11 -14.02 7.69
C ARG N 16 -18.42 -14.32 8.44
N ILE N 17 -19.29 -13.32 8.60
CA ILE N 17 -20.63 -13.55 9.22
C ILE N 17 -21.38 -14.64 8.44
N GLN N 18 -21.27 -14.65 7.11
CA GLN N 18 -21.90 -15.68 6.25
C GLN N 18 -21.36 -17.05 6.65
N LYS N 19 -20.07 -17.18 6.89
CA LYS N 19 -19.47 -18.51 7.17
C LYS N 19 -20.03 -18.99 8.51
N GLU N 20 -20.18 -18.08 9.46
CA GLU N 20 -20.56 -18.42 10.84
C GLU N 20 -22.04 -18.77 10.87
N LEU N 21 -22.87 -18.06 10.12
CA LEU N 21 -24.32 -18.39 9.98
C LEU N 21 -24.51 -19.83 9.50
N ALA N 22 -23.65 -20.30 8.60
CA ALA N 22 -23.67 -21.70 8.12
C ALA N 22 -23.26 -22.62 9.25
N ASP N 23 -22.22 -22.29 10.03
CA ASP N 23 -21.65 -23.18 11.08
C ASP N 23 -22.58 -23.20 12.30
N ILE N 24 -23.11 -22.04 12.73
CA ILE N 24 -24.01 -21.99 13.91
C ILE N 24 -25.34 -22.69 13.58
N THR N 25 -25.70 -22.82 12.31
CA THR N 25 -26.92 -23.57 11.94
C THR N 25 -26.62 -25.06 11.93
N LEU N 26 -25.50 -25.46 11.34
CA LEU N 26 -25.03 -26.87 11.18
C LEU N 26 -24.70 -27.45 12.56
N ASP N 27 -23.89 -26.73 13.32
CA ASP N 27 -23.27 -27.20 14.59
C ASP N 27 -23.52 -26.10 15.63
N PRO N 28 -24.77 -25.89 16.07
CA PRO N 28 -25.02 -24.83 17.05
C PRO N 28 -24.46 -25.24 18.39
N PRO N 29 -24.13 -24.27 19.26
CA PRO N 29 -23.71 -24.67 20.60
C PRO N 29 -24.89 -25.33 21.32
N PRO N 30 -24.64 -26.23 22.30
CA PRO N 30 -25.70 -26.84 23.09
C PRO N 30 -26.51 -25.77 23.81
N ASN N 31 -27.85 -25.89 23.73
CA ASN N 31 -28.85 -25.03 24.39
C ASN N 31 -28.86 -23.61 23.81
N CYS N 32 -28.26 -23.37 22.64
CA CYS N 32 -28.30 -22.03 21.99
C CYS N 32 -28.82 -22.15 20.57
N SER N 33 -29.30 -21.03 20.05
CA SER N 33 -29.80 -20.85 18.66
C SER N 33 -29.68 -19.37 18.29
N ALA N 34 -29.35 -19.04 17.03
CA ALA N 34 -29.35 -17.62 16.57
C ALA N 34 -29.37 -17.54 15.06
N GLY N 35 -29.75 -16.36 14.59
CA GLY N 35 -29.53 -16.01 13.18
C GLY N 35 -30.04 -14.59 12.96
N PRO N 36 -29.95 -14.08 11.74
CA PRO N 36 -30.36 -12.71 11.48
C PRO N 36 -31.84 -12.48 11.77
N LYS N 37 -32.13 -11.31 12.32
CA LYS N 37 -33.51 -10.80 12.47
C LYS N 37 -34.20 -10.60 11.12
N GLY N 38 -33.46 -10.19 10.06
CA GLY N 38 -34.06 -9.80 8.77
C GLY N 38 -33.07 -9.85 7.61
N ASP N 39 -33.18 -8.94 6.64
CA ASP N 39 -32.27 -8.90 5.47
C ASP N 39 -30.83 -8.56 5.90
N ASN N 40 -30.74 -7.74 6.96
CA ASN N 40 -29.49 -7.18 7.55
C ASN N 40 -28.71 -8.29 8.25
N ILE N 41 -27.61 -8.70 7.65
CA ILE N 41 -26.78 -9.84 8.13
C ILE N 41 -26.04 -9.42 9.42
N TYR N 42 -25.91 -8.11 9.68
CA TYR N 42 -25.17 -7.55 10.87
C TYR N 42 -26.02 -7.62 12.14
N GLU N 43 -27.36 -7.67 12.03
CA GLU N 43 -28.27 -7.67 13.21
C GLU N 43 -28.89 -9.05 13.41
N TRP N 44 -28.51 -9.77 14.47
CA TRP N 44 -28.98 -11.14 14.84
C TRP N 44 -29.82 -11.13 16.12
N ARG N 45 -30.54 -12.23 16.36
CA ARG N 45 -31.25 -12.50 17.64
C ARG N 45 -30.97 -13.95 18.00
N SER N 46 -30.88 -14.21 19.30
CA SER N 46 -30.46 -15.53 19.82
C SER N 46 -31.37 -15.93 20.97
N THR N 47 -31.47 -17.22 21.19
CA THR N 47 -32.39 -17.85 22.17
C THR N 47 -31.52 -18.86 22.94
N ILE N 48 -31.23 -18.58 24.21
CA ILE N 48 -30.41 -19.46 25.11
C ILE N 48 -31.36 -20.12 26.10
N LEU N 49 -31.18 -21.42 26.33
CA LEU N 49 -31.86 -22.11 27.45
C LEU N 49 -30.95 -22.09 28.67
N GLY N 50 -31.54 -21.83 29.84
CA GLY N 50 -30.85 -21.88 31.15
C GLY N 50 -30.11 -23.21 31.32
N PRO N 51 -28.81 -23.19 31.65
CA PRO N 51 -28.05 -24.45 31.73
C PRO N 51 -28.71 -25.48 32.62
N PRO N 52 -28.67 -26.79 32.25
CA PRO N 52 -29.16 -27.85 33.11
C PRO N 52 -28.32 -27.90 34.38
N GLY N 53 -28.96 -28.16 35.52
CA GLY N 53 -28.29 -28.22 36.84
C GLY N 53 -28.23 -26.85 37.48
N SER N 54 -28.21 -25.78 36.69
CA SER N 54 -28.02 -24.39 37.19
C SER N 54 -29.33 -23.86 37.80
N VAL N 55 -29.23 -22.67 38.41
CA VAL N 55 -30.39 -21.94 38.99
C VAL N 55 -31.26 -21.43 37.84
N TYR N 56 -30.71 -21.30 36.63
CA TYR N 56 -31.43 -20.79 35.45
C TYR N 56 -32.15 -21.91 34.69
N GLU N 57 -31.94 -23.17 35.10
CA GLU N 57 -32.58 -24.37 34.50
C GLU N 57 -34.07 -24.11 34.31
N GLY N 58 -34.56 -24.42 33.11
CA GLY N 58 -35.99 -24.28 32.74
C GLY N 58 -36.35 -22.92 32.14
N GLY N 59 -35.45 -21.93 32.16
CA GLY N 59 -35.69 -20.58 31.59
C GLY N 59 -35.30 -20.49 30.12
N VAL N 60 -35.96 -19.61 29.39
CA VAL N 60 -35.65 -19.28 27.98
C VAL N 60 -35.25 -17.81 27.96
N PHE N 61 -34.00 -17.54 27.58
CA PHE N 61 -33.41 -16.18 27.54
C PHE N 61 -33.16 -15.75 26.09
N PHE N 62 -33.55 -14.52 25.74
CA PHE N 62 -33.24 -13.94 24.41
C PHE N 62 -32.05 -12.99 24.50
N LEU N 63 -31.32 -12.88 23.40
CA LEU N 63 -30.13 -12.02 23.27
C LEU N 63 -30.15 -11.30 21.93
N ASP N 64 -29.58 -10.11 21.92
CA ASP N 64 -29.39 -9.26 20.71
C ASP N 64 -27.89 -9.25 20.33
N ILE N 65 -27.50 -9.94 19.26
CA ILE N 65 -26.12 -9.91 18.70
C ILE N 65 -26.06 -8.85 17.61
N THR N 66 -25.08 -7.93 17.65
CA THR N 66 -24.91 -6.89 16.60
C THR N 66 -23.45 -6.84 16.15
N PHE N 67 -23.21 -7.12 14.87
CA PHE N 67 -21.87 -7.11 14.27
C PHE N 67 -21.64 -5.73 13.66
N THR N 68 -20.36 -5.41 13.46
CA THR N 68 -19.89 -4.13 12.88
C THR N 68 -19.10 -4.47 11.63
N PRO N 69 -18.95 -3.53 10.68
CA PRO N 69 -18.18 -3.82 9.48
C PRO N 69 -16.70 -4.15 9.76
N GLU N 70 -16.25 -3.86 10.98
CA GLU N 70 -14.86 -4.10 11.48
C GLU N 70 -14.72 -5.53 12.02
N TYR N 71 -15.79 -6.32 12.01
CA TYR N 71 -15.77 -7.72 12.51
C TYR N 71 -14.90 -8.53 11.55
N PRO N 72 -14.07 -9.50 11.96
CA PRO N 72 -13.88 -9.98 13.32
C PRO N 72 -12.80 -9.27 14.15
N PHE N 73 -12.31 -8.12 13.69
CA PHE N 73 -11.19 -7.44 14.38
C PHE N 73 -11.72 -6.73 15.63
N LYS N 74 -12.98 -6.33 15.60
CA LYS N 74 -13.68 -5.77 16.79
C LYS N 74 -14.77 -6.74 17.19
N PRO N 75 -15.03 -6.93 18.51
CA PRO N 75 -16.08 -7.85 18.94
C PRO N 75 -17.48 -7.38 18.58
N PRO N 76 -18.47 -8.29 18.57
CA PRO N 76 -19.86 -7.91 18.35
C PRO N 76 -20.46 -7.42 19.66
N LYS N 77 -21.55 -6.66 19.56
CA LYS N 77 -22.36 -6.20 20.72
C LYS N 77 -23.44 -7.26 21.04
N VAL N 78 -23.32 -7.90 22.19
CA VAL N 78 -24.26 -8.97 22.68
C VAL N 78 -24.90 -8.54 24.00
N THR N 79 -26.20 -8.23 23.99
CA THR N 79 -26.97 -7.77 25.19
C THR N 79 -28.15 -8.72 25.45
N PHE N 80 -28.50 -8.90 26.73
CA PHE N 80 -29.64 -9.73 27.19
C PHE N 80 -30.92 -8.92 27.06
N ARG N 81 -31.98 -9.51 26.46
CA ARG N 81 -33.36 -8.93 26.39
C ARG N 81 -34.33 -9.65 27.37
N THR N 82 -33.87 -10.71 28.04
CA THR N 82 -34.65 -11.45 29.06
C THR N 82 -34.05 -11.20 30.43
N ARG N 83 -34.84 -10.66 31.37
CA ARG N 83 -34.33 -10.26 32.71
C ARG N 83 -33.77 -11.51 33.42
N ILE N 84 -32.59 -11.32 33.98
CA ILE N 84 -31.84 -12.41 34.67
C ILE N 84 -31.24 -11.85 35.96
N TYR N 85 -31.23 -12.70 36.97
CA TYR N 85 -30.59 -12.44 38.28
C TYR N 85 -29.17 -12.98 38.18
N HIS N 86 -28.21 -12.13 37.84
CA HIS N 86 -26.79 -12.53 37.63
C HIS N 86 -25.89 -11.36 38.00
N CYS N 87 -24.83 -11.60 38.77
CA CYS N 87 -23.88 -10.52 39.22
C CYS N 87 -23.18 -9.88 38.01
N ASN N 88 -22.99 -10.62 36.91
CA ASN N 88 -22.30 -10.12 35.68
C ASN N 88 -23.26 -9.65 34.58
N ILE N 89 -24.56 -9.52 34.85
CA ILE N 89 -25.56 -9.03 33.83
C ILE N 89 -26.50 -8.05 34.52
N ASN N 90 -26.48 -6.77 34.08
CA ASN N 90 -27.25 -5.67 34.71
C ASN N 90 -28.68 -5.61 34.15
N SER N 91 -29.50 -4.72 34.70
CA SER N 91 -30.92 -4.48 34.32
C SER N 91 -31.05 -4.05 32.83
N GLN N 92 -30.01 -3.45 32.24
CA GLN N 92 -29.95 -2.99 30.81
C GLN N 92 -29.43 -4.11 29.88
N GLY N 93 -29.29 -5.33 30.41
CA GLY N 93 -28.91 -6.55 29.66
C GLY N 93 -27.44 -6.59 29.30
N VAL N 94 -26.63 -5.71 29.87
CA VAL N 94 -25.20 -5.60 29.50
C VAL N 94 -24.46 -6.78 30.12
N ILE N 95 -23.71 -7.53 29.31
CA ILE N 95 -22.92 -8.70 29.79
C ILE N 95 -21.49 -8.22 30.11
N CYS N 96 -21.04 -8.46 31.33
CA CYS N 96 -19.63 -8.24 31.70
C CYS N 96 -18.88 -9.54 31.44
N LEU N 97 -18.30 -9.68 30.24
CA LEU N 97 -17.54 -10.90 29.83
C LEU N 97 -16.22 -10.44 29.19
N ASP N 98 -15.07 -11.03 29.57
CA ASP N 98 -13.73 -10.57 29.10
C ASP N 98 -13.68 -10.48 27.57
N ILE N 99 -14.17 -11.51 26.88
CA ILE N 99 -13.99 -11.60 25.40
C ILE N 99 -14.86 -10.58 24.69
N LEU N 100 -15.83 -9.98 25.36
CA LEU N 100 -16.67 -8.95 24.71
C LEU N 100 -16.04 -7.59 24.88
N LYS N 101 -14.93 -7.53 25.63
CA LYS N 101 -14.22 -6.24 25.93
C LYS N 101 -12.76 -6.28 25.49
N ASP N 102 -11.85 -6.30 26.45
CA ASP N 102 -10.39 -6.14 26.21
C ASP N 102 -9.71 -7.50 26.03
N ASN N 103 -10.45 -8.60 26.05
CA ASN N 103 -9.85 -9.91 25.72
C ASN N 103 -10.46 -10.48 24.43
N TRP N 104 -11.03 -9.61 23.57
CA TRP N 104 -11.53 -10.13 22.27
C TRP N 104 -10.38 -10.63 21.39
N SER N 105 -10.60 -11.71 20.62
CA SER N 105 -9.63 -12.24 19.64
C SER N 105 -10.33 -12.38 18.30
N PRO N 106 -9.73 -11.98 17.17
CA PRO N 106 -10.40 -12.17 15.90
C PRO N 106 -10.51 -13.65 15.48
N ALA N 107 -9.84 -14.57 16.18
CA ALA N 107 -10.01 -16.03 15.96
C ALA N 107 -11.35 -16.51 16.51
N LEU N 108 -11.98 -15.73 17.41
CA LEU N 108 -13.24 -16.11 18.08
C LEU N 108 -14.42 -15.91 17.12
N THR N 109 -15.36 -16.85 17.19
CA THR N 109 -16.63 -16.88 16.42
C THR N 109 -17.78 -16.56 17.38
N ILE N 110 -18.95 -16.21 16.84
CA ILE N 110 -20.17 -15.90 17.68
C ILE N 110 -20.64 -17.16 18.41
N SER N 111 -20.35 -18.36 17.88
CA SER N 111 -20.60 -19.66 18.54
C SER N 111 -19.79 -19.76 19.84
N LYS N 112 -18.51 -19.35 19.80
CA LYS N 112 -17.61 -19.45 20.99
C LYS N 112 -17.98 -18.38 22.00
N VAL N 113 -18.44 -17.22 21.53
CA VAL N 113 -19.07 -16.18 22.39
C VAL N 113 -20.24 -16.75 23.18
N LEU N 114 -21.18 -17.42 22.49
CA LEU N 114 -22.38 -18.02 23.12
C LEU N 114 -22.00 -19.12 24.10
N LEU N 115 -21.03 -20.00 23.80
CA LEU N 115 -20.65 -21.06 24.78
C LEU N 115 -20.16 -20.38 26.05
N SER N 116 -19.50 -19.23 25.92
CA SER N 116 -18.91 -18.52 27.07
C SER N 116 -20.03 -17.91 27.87
N ILE N 117 -21.07 -17.43 27.20
CA ILE N 117 -22.26 -16.94 27.95
C ILE N 117 -22.95 -18.10 28.70
N CYS N 118 -23.08 -19.28 28.09
CA CYS N 118 -23.57 -20.51 28.78
C CYS N 118 -22.70 -20.82 30.02
N SER N 119 -21.38 -20.70 29.91
CA SER N 119 -20.44 -20.95 31.03
C SER N 119 -20.54 -19.84 32.08
N LEU N 120 -20.80 -18.60 31.66
CA LEU N 120 -21.01 -17.46 32.59
C LEU N 120 -22.26 -17.73 33.40
N LEU N 121 -23.33 -18.21 32.76
CA LEU N 121 -24.60 -18.54 33.44
C LEU N 121 -24.36 -19.65 34.46
N THR N 122 -23.64 -20.70 34.07
CA THR N 122 -23.38 -21.86 34.94
C THR N 122 -22.51 -21.42 36.13
N ASP N 123 -21.42 -20.71 35.84
CA ASP N 123 -20.43 -20.26 36.86
C ASP N 123 -20.19 -18.77 36.67
N CYS N 124 -20.84 -17.96 37.50
CA CYS N 124 -20.67 -16.49 37.50
C CYS N 124 -19.32 -16.10 38.11
N ASN N 125 -18.95 -14.84 37.86
CA ASN N 125 -17.67 -14.23 38.30
C ASN N 125 -18.01 -13.10 39.28
N PRO N 126 -18.09 -13.39 40.59
CA PRO N 126 -18.35 -12.33 41.55
C PRO N 126 -17.13 -11.41 41.70
N ALA N 127 -15.97 -11.84 41.15
CA ALA N 127 -14.74 -11.03 41.13
C ALA N 127 -15.07 -9.64 40.58
N ASP N 128 -15.48 -9.56 39.33
CA ASP N 128 -15.84 -8.24 38.75
C ASP N 128 -17.32 -8.29 38.44
N PRO N 129 -18.12 -7.72 39.34
CA PRO N 129 -19.58 -7.77 39.24
C PRO N 129 -20.17 -6.47 38.73
N LEU N 130 -21.08 -6.57 37.77
CA LEU N 130 -21.77 -5.40 37.20
C LEU N 130 -22.92 -5.05 38.14
N VAL N 131 -23.32 -6.04 38.92
CA VAL N 131 -24.36 -5.86 39.96
C VAL N 131 -23.73 -6.29 41.30
N GLY N 132 -23.13 -5.31 42.00
CA GLY N 132 -22.42 -5.54 43.27
C GLY N 132 -23.31 -6.22 44.31
N SER N 133 -24.56 -5.79 44.38
CA SER N 133 -25.59 -6.36 45.27
C SER N 133 -25.52 -7.89 45.18
N ILE N 134 -25.75 -8.41 43.98
CA ILE N 134 -25.93 -9.86 43.70
C ILE N 134 -24.61 -10.61 43.98
N ALA N 135 -23.47 -9.98 43.68
CA ALA N 135 -22.14 -10.60 43.89
C ALA N 135 -21.90 -10.83 45.38
N THR N 136 -22.17 -9.81 46.19
CA THR N 136 -22.09 -9.85 47.67
C THR N 136 -22.93 -11.01 48.19
N GLN N 137 -24.12 -11.20 47.60
CA GLN N 137 -25.08 -12.22 48.08
C GLN N 137 -24.55 -13.61 47.71
N TYR N 138 -24.04 -13.79 46.50
CA TYR N 138 -23.50 -15.08 46.00
C TYR N 138 -22.44 -15.65 46.95
N MET N 139 -21.64 -14.80 47.58
CA MET N 139 -20.51 -15.23 48.44
C MET N 139 -20.94 -15.30 49.90
N THR N 140 -21.74 -14.35 50.39
CA THR N 140 -22.22 -14.35 51.80
C THR N 140 -23.36 -15.37 51.98
N ASN N 141 -24.44 -15.21 51.25
CA ASN N 141 -25.69 -16.00 51.40
C ASN N 141 -26.04 -16.67 50.07
N ARG N 142 -25.33 -17.75 49.73
CA ARG N 142 -25.49 -18.50 48.45
C ARG N 142 -26.91 -19.06 48.33
N ALA N 143 -27.45 -19.66 49.38
CA ALA N 143 -28.77 -20.33 49.35
C ALA N 143 -29.86 -19.31 48.96
N GLU N 144 -29.77 -18.10 49.51
CA GLU N 144 -30.74 -16.99 49.24
C GLU N 144 -30.54 -16.45 47.82
N HIS N 145 -29.30 -16.35 47.34
CA HIS N 145 -28.97 -15.95 45.94
C HIS N 145 -29.65 -16.94 44.98
N ASP N 146 -29.37 -18.23 45.18
CA ASP N 146 -29.92 -19.34 44.35
C ASP N 146 -31.45 -19.31 44.39
N ARG N 147 -32.06 -19.10 45.56
CA ARG N 147 -33.54 -19.01 45.65
C ARG N 147 -34.06 -17.86 44.75
N MET N 148 -33.38 -16.71 44.78
CA MET N 148 -33.79 -15.50 44.02
C MET N 148 -33.58 -15.74 42.51
N ALA N 149 -32.49 -16.40 42.14
CA ALA N 149 -32.18 -16.73 40.73
C ALA N 149 -33.21 -17.75 40.22
N ARG N 150 -33.54 -18.76 41.02
CA ARG N 150 -34.58 -19.79 40.69
C ARG N 150 -35.95 -19.07 40.53
N GLN N 151 -36.21 -18.05 41.36
CA GLN N 151 -37.47 -17.26 41.38
C GLN N 151 -37.52 -16.35 40.15
N TRP N 152 -36.44 -15.61 39.88
CA TRP N 152 -36.37 -14.67 38.74
C TRP N 152 -36.51 -15.38 37.39
N THR N 153 -35.93 -16.58 37.31
CA THR N 153 -35.99 -17.48 36.14
C THR N 153 -37.45 -17.87 35.87
N LYS N 154 -38.22 -18.24 36.90
CA LYS N 154 -39.64 -18.65 36.75
C LYS N 154 -40.47 -17.46 36.27
N ARG N 155 -40.30 -16.29 36.89
CA ARG N 155 -41.10 -15.07 36.59
C ARG N 155 -40.78 -14.54 35.18
N TYR N 156 -39.50 -14.29 34.85
CA TYR N 156 -39.15 -13.57 33.59
C TYR N 156 -38.77 -14.50 32.42
N ALA N 157 -38.30 -15.72 32.68
CA ALA N 157 -37.79 -16.62 31.61
C ALA N 157 -38.77 -17.77 31.31
N THR N 158 -40.02 -17.72 31.79
CA THR N 158 -41.06 -18.73 31.44
C THR N 158 -42.34 -18.00 31.04
N SER O 11 5.16 45.84 -13.10
CA SER O 11 4.56 47.02 -13.82
C SER O 11 3.53 46.56 -14.85
N THR O 12 3.75 45.39 -15.46
CA THR O 12 2.76 44.71 -16.34
C THR O 12 1.48 44.53 -15.54
N SER O 13 1.63 43.91 -14.38
CA SER O 13 0.57 43.75 -13.35
C SER O 13 -0.06 45.09 -13.03
N ALA O 14 0.76 46.07 -12.63
CA ALA O 14 0.32 47.42 -12.22
C ALA O 14 -0.57 48.03 -13.31
N LYS O 15 -0.09 47.98 -14.56
CA LYS O 15 -0.78 48.56 -15.74
C LYS O 15 -2.15 47.92 -15.91
N ARG O 16 -2.24 46.61 -15.67
CA ARG O 16 -3.51 45.84 -15.79
C ARG O 16 -4.42 46.18 -14.60
N ILE O 17 -3.89 46.17 -13.38
CA ILE O 17 -4.70 46.48 -12.16
C ILE O 17 -5.27 47.89 -12.33
N GLN O 18 -4.48 48.81 -12.89
CA GLN O 18 -4.91 50.21 -13.07
C GLN O 18 -6.14 50.28 -13.99
N LYS O 19 -6.15 49.49 -15.06
CA LYS O 19 -7.30 49.42 -16.01
C LYS O 19 -8.54 48.89 -15.29
N GLU O 20 -8.38 47.84 -14.49
CA GLU O 20 -9.49 47.17 -13.78
C GLU O 20 -10.09 48.13 -12.76
N LEU O 21 -9.22 48.84 -12.06
CA LEU O 21 -9.65 49.85 -11.05
C LEU O 21 -10.57 50.91 -11.70
N ALA O 22 -10.28 51.32 -12.93
CA ALA O 22 -11.06 52.36 -13.65
C ALA O 22 -12.44 51.79 -13.97
N ASP O 23 -12.42 50.57 -14.47
CA ASP O 23 -13.62 49.82 -14.88
C ASP O 23 -14.50 49.59 -13.66
N ILE O 24 -14.01 48.84 -12.68
CA ILE O 24 -14.76 48.48 -11.44
C ILE O 24 -15.34 49.71 -10.75
N THR O 25 -14.73 50.88 -10.90
CA THR O 25 -15.25 52.13 -10.26
C THR O 25 -16.40 52.66 -11.10
N LEU O 26 -16.21 52.72 -12.41
CA LEU O 26 -17.22 53.28 -13.35
C LEU O 26 -18.42 52.33 -13.41
N ASP O 27 -18.16 51.05 -13.66
CA ASP O 27 -19.18 49.99 -13.90
C ASP O 27 -18.88 48.78 -13.03
N PRO O 28 -19.22 48.87 -11.73
CA PRO O 28 -19.02 47.73 -10.84
C PRO O 28 -20.06 46.64 -11.02
N PRO O 29 -19.73 45.40 -10.61
CA PRO O 29 -20.69 44.31 -10.70
C PRO O 29 -21.89 44.58 -9.81
N PRO O 30 -23.10 44.08 -10.13
CA PRO O 30 -24.25 44.30 -9.27
C PRO O 30 -24.02 43.68 -7.89
N ASN O 31 -24.43 44.41 -6.84
CA ASN O 31 -24.24 44.07 -5.41
C ASN O 31 -22.75 43.94 -5.02
N CYS O 32 -21.83 44.47 -5.82
CA CYS O 32 -20.38 44.40 -5.52
C CYS O 32 -19.75 45.79 -5.58
N SER O 33 -18.62 45.90 -4.91
CA SER O 33 -17.81 47.13 -4.78
C SER O 33 -16.40 46.65 -4.49
N ALA O 34 -15.39 47.25 -5.14
CA ALA O 34 -13.97 46.95 -4.88
C ALA O 34 -13.05 48.12 -5.23
N GLY O 35 -11.90 48.15 -4.54
CA GLY O 35 -10.82 49.13 -4.75
C GLY O 35 -9.69 48.97 -3.74
N PRO O 36 -8.59 49.76 -3.89
CA PRO O 36 -7.45 49.66 -3.00
C PRO O 36 -7.70 50.11 -1.56
N LYS O 37 -7.02 49.47 -0.63
CA LYS O 37 -7.10 49.80 0.80
C LYS O 37 -6.32 51.09 1.02
N GLY O 38 -5.22 51.27 0.28
CA GLY O 38 -4.43 52.51 0.34
C GLY O 38 -3.52 52.70 -0.85
N ASP O 39 -2.29 53.14 -0.58
CA ASP O 39 -1.30 53.53 -1.62
C ASP O 39 -0.84 52.29 -2.38
N ASN O 40 -0.82 51.13 -1.72
CA ASN O 40 -0.40 49.85 -2.34
C ASN O 40 -1.47 49.37 -3.35
N ILE O 41 -1.08 49.34 -4.62
CA ILE O 41 -1.99 49.01 -5.75
C ILE O 41 -2.30 47.50 -5.74
N TYR O 42 -1.53 46.69 -5.02
CA TYR O 42 -1.77 45.22 -5.02
C TYR O 42 -2.73 44.80 -3.91
N GLU O 43 -2.84 45.58 -2.84
CA GLU O 43 -3.73 45.21 -1.71
C GLU O 43 -5.09 45.94 -1.82
N TRP O 44 -6.14 45.21 -2.22
CA TRP O 44 -7.51 45.74 -2.44
C TRP O 44 -8.46 45.25 -1.35
N ARG O 45 -9.60 45.93 -1.24
CA ARG O 45 -10.75 45.52 -0.39
C ARG O 45 -11.97 45.39 -1.29
N SER O 46 -12.95 44.60 -0.88
CA SER O 46 -14.21 44.47 -1.63
C SER O 46 -15.39 44.25 -0.69
N THR O 47 -16.57 44.67 -1.12
CA THR O 47 -17.81 44.46 -0.36
C THR O 47 -18.80 43.74 -1.27
N ILE O 48 -19.23 42.57 -0.84
CA ILE O 48 -20.26 41.80 -1.58
C ILE O 48 -21.51 41.79 -0.71
N LEU O 49 -22.63 42.21 -1.27
CA LEU O 49 -23.91 42.05 -0.54
C LEU O 49 -24.42 40.65 -0.85
N GLY O 50 -25.02 40.00 0.15
CA GLY O 50 -25.58 38.65 -0.02
C GLY O 50 -26.53 38.59 -1.22
N PRO O 51 -26.38 37.62 -2.14
CA PRO O 51 -27.26 37.54 -3.30
C PRO O 51 -28.72 37.57 -2.91
N PRO O 52 -29.58 38.24 -3.71
CA PRO O 52 -31.00 38.27 -3.43
C PRO O 52 -31.58 36.87 -3.55
N GLY O 53 -32.53 36.54 -2.67
CA GLY O 53 -33.21 35.23 -2.65
C GLY O 53 -32.36 34.15 -1.97
N SER O 54 -31.05 34.36 -1.79
CA SER O 54 -30.16 33.43 -1.08
C SER O 54 -30.36 33.55 0.43
N VAL O 55 -29.76 32.60 1.14
CA VAL O 55 -29.74 32.53 2.62
C VAL O 55 -28.90 33.68 3.16
N TYR O 56 -28.00 34.23 2.34
CA TYR O 56 -27.08 35.33 2.75
C TYR O 56 -27.72 36.70 2.51
N GLU O 57 -28.93 36.74 1.96
CA GLU O 57 -29.60 38.02 1.62
C GLU O 57 -29.64 38.86 2.89
N GLY O 58 -29.34 40.14 2.77
CA GLY O 58 -29.33 41.11 3.89
C GLY O 58 -27.95 41.27 4.52
N GLY O 59 -27.02 40.38 4.19
CA GLY O 59 -25.68 40.35 4.79
C GLY O 59 -24.67 41.14 3.98
N VAL O 60 -23.68 41.71 4.65
CA VAL O 60 -22.62 42.55 4.04
C VAL O 60 -21.32 41.87 4.38
N PHE O 61 -20.60 41.39 3.36
CA PHE O 61 -19.42 40.52 3.49
C PHE O 61 -18.20 41.25 2.96
N PHE O 62 -17.14 41.28 3.73
CA PHE O 62 -15.92 41.97 3.31
C PHE O 62 -14.98 40.94 2.71
N LEU O 63 -14.32 41.31 1.64
CA LEU O 63 -13.33 40.42 1.02
C LEU O 63 -11.99 41.13 0.95
N ASP O 64 -10.93 40.34 1.00
CA ASP O 64 -9.54 40.82 0.87
C ASP O 64 -8.99 40.31 -0.45
N ILE O 65 -8.72 41.21 -1.36
CA ILE O 65 -8.13 40.84 -2.66
C ILE O 65 -6.66 41.24 -2.61
N THR O 66 -5.76 40.31 -2.93
CA THR O 66 -4.32 40.58 -3.03
C THR O 66 -3.78 40.14 -4.38
N PHE O 67 -3.26 41.08 -5.15
CA PHE O 67 -2.62 40.78 -6.46
C PHE O 67 -1.14 40.52 -6.24
N THR O 68 -0.53 39.78 -7.16
CA THR O 68 0.91 39.48 -7.16
C THR O 68 1.53 40.13 -8.39
N PRO O 69 2.86 40.36 -8.43
CA PRO O 69 3.47 40.94 -9.63
C PRO O 69 3.29 40.08 -10.89
N GLU O 70 2.94 38.80 -10.69
CA GLU O 70 2.68 37.83 -11.78
C GLU O 70 1.21 37.89 -12.25
N TYR O 71 0.42 38.83 -11.75
CA TYR O 71 -0.98 39.02 -12.18
C TYR O 71 -0.96 39.54 -13.62
N PRO O 72 -1.85 39.08 -14.55
CA PRO O 72 -2.90 38.07 -14.32
C PRO O 72 -2.56 36.63 -14.70
N PHE O 73 -1.27 36.31 -14.81
CA PHE O 73 -0.83 34.96 -15.23
C PHE O 73 -1.06 33.98 -14.08
N LYS O 74 -0.95 34.47 -12.85
CA LYS O 74 -1.25 33.70 -11.63
C LYS O 74 -2.46 34.35 -10.95
N PRO O 75 -3.35 33.57 -10.31
CA PRO O 75 -4.56 34.14 -9.70
C PRO O 75 -4.31 35.08 -8.53
N PRO O 76 -5.24 36.02 -8.23
CA PRO O 76 -5.11 36.86 -7.06
C PRO O 76 -5.60 36.07 -5.84
N LYS O 77 -5.22 36.52 -4.65
CA LYS O 77 -5.57 35.85 -3.39
C LYS O 77 -6.83 36.52 -2.87
N VAL O 78 -7.95 35.81 -2.94
CA VAL O 78 -9.26 36.36 -2.51
C VAL O 78 -9.72 35.58 -1.30
N THR O 79 -9.94 36.29 -0.19
CA THR O 79 -10.35 35.69 1.10
C THR O 79 -11.48 36.51 1.74
N PHE O 80 -12.42 35.81 2.34
CA PHE O 80 -13.52 36.48 3.05
C PHE O 80 -12.95 37.02 4.34
N ARG O 81 -13.46 38.14 4.78
CA ARG O 81 -13.08 38.68 6.08
C ARG O 81 -14.26 38.59 7.04
N THR O 82 -15.47 38.42 6.52
CA THR O 82 -16.67 38.30 7.33
C THR O 82 -16.96 36.83 7.53
N ARG O 83 -17.42 36.47 8.71
CA ARG O 83 -17.74 35.05 9.07
C ARG O 83 -18.97 34.62 8.26
N ILE O 84 -18.90 33.46 7.61
CA ILE O 84 -20.01 32.97 6.74
C ILE O 84 -20.15 31.45 6.87
N TYR O 85 -21.39 30.99 6.80
CA TYR O 85 -21.76 29.56 6.85
C TYR O 85 -21.86 29.04 5.42
N HIS O 86 -20.77 28.48 4.91
CA HIS O 86 -20.68 28.04 3.49
C HIS O 86 -19.75 26.84 3.38
N CYS O 87 -20.13 25.79 2.65
CA CYS O 87 -19.30 24.56 2.54
C CYS O 87 -18.00 24.80 1.71
N ASN O 88 -17.89 25.93 0.99
CA ASN O 88 -16.68 26.27 0.18
C ASN O 88 -15.88 27.43 0.82
N ILE O 89 -16.24 27.87 2.03
CA ILE O 89 -15.55 28.99 2.75
C ILE O 89 -15.34 28.56 4.19
N ASN O 90 -14.07 28.40 4.59
CA ASN O 90 -13.68 27.94 5.95
C ASN O 90 -13.62 29.12 6.93
N SER O 91 -13.33 28.84 8.21
CA SER O 91 -13.23 29.82 9.31
C SER O 91 -12.15 30.88 9.04
N GLN O 92 -11.14 30.54 8.23
CA GLN O 92 -9.98 31.40 7.89
C GLN O 92 -10.28 32.21 6.63
N GLY O 93 -11.54 32.21 6.18
CA GLY O 93 -12.03 33.01 5.04
C GLY O 93 -11.57 32.50 3.68
N VAL O 94 -11.01 31.30 3.62
CA VAL O 94 -10.43 30.76 2.36
C VAL O 94 -11.58 30.35 1.45
N ILE O 95 -11.51 30.71 0.18
CA ILE O 95 -12.56 30.36 -0.84
C ILE O 95 -12.05 29.21 -1.72
N CYS O 96 -12.77 28.10 -1.68
CA CYS O 96 -12.54 26.91 -2.52
C CYS O 96 -13.37 27.09 -3.77
N LEU O 97 -12.81 27.80 -4.73
CA LEU O 97 -13.46 28.05 -6.02
C LEU O 97 -12.46 27.69 -7.11
N ASP O 98 -12.85 26.83 -8.04
CA ASP O 98 -11.92 26.28 -9.05
C ASP O 98 -11.12 27.42 -9.72
N ILE O 99 -11.76 28.53 -10.09
CA ILE O 99 -11.08 29.58 -10.90
C ILE O 99 -10.06 30.37 -10.08
N LEU O 100 -9.95 30.17 -8.76
CA LEU O 100 -8.90 30.84 -7.95
C LEU O 100 -7.67 29.93 -7.81
N LYS O 101 -7.75 28.69 -8.32
CA LYS O 101 -6.63 27.69 -8.23
C LYS O 101 -6.30 27.09 -9.61
N ASP O 102 -6.71 25.85 -9.88
CA ASP O 102 -6.23 25.09 -11.07
C ASP O 102 -6.97 25.55 -12.34
N ASN O 103 -8.07 26.29 -12.20
CA ASN O 103 -8.92 26.68 -13.35
C ASN O 103 -8.83 28.19 -13.56
N TRP O 104 -7.81 28.85 -13.02
CA TRP O 104 -7.60 30.31 -13.22
C TRP O 104 -7.25 30.54 -14.68
N SER O 105 -7.71 31.66 -15.23
CA SER O 105 -7.42 32.07 -16.63
C SER O 105 -6.93 33.50 -16.62
N PRO O 106 -5.83 33.84 -17.34
CA PRO O 106 -5.38 35.23 -17.37
C PRO O 106 -6.35 36.18 -18.09
N ALA O 107 -7.37 35.64 -18.75
CA ALA O 107 -8.45 36.44 -19.36
C ALA O 107 -9.41 36.97 -18.28
N LEU O 108 -9.42 36.36 -17.10
CA LEU O 108 -10.32 36.76 -15.98
C LEU O 108 -9.85 38.05 -15.33
N THR O 109 -10.81 38.91 -15.01
CA THR O 109 -10.60 40.18 -14.28
C THR O 109 -11.17 40.01 -12.89
N ILE O 110 -10.92 40.98 -12.02
CA ILE O 110 -11.42 40.88 -10.61
C ILE O 110 -12.96 41.05 -10.61
N SER O 111 -13.49 41.77 -11.60
CA SER O 111 -14.97 41.92 -11.82
C SER O 111 -15.60 40.54 -12.03
N LYS O 112 -14.97 39.72 -12.86
CA LYS O 112 -15.52 38.40 -13.24
C LYS O 112 -15.40 37.42 -12.08
N VAL O 113 -14.39 37.62 -11.25
CA VAL O 113 -14.16 36.75 -10.06
C VAL O 113 -15.34 37.01 -9.11
N LEU O 114 -15.57 38.29 -8.86
CA LEU O 114 -16.62 38.73 -7.92
C LEU O 114 -17.98 38.19 -8.37
N LEU O 115 -18.27 38.14 -9.66
CA LEU O 115 -19.58 37.63 -10.12
C LEU O 115 -19.66 36.11 -9.89
N SER O 116 -18.53 35.42 -10.00
CA SER O 116 -18.46 33.96 -9.75
C SER O 116 -18.61 33.69 -8.25
N ILE O 117 -18.09 34.57 -7.42
CA ILE O 117 -18.28 34.41 -5.95
C ILE O 117 -19.77 34.63 -5.63
N CYS O 118 -20.42 35.59 -6.27
CA CYS O 118 -21.89 35.77 -6.15
C CYS O 118 -22.64 34.50 -6.55
N SER O 119 -22.21 33.81 -7.60
CA SER O 119 -22.86 32.53 -8.02
C SER O 119 -22.56 31.44 -6.99
N LEU O 120 -21.38 31.45 -6.38
CA LEU O 120 -21.00 30.43 -5.36
C LEU O 120 -21.88 30.62 -4.12
N LEU O 121 -22.15 31.88 -3.76
CA LEU O 121 -23.02 32.20 -2.62
C LEU O 121 -24.46 31.81 -2.93
N THR O 122 -24.88 31.90 -4.18
CA THR O 122 -26.25 31.53 -4.56
C THR O 122 -26.38 30.01 -4.66
N ASP O 123 -25.37 29.34 -5.21
CA ASP O 123 -25.38 27.88 -5.44
C ASP O 123 -24.05 27.31 -4.99
N CYS O 124 -24.00 26.72 -3.79
CA CYS O 124 -22.73 26.18 -3.25
C CYS O 124 -22.41 24.85 -3.94
N ASN O 125 -21.14 24.43 -3.85
CA ASN O 125 -20.64 23.19 -4.48
C ASN O 125 -20.22 22.21 -3.38
N PRO O 126 -21.14 21.33 -2.90
CA PRO O 126 -20.78 20.37 -1.86
C PRO O 126 -19.87 19.24 -2.37
N ALA O 127 -19.64 19.19 -3.68
CA ALA O 127 -18.79 18.18 -4.35
C ALA O 127 -17.33 18.42 -3.98
N ASP O 128 -16.92 19.68 -3.90
CA ASP O 128 -15.54 20.10 -3.55
C ASP O 128 -15.63 20.96 -2.30
N PRO O 129 -15.90 20.34 -1.12
CA PRO O 129 -16.13 21.11 0.09
C PRO O 129 -14.81 21.39 0.81
N LEU O 130 -14.77 22.59 1.36
CA LEU O 130 -13.68 23.06 2.24
C LEU O 130 -14.09 22.81 3.68
N VAL O 131 -15.40 22.74 3.93
CA VAL O 131 -15.99 22.45 5.27
C VAL O 131 -16.97 21.29 5.07
N GLY O 132 -16.45 20.07 5.27
CA GLY O 132 -17.18 18.81 5.10
C GLY O 132 -18.52 18.76 5.84
N SER O 133 -18.55 19.22 7.10
CA SER O 133 -19.74 19.11 7.98
C SER O 133 -20.91 19.88 7.35
N ILE O 134 -20.63 21.04 6.78
CA ILE O 134 -21.68 21.93 6.18
C ILE O 134 -22.16 21.30 4.87
N ALA O 135 -21.25 20.68 4.10
CA ALA O 135 -21.55 20.00 2.81
C ALA O 135 -22.51 18.83 3.05
N THR O 136 -22.19 18.00 4.03
CA THR O 136 -23.02 16.85 4.47
C THR O 136 -24.41 17.34 4.88
N GLN O 137 -24.48 18.49 5.55
CA GLN O 137 -25.75 19.04 6.07
C GLN O 137 -26.59 19.53 4.89
N TYR O 138 -25.96 20.22 3.93
CA TYR O 138 -26.63 20.79 2.72
C TYR O 138 -27.41 19.71 1.97
N MET O 139 -26.90 18.48 1.96
CA MET O 139 -27.51 17.37 1.20
C MET O 139 -28.48 16.57 2.08
N THR O 140 -28.15 16.33 3.35
CA THR O 140 -29.02 15.54 4.29
C THR O 140 -30.19 16.41 4.76
N ASN O 141 -29.90 17.54 5.38
CA ASN O 141 -30.89 18.40 6.07
C ASN O 141 -30.69 19.83 5.57
N ARG O 142 -31.14 20.15 4.36
CA ARG O 142 -30.96 21.51 3.82
C ARG O 142 -31.80 22.52 4.60
N ALA O 143 -32.93 22.13 5.20
CA ALA O 143 -33.77 23.06 5.98
C ALA O 143 -32.93 23.66 7.12
N GLU O 144 -32.21 22.81 7.85
CA GLU O 144 -31.37 23.27 9.00
C GLU O 144 -30.14 23.99 8.44
N HIS O 145 -29.52 23.52 7.37
CA HIS O 145 -28.38 24.24 6.73
C HIS O 145 -28.81 25.69 6.48
N ASP O 146 -29.94 25.89 5.79
CA ASP O 146 -30.46 27.22 5.42
C ASP O 146 -30.80 28.03 6.68
N ARG O 147 -31.39 27.40 7.69
CA ARG O 147 -31.72 28.04 9.00
C ARG O 147 -30.43 28.62 9.62
N MET O 148 -29.38 27.80 9.66
CA MET O 148 -28.06 28.12 10.28
C MET O 148 -27.36 29.24 9.49
N ALA O 149 -27.44 29.15 8.16
CA ALA O 149 -26.83 30.11 7.22
C ALA O 149 -27.41 31.50 7.45
N ARG O 150 -28.72 31.58 7.64
CA ARG O 150 -29.43 32.87 7.83
C ARG O 150 -29.12 33.45 9.20
N GLN O 151 -28.91 32.61 10.21
CA GLN O 151 -28.59 33.11 11.57
C GLN O 151 -27.18 33.69 11.54
N TRP O 152 -26.21 32.93 11.04
CA TRP O 152 -24.82 33.41 10.86
C TRP O 152 -24.81 34.72 10.07
N THR O 153 -25.72 34.85 9.11
CA THR O 153 -25.86 36.08 8.29
C THR O 153 -26.30 37.23 9.20
N LYS O 154 -27.32 37.02 10.02
CA LYS O 154 -27.83 38.09 10.91
C LYS O 154 -26.78 38.43 11.98
N ARG O 155 -26.14 37.41 12.56
CA ARG O 155 -25.15 37.59 13.64
C ARG O 155 -23.87 38.29 13.14
N TYR O 156 -23.22 37.78 12.10
CA TYR O 156 -21.87 38.26 11.70
C TYR O 156 -21.87 39.22 10.50
N ALA O 157 -22.90 39.23 9.66
CA ALA O 157 -22.91 40.04 8.43
C ALA O 157 -23.90 41.21 8.53
N THR O 158 -24.36 41.55 9.74
CA THR O 158 -25.25 42.71 9.97
C THR O 158 -24.69 43.54 11.13
#